data_2AVK
# 
_entry.id   2AVK 
# 
_audit_conform.dict_name       mmcif_pdbx.dic 
_audit_conform.dict_version    5.387 
_audit_conform.dict_location   http://mmcif.pdb.org/dictionaries/ascii/mmcif_pdbx.dic 
# 
loop_
_database_2.database_id 
_database_2.database_code 
_database_2.pdbx_database_accession 
_database_2.pdbx_DOI 
PDB   2AVK         pdb_00002avk 10.2210/pdb2avk/pdb 
RCSB  RCSB034363   ?            ?                   
WWPDB D_1000034363 ?            ?                   
# 
loop_
_pdbx_audit_revision_history.ordinal 
_pdbx_audit_revision_history.data_content_type 
_pdbx_audit_revision_history.major_revision 
_pdbx_audit_revision_history.minor_revision 
_pdbx_audit_revision_history.revision_date 
1 'Structure model' 1 0 2006-08-08 
2 'Structure model' 1 1 2008-05-01 
3 'Structure model' 1 2 2011-07-13 
4 'Structure model' 1 3 2024-02-14 
# 
_pdbx_audit_revision_details.ordinal             1 
_pdbx_audit_revision_details.revision_ordinal    1 
_pdbx_audit_revision_details.data_content_type   'Structure model' 
_pdbx_audit_revision_details.provider            repository 
_pdbx_audit_revision_details.type                'Initial release' 
_pdbx_audit_revision_details.description         ? 
_pdbx_audit_revision_details.details             ? 
# 
loop_
_pdbx_audit_revision_group.ordinal 
_pdbx_audit_revision_group.revision_ordinal 
_pdbx_audit_revision_group.data_content_type 
_pdbx_audit_revision_group.group 
1 2 'Structure model' 'Version format compliance' 
2 3 'Structure model' 'Version format compliance' 
3 4 'Structure model' 'Data collection'           
4 4 'Structure model' 'Database references'       
5 4 'Structure model' 'Derived calculations'      
# 
loop_
_pdbx_audit_revision_category.ordinal 
_pdbx_audit_revision_category.revision_ordinal 
_pdbx_audit_revision_category.data_content_type 
_pdbx_audit_revision_category.category 
1 4 'Structure model' chem_comp_atom         
2 4 'Structure model' chem_comp_bond         
3 4 'Structure model' database_2             
4 4 'Structure model' pdbx_struct_conn_angle 
5 4 'Structure model' struct_conn            
6 4 'Structure model' struct_site            
# 
loop_
_pdbx_audit_revision_item.ordinal 
_pdbx_audit_revision_item.revision_ordinal 
_pdbx_audit_revision_item.data_content_type 
_pdbx_audit_revision_item.item 
1  4 'Structure model' '_database_2.pdbx_DOI'                        
2  4 'Structure model' '_database_2.pdbx_database_accession'         
3  4 'Structure model' '_pdbx_struct_conn_angle.ptnr1_auth_comp_id'  
4  4 'Structure model' '_pdbx_struct_conn_angle.ptnr1_auth_seq_id'   
5  4 'Structure model' '_pdbx_struct_conn_angle.ptnr1_label_asym_id' 
6  4 'Structure model' '_pdbx_struct_conn_angle.ptnr1_label_atom_id' 
7  4 'Structure model' '_pdbx_struct_conn_angle.ptnr1_label_comp_id' 
8  4 'Structure model' '_pdbx_struct_conn_angle.ptnr1_label_seq_id'  
9  4 'Structure model' '_pdbx_struct_conn_angle.ptnr2_label_atom_id' 
10 4 'Structure model' '_pdbx_struct_conn_angle.ptnr3_auth_comp_id'  
11 4 'Structure model' '_pdbx_struct_conn_angle.ptnr3_auth_seq_id'   
12 4 'Structure model' '_pdbx_struct_conn_angle.ptnr3_label_asym_id' 
13 4 'Structure model' '_pdbx_struct_conn_angle.ptnr3_label_atom_id' 
14 4 'Structure model' '_pdbx_struct_conn_angle.ptnr3_label_comp_id' 
15 4 'Structure model' '_pdbx_struct_conn_angle.ptnr3_label_seq_id'  
16 4 'Structure model' '_pdbx_struct_conn_angle.value'               
17 4 'Structure model' '_struct_conn.pdbx_dist_value'                
18 4 'Structure model' '_struct_conn.ptnr1_auth_comp_id'             
19 4 'Structure model' '_struct_conn.ptnr1_auth_seq_id'              
20 4 'Structure model' '_struct_conn.ptnr1_label_asym_id'            
21 4 'Structure model' '_struct_conn.ptnr1_label_atom_id'            
22 4 'Structure model' '_struct_conn.ptnr1_label_comp_id'            
23 4 'Structure model' '_struct_conn.ptnr1_label_seq_id'             
24 4 'Structure model' '_struct_conn.ptnr2_auth_comp_id'             
25 4 'Structure model' '_struct_conn.ptnr2_auth_seq_id'              
26 4 'Structure model' '_struct_conn.ptnr2_label_asym_id'            
27 4 'Structure model' '_struct_conn.ptnr2_label_atom_id'            
28 4 'Structure model' '_struct_conn.ptnr2_label_comp_id'            
29 4 'Structure model' '_struct_conn.ptnr2_label_seq_id'             
30 4 'Structure model' '_struct_site.pdbx_auth_asym_id'              
31 4 'Structure model' '_struct_site.pdbx_auth_comp_id'              
32 4 'Structure model' '_struct_site.pdbx_auth_seq_id'               
# 
_pdbx_database_status.entry_id                        2AVK 
_pdbx_database_status.deposit_site                    RCSB 
_pdbx_database_status.process_site                    RCSB 
_pdbx_database_status.recvd_initial_deposition_date   2005-08-30 
_pdbx_database_status.status_code                     REL 
_pdbx_database_status.status_code_sf                  REL 
_pdbx_database_status.status_code_mr                  ? 
_pdbx_database_status.SG_entry                        ? 
_pdbx_database_status.pdb_format_compatible           Y 
_pdbx_database_status.status_code_cs                  ? 
_pdbx_database_status.status_code_nmr_data            ? 
_pdbx_database_status.methods_development_category    ? 
# 
loop_
_audit_author.name 
_audit_author.pdbx_ordinal 
'Isaza, C.E.'            1 
'Silaghi-Dumitrescu, R.' 2 
'Iyer, R.B.'             3 
'Kurtz, D.M.'            4 
'Chan, M.K.'             5 
# 
_citation.id                        primary 
_citation.title                     
;Structural Basis for O(2) Sensing by the Hemerythrin-like Domain of a Bacterial Chemotaxis Protein: Substrate Tunnel and Fluxional N Terminus.
;
_citation.journal_abbrev            Biochemistry 
_citation.journal_volume            45 
_citation.page_first                9023 
_citation.page_last                 9031 
_citation.year                      2006 
_citation.journal_id_ASTM           BICHAW 
_citation.country                   US 
_citation.journal_id_ISSN           0006-2960 
_citation.journal_id_CSD            0033 
_citation.book_publisher            ? 
_citation.pdbx_database_id_PubMed   16866347 
_citation.pdbx_database_id_DOI      10.1021/bi0607812 
# 
loop_
_citation_author.citation_id 
_citation_author.name 
_citation_author.ordinal 
_citation_author.identifier_ORCID 
primary 'Isaza, C.E.'            1 ? 
primary 'Silaghi-Dumitrescu, R.' 2 ? 
primary 'Iyer, R.B.'             3 ? 
primary 'Kurtz, D.M.'            4 ? 
primary 'Chan, M.K.'             5 ? 
# 
loop_
_entity.id 
_entity.type 
_entity.src_method 
_entity.pdbx_description 
_entity.formula_weight 
_entity.pdbx_number_of_molecules 
_entity.pdbx_ec 
_entity.pdbx_mutation 
_entity.pdbx_fragment 
_entity.details 
1 polymer     man 'hemerythrin-like domain protein DcrH' 16158.282 1   ? ? ? ? 
2 non-polymer syn 'SULFATE ION'                          96.063    1   ? ? ? ? 
3 non-polymer syn MONOAZIDO-MU-OXO-DIIRON                169.709   1   ? ? ? ? 
4 water       nat water                                  18.015    197 ? ? ? ? 
# 
_entity_poly.entity_id                      1 
_entity_poly.type                           'polypeptide(L)' 
_entity_poly.nstd_linkage                   no 
_entity_poly.nstd_monomer                   no 
_entity_poly.pdbx_seq_one_letter_code       
;GDADVLVKWSEDLANLPSIDTQHKRLVDYINDLYRAARRRDMDKAREVFDALKNYAVEHFGYEERLFADYAYPEATRHKE
IHRRFVETVLKWEKQLAAGDPEVVMTTLRGLVDWLVNHIMKEDKKYEAYLRERGVS
;
_entity_poly.pdbx_seq_one_letter_code_can   
;GDADVLVKWSEDLANLPSIDTQHKRLVDYINDLYRAARRRDMDKAREVFDALKNYAVEHFGYEERLFADYAYPEATRHKE
IHRRFVETVLKWEKQLAAGDPEVVMTTLRGLVDWLVNHIMKEDKKYEAYLRERGVS
;
_entity_poly.pdbx_strand_id                 A 
_entity_poly.pdbx_target_identifier         ? 
# 
loop_
_pdbx_entity_nonpoly.entity_id 
_pdbx_entity_nonpoly.name 
_pdbx_entity_nonpoly.comp_id 
2 'SULFATE ION'           SO4 
3 MONOAZIDO-MU-OXO-DIIRON FEA 
4 water                   HOH 
# 
loop_
_entity_poly_seq.entity_id 
_entity_poly_seq.num 
_entity_poly_seq.mon_id 
_entity_poly_seq.hetero 
1 1   GLY n 
1 2   ASP n 
1 3   ALA n 
1 4   ASP n 
1 5   VAL n 
1 6   LEU n 
1 7   VAL n 
1 8   LYS n 
1 9   TRP n 
1 10  SER n 
1 11  GLU n 
1 12  ASP n 
1 13  LEU n 
1 14  ALA n 
1 15  ASN n 
1 16  LEU n 
1 17  PRO n 
1 18  SER n 
1 19  ILE n 
1 20  ASP n 
1 21  THR n 
1 22  GLN n 
1 23  HIS n 
1 24  LYS n 
1 25  ARG n 
1 26  LEU n 
1 27  VAL n 
1 28  ASP n 
1 29  TYR n 
1 30  ILE n 
1 31  ASN n 
1 32  ASP n 
1 33  LEU n 
1 34  TYR n 
1 35  ARG n 
1 36  ALA n 
1 37  ALA n 
1 38  ARG n 
1 39  ARG n 
1 40  ARG n 
1 41  ASP n 
1 42  MET n 
1 43  ASP n 
1 44  LYS n 
1 45  ALA n 
1 46  ARG n 
1 47  GLU n 
1 48  VAL n 
1 49  PHE n 
1 50  ASP n 
1 51  ALA n 
1 52  LEU n 
1 53  LYS n 
1 54  ASN n 
1 55  TYR n 
1 56  ALA n 
1 57  VAL n 
1 58  GLU n 
1 59  HIS n 
1 60  PHE n 
1 61  GLY n 
1 62  TYR n 
1 63  GLU n 
1 64  GLU n 
1 65  ARG n 
1 66  LEU n 
1 67  PHE n 
1 68  ALA n 
1 69  ASP n 
1 70  TYR n 
1 71  ALA n 
1 72  TYR n 
1 73  PRO n 
1 74  GLU n 
1 75  ALA n 
1 76  THR n 
1 77  ARG n 
1 78  HIS n 
1 79  LYS n 
1 80  GLU n 
1 81  ILE n 
1 82  HIS n 
1 83  ARG n 
1 84  ARG n 
1 85  PHE n 
1 86  VAL n 
1 87  GLU n 
1 88  THR n 
1 89  VAL n 
1 90  LEU n 
1 91  LYS n 
1 92  TRP n 
1 93  GLU n 
1 94  LYS n 
1 95  GLN n 
1 96  LEU n 
1 97  ALA n 
1 98  ALA n 
1 99  GLY n 
1 100 ASP n 
1 101 PRO n 
1 102 GLU n 
1 103 VAL n 
1 104 VAL n 
1 105 MET n 
1 106 THR n 
1 107 THR n 
1 108 LEU n 
1 109 ARG n 
1 110 GLY n 
1 111 LEU n 
1 112 VAL n 
1 113 ASP n 
1 114 TRP n 
1 115 LEU n 
1 116 VAL n 
1 117 ASN n 
1 118 HIS n 
1 119 ILE n 
1 120 MET n 
1 121 LYS n 
1 122 GLU n 
1 123 ASP n 
1 124 LYS n 
1 125 LYS n 
1 126 TYR n 
1 127 GLU n 
1 128 ALA n 
1 129 TYR n 
1 130 LEU n 
1 131 ARG n 
1 132 GLU n 
1 133 ARG n 
1 134 GLY n 
1 135 VAL n 
1 136 SER n 
# 
_entity_src_gen.entity_id                          1 
_entity_src_gen.pdbx_src_id                        1 
_entity_src_gen.pdbx_alt_source_flag               sample 
_entity_src_gen.pdbx_seq_type                      ? 
_entity_src_gen.pdbx_beg_seq_num                   ? 
_entity_src_gen.pdbx_end_seq_num                   ? 
_entity_src_gen.gene_src_common_name               ? 
_entity_src_gen.gene_src_genus                     Desulfovibrio 
_entity_src_gen.pdbx_gene_src_gene                 'locus AF210632 accession AF210632.1' 
_entity_src_gen.gene_src_species                   ? 
_entity_src_gen.gene_src_strain                    ? 
_entity_src_gen.gene_src_tissue                    ? 
_entity_src_gen.gene_src_tissue_fraction           ? 
_entity_src_gen.gene_src_details                   ? 
_entity_src_gen.pdbx_gene_src_fragment             ? 
_entity_src_gen.pdbx_gene_src_scientific_name      'Desulfovibrio vulgaris' 
_entity_src_gen.pdbx_gene_src_ncbi_taxonomy_id     881 
_entity_src_gen.pdbx_gene_src_variant              ? 
_entity_src_gen.pdbx_gene_src_cell_line            ? 
_entity_src_gen.pdbx_gene_src_atcc                 ? 
_entity_src_gen.pdbx_gene_src_organ                ? 
_entity_src_gen.pdbx_gene_src_organelle            ? 
_entity_src_gen.pdbx_gene_src_cell                 ? 
_entity_src_gen.pdbx_gene_src_cellular_location    ? 
_entity_src_gen.host_org_common_name               ? 
_entity_src_gen.pdbx_host_org_scientific_name      'Escherichia coli BL21(DE3)' 
_entity_src_gen.pdbx_host_org_ncbi_taxonomy_id     469008 
_entity_src_gen.host_org_genus                     Escherichia 
_entity_src_gen.pdbx_host_org_gene                 ? 
_entity_src_gen.pdbx_host_org_organ                ? 
_entity_src_gen.host_org_species                   'Escherichia coli' 
_entity_src_gen.pdbx_host_org_tissue               ? 
_entity_src_gen.pdbx_host_org_tissue_fraction      ? 
_entity_src_gen.pdbx_host_org_strain               'BL21(DE3)' 
_entity_src_gen.pdbx_host_org_variant              ? 
_entity_src_gen.pdbx_host_org_cell_line            ? 
_entity_src_gen.pdbx_host_org_atcc                 ? 
_entity_src_gen.pdbx_host_org_culture_collection   ? 
_entity_src_gen.pdbx_host_org_cell                 ? 
_entity_src_gen.pdbx_host_org_organelle            ? 
_entity_src_gen.pdbx_host_org_cellular_location    ? 
_entity_src_gen.pdbx_host_org_vector_type          plasmid 
_entity_src_gen.pdbx_host_org_vector               ? 
_entity_src_gen.host_org_details                   ? 
_entity_src_gen.expression_system_id               ? 
_entity_src_gen.plasmid_name                       pDVHR 
_entity_src_gen.plasmid_details                    ? 
_entity_src_gen.pdbx_description                   ? 
# 
loop_
_chem_comp.id 
_chem_comp.type 
_chem_comp.mon_nstd_flag 
_chem_comp.name 
_chem_comp.pdbx_synonyms 
_chem_comp.formula 
_chem_comp.formula_weight 
ALA 'L-peptide linking' y ALANINE                 ? 'C3 H7 N O2'     89.093  
ARG 'L-peptide linking' y ARGININE                ? 'C6 H15 N4 O2 1' 175.209 
ASN 'L-peptide linking' y ASPARAGINE              ? 'C4 H8 N2 O3'    132.118 
ASP 'L-peptide linking' y 'ASPARTIC ACID'         ? 'C4 H7 N O4'     133.103 
FEA non-polymer         . MONOAZIDO-MU-OXO-DIIRON ? 'Fe2 N3 O'       169.709 
GLN 'L-peptide linking' y GLUTAMINE               ? 'C5 H10 N2 O3'   146.144 
GLU 'L-peptide linking' y 'GLUTAMIC ACID'         ? 'C5 H9 N O4'     147.129 
GLY 'peptide linking'   y GLYCINE                 ? 'C2 H5 N O2'     75.067  
HIS 'L-peptide linking' y HISTIDINE               ? 'C6 H10 N3 O2 1' 156.162 
HOH non-polymer         . WATER                   ? 'H2 O'           18.015  
ILE 'L-peptide linking' y ISOLEUCINE              ? 'C6 H13 N O2'    131.173 
LEU 'L-peptide linking' y LEUCINE                 ? 'C6 H13 N O2'    131.173 
LYS 'L-peptide linking' y LYSINE                  ? 'C6 H15 N2 O2 1' 147.195 
MET 'L-peptide linking' y METHIONINE              ? 'C5 H11 N O2 S'  149.211 
PHE 'L-peptide linking' y PHENYLALANINE           ? 'C9 H11 N O2'    165.189 
PRO 'L-peptide linking' y PROLINE                 ? 'C5 H9 N O2'     115.130 
SER 'L-peptide linking' y SERINE                  ? 'C3 H7 N O3'     105.093 
SO4 non-polymer         . 'SULFATE ION'           ? 'O4 S -2'        96.063  
THR 'L-peptide linking' y THREONINE               ? 'C4 H9 N O3'     119.119 
TRP 'L-peptide linking' y TRYPTOPHAN              ? 'C11 H12 N2 O2'  204.225 
TYR 'L-peptide linking' y TYROSINE                ? 'C9 H11 N O3'    181.189 
VAL 'L-peptide linking' y VALINE                  ? 'C5 H11 N O2'    117.146 
# 
loop_
_pdbx_poly_seq_scheme.asym_id 
_pdbx_poly_seq_scheme.entity_id 
_pdbx_poly_seq_scheme.seq_id 
_pdbx_poly_seq_scheme.mon_id 
_pdbx_poly_seq_scheme.ndb_seq_num 
_pdbx_poly_seq_scheme.pdb_seq_num 
_pdbx_poly_seq_scheme.auth_seq_num 
_pdbx_poly_seq_scheme.pdb_mon_id 
_pdbx_poly_seq_scheme.auth_mon_id 
_pdbx_poly_seq_scheme.pdb_strand_id 
_pdbx_poly_seq_scheme.pdb_ins_code 
_pdbx_poly_seq_scheme.hetero 
A 1 1   GLY 1   1   ?   ?   ?   A . n 
A 1 2   ASP 2   2   ?   ?   ?   A . n 
A 1 3   ALA 3   3   ?   ?   ?   A . n 
A 1 4   ASP 4   4   4   ASP ASP A . n 
A 1 5   VAL 5   5   5   VAL VAL A . n 
A 1 6   LEU 6   6   6   LEU LEU A . n 
A 1 7   VAL 7   7   7   VAL VAL A . n 
A 1 8   LYS 8   8   8   LYS LYS A . n 
A 1 9   TRP 9   9   9   TRP TRP A . n 
A 1 10  SER 10  10  10  SER SER A . n 
A 1 11  GLU 11  11  11  GLU GLU A . n 
A 1 12  ASP 12  12  12  ASP ASP A . n 
A 1 13  LEU 13  13  13  LEU LEU A . n 
A 1 14  ALA 14  14  14  ALA ALA A . n 
A 1 15  ASN 15  15  15  ASN ASN A . n 
A 1 16  LEU 16  16  16  LEU LEU A . n 
A 1 17  PRO 17  17  17  PRO PRO A . n 
A 1 18  SER 18  18  18  SER SER A . n 
A 1 19  ILE 19  19  19  ILE ILE A . n 
A 1 20  ASP 20  20  20  ASP ASP A . n 
A 1 21  THR 21  21  21  THR THR A . n 
A 1 22  GLN 22  22  22  GLN GLN A . n 
A 1 23  HIS 23  23  23  HIS HIS A . n 
A 1 24  LYS 24  24  24  LYS LYS A . n 
A 1 25  ARG 25  25  25  ARG ARG A . n 
A 1 26  LEU 26  26  26  LEU LEU A . n 
A 1 27  VAL 27  27  27  VAL VAL A . n 
A 1 28  ASP 28  28  28  ASP ASP A . n 
A 1 29  TYR 29  29  29  TYR TYR A . n 
A 1 30  ILE 30  30  30  ILE ILE A . n 
A 1 31  ASN 31  31  31  ASN ASN A . n 
A 1 32  ASP 32  32  32  ASP ASP A . n 
A 1 33  LEU 33  33  33  LEU LEU A . n 
A 1 34  TYR 34  34  34  TYR TYR A . n 
A 1 35  ARG 35  35  35  ARG ARG A . n 
A 1 36  ALA 36  36  36  ALA ALA A . n 
A 1 37  ALA 37  37  37  ALA ALA A . n 
A 1 38  ARG 38  38  38  ARG ARG A . n 
A 1 39  ARG 39  39  39  ARG ARG A . n 
A 1 40  ARG 40  40  40  ARG ARG A . n 
A 1 41  ASP 41  41  41  ASP ASP A . n 
A 1 42  MET 42  42  42  MET MET A . n 
A 1 43  ASP 43  43  43  ASP ASP A . n 
A 1 44  LYS 44  44  44  LYS LYS A . n 
A 1 45  ALA 45  45  45  ALA ALA A . n 
A 1 46  ARG 46  46  46  ARG ARG A . n 
A 1 47  GLU 47  47  47  GLU GLU A . n 
A 1 48  VAL 48  48  48  VAL VAL A . n 
A 1 49  PHE 49  49  49  PHE PHE A . n 
A 1 50  ASP 50  50  50  ASP ASP A . n 
A 1 51  ALA 51  51  51  ALA ALA A . n 
A 1 52  LEU 52  52  52  LEU LEU A . n 
A 1 53  LYS 53  53  53  LYS LYS A . n 
A 1 54  ASN 54  54  54  ASN ASN A . n 
A 1 55  TYR 55  55  55  TYR TYR A . n 
A 1 56  ALA 56  56  56  ALA ALA A . n 
A 1 57  VAL 57  57  57  VAL VAL A . n 
A 1 58  GLU 58  58  58  GLU GLU A . n 
A 1 59  HIS 59  59  59  HIS HIS A . n 
A 1 60  PHE 60  60  60  PHE PHE A . n 
A 1 61  GLY 61  61  61  GLY GLY A . n 
A 1 62  TYR 62  62  62  TYR TYR A . n 
A 1 63  GLU 63  63  63  GLU GLU A . n 
A 1 64  GLU 64  64  64  GLU GLU A . n 
A 1 65  ARG 65  65  65  ARG ARG A . n 
A 1 66  LEU 66  66  66  LEU LEU A . n 
A 1 67  PHE 67  67  67  PHE PHE A . n 
A 1 68  ALA 68  68  68  ALA ALA A . n 
A 1 69  ASP 69  69  69  ASP ASP A . n 
A 1 70  TYR 70  70  70  TYR TYR A . n 
A 1 71  ALA 71  71  71  ALA ALA A . n 
A 1 72  TYR 72  72  72  TYR TYR A . n 
A 1 73  PRO 73  73  73  PRO PRO A . n 
A 1 74  GLU 74  74  74  GLU GLU A . n 
A 1 75  ALA 75  75  75  ALA ALA A . n 
A 1 76  THR 76  76  76  THR THR A . n 
A 1 77  ARG 77  77  77  ARG ARG A . n 
A 1 78  HIS 78  78  78  HIS HIS A . n 
A 1 79  LYS 79  79  79  LYS LYS A . n 
A 1 80  GLU 80  80  80  GLU GLU A . n 
A 1 81  ILE 81  81  81  ILE ILE A . n 
A 1 82  HIS 82  82  82  HIS HIS A . n 
A 1 83  ARG 83  83  83  ARG ARG A . n 
A 1 84  ARG 84  84  84  ARG ARG A . n 
A 1 85  PHE 85  85  85  PHE PHE A . n 
A 1 86  VAL 86  86  86  VAL VAL A . n 
A 1 87  GLU 87  87  87  GLU GLU A . n 
A 1 88  THR 88  88  88  THR THR A . n 
A 1 89  VAL 89  89  89  VAL VAL A . n 
A 1 90  LEU 90  90  90  LEU LEU A . n 
A 1 91  LYS 91  91  91  LYS LYS A . n 
A 1 92  TRP 92  92  92  TRP TRP A . n 
A 1 93  GLU 93  93  93  GLU GLU A . n 
A 1 94  LYS 94  94  94  LYS LYS A . n 
A 1 95  GLN 95  95  95  GLN GLN A . n 
A 1 96  LEU 96  96  96  LEU LEU A . n 
A 1 97  ALA 97  97  97  ALA ALA A . n 
A 1 98  ALA 98  98  98  ALA ALA A . n 
A 1 99  GLY 99  99  99  GLY GLY A . n 
A 1 100 ASP 100 100 100 ASP ASP A . n 
A 1 101 PRO 101 101 101 PRO PRO A . n 
A 1 102 GLU 102 102 102 GLU GLU A . n 
A 1 103 VAL 103 103 103 VAL VAL A . n 
A 1 104 VAL 104 104 104 VAL VAL A . n 
A 1 105 MET 105 105 105 MET MET A . n 
A 1 106 THR 106 106 106 THR THR A . n 
A 1 107 THR 107 107 107 THR THR A . n 
A 1 108 LEU 108 108 108 LEU LEU A . n 
A 1 109 ARG 109 109 109 ARG ARG A . n 
A 1 110 GLY 110 110 110 GLY GLY A . n 
A 1 111 LEU 111 111 111 LEU LEU A . n 
A 1 112 VAL 112 112 112 VAL VAL A . n 
A 1 113 ASP 113 113 113 ASP ASP A . n 
A 1 114 TRP 114 114 114 TRP TRP A . n 
A 1 115 LEU 115 115 115 LEU LEU A . n 
A 1 116 VAL 116 116 116 VAL VAL A . n 
A 1 117 ASN 117 117 117 ASN ASN A . n 
A 1 118 HIS 118 118 118 HIS HIS A . n 
A 1 119 ILE 119 119 119 ILE ILE A . n 
A 1 120 MET 120 120 120 MET MET A . n 
A 1 121 LYS 121 121 121 LYS LYS A . n 
A 1 122 GLU 122 122 122 GLU GLU A . n 
A 1 123 ASP 123 123 123 ASP ASP A . n 
A 1 124 LYS 124 124 124 LYS LYS A . n 
A 1 125 LYS 125 125 125 LYS LYS A . n 
A 1 126 TYR 126 126 126 TYR TYR A . n 
A 1 127 GLU 127 127 127 GLU GLU A . n 
A 1 128 ALA 128 128 128 ALA ALA A . n 
A 1 129 TYR 129 129 129 TYR TYR A . n 
A 1 130 LEU 130 130 130 LEU LEU A . n 
A 1 131 ARG 131 131 131 ARG ARG A . n 
A 1 132 GLU 132 132 132 GLU GLU A . n 
A 1 133 ARG 133 133 133 ARG ARG A . n 
A 1 134 GLY 134 134 134 GLY GLY A . n 
A 1 135 VAL 135 135 135 VAL VAL A . n 
A 1 136 SER 136 136 136 SER SER A . n 
# 
loop_
_pdbx_nonpoly_scheme.asym_id 
_pdbx_nonpoly_scheme.entity_id 
_pdbx_nonpoly_scheme.mon_id 
_pdbx_nonpoly_scheme.ndb_seq_num 
_pdbx_nonpoly_scheme.pdb_seq_num 
_pdbx_nonpoly_scheme.auth_seq_num 
_pdbx_nonpoly_scheme.pdb_mon_id 
_pdbx_nonpoly_scheme.auth_mon_id 
_pdbx_nonpoly_scheme.pdb_strand_id 
_pdbx_nonpoly_scheme.pdb_ins_code 
B 2 SO4 1   202 202 SO4 SO4 A . 
C 3 FEA 1   201 201 FEA FEA A . 
D 4 HOH 1   203 1   HOH TIP A . 
D 4 HOH 2   204 2   HOH TIP A . 
D 4 HOH 3   205 3   HOH TIP A . 
D 4 HOH 4   206 4   HOH TIP A . 
D 4 HOH 5   207 5   HOH TIP A . 
D 4 HOH 6   208 6   HOH TIP A . 
D 4 HOH 7   209 7   HOH TIP A . 
D 4 HOH 8   210 8   HOH TIP A . 
D 4 HOH 9   211 9   HOH TIP A . 
D 4 HOH 10  212 10  HOH TIP A . 
D 4 HOH 11  213 11  HOH TIP A . 
D 4 HOH 12  214 12  HOH TIP A . 
D 4 HOH 13  215 13  HOH TIP A . 
D 4 HOH 14  216 14  HOH TIP A . 
D 4 HOH 15  217 15  HOH TIP A . 
D 4 HOH 16  218 16  HOH TIP A . 
D 4 HOH 17  219 17  HOH TIP A . 
D 4 HOH 18  220 18  HOH TIP A . 
D 4 HOH 19  221 19  HOH TIP A . 
D 4 HOH 20  222 20  HOH TIP A . 
D 4 HOH 21  223 21  HOH TIP A . 
D 4 HOH 22  224 22  HOH TIP A . 
D 4 HOH 23  225 23  HOH TIP A . 
D 4 HOH 24  226 24  HOH TIP A . 
D 4 HOH 25  227 25  HOH TIP A . 
D 4 HOH 26  228 26  HOH TIP A . 
D 4 HOH 27  229 27  HOH TIP A . 
D 4 HOH 28  230 28  HOH TIP A . 
D 4 HOH 29  231 29  HOH TIP A . 
D 4 HOH 30  232 30  HOH TIP A . 
D 4 HOH 31  233 31  HOH TIP A . 
D 4 HOH 32  234 32  HOH TIP A . 
D 4 HOH 33  235 33  HOH TIP A . 
D 4 HOH 34  236 34  HOH TIP A . 
D 4 HOH 35  237 35  HOH TIP A . 
D 4 HOH 36  238 36  HOH TIP A . 
D 4 HOH 37  239 37  HOH TIP A . 
D 4 HOH 38  240 38  HOH TIP A . 
D 4 HOH 39  241 39  HOH TIP A . 
D 4 HOH 40  242 40  HOH TIP A . 
D 4 HOH 41  243 41  HOH TIP A . 
D 4 HOH 42  244 42  HOH TIP A . 
D 4 HOH 43  245 43  HOH TIP A . 
D 4 HOH 44  246 44  HOH TIP A . 
D 4 HOH 45  247 45  HOH TIP A . 
D 4 HOH 46  248 46  HOH TIP A . 
D 4 HOH 47  249 47  HOH TIP A . 
D 4 HOH 48  250 48  HOH TIP A . 
D 4 HOH 49  251 49  HOH TIP A . 
D 4 HOH 50  252 50  HOH TIP A . 
D 4 HOH 51  253 51  HOH TIP A . 
D 4 HOH 52  254 52  HOH TIP A . 
D 4 HOH 53  255 53  HOH TIP A . 
D 4 HOH 54  256 54  HOH TIP A . 
D 4 HOH 55  257 55  HOH TIP A . 
D 4 HOH 56  258 56  HOH TIP A . 
D 4 HOH 57  259 57  HOH TIP A . 
D 4 HOH 58  260 58  HOH TIP A . 
D 4 HOH 59  261 59  HOH TIP A . 
D 4 HOH 60  262 60  HOH TIP A . 
D 4 HOH 61  263 61  HOH TIP A . 
D 4 HOH 62  264 62  HOH TIP A . 
D 4 HOH 63  265 63  HOH TIP A . 
D 4 HOH 64  266 64  HOH TIP A . 
D 4 HOH 65  267 65  HOH TIP A . 
D 4 HOH 66  268 66  HOH TIP A . 
D 4 HOH 67  269 67  HOH TIP A . 
D 4 HOH 68  270 68  HOH TIP A . 
D 4 HOH 69  271 69  HOH TIP A . 
D 4 HOH 70  272 70  HOH TIP A . 
D 4 HOH 71  273 71  HOH TIP A . 
D 4 HOH 72  274 72  HOH TIP A . 
D 4 HOH 73  275 73  HOH TIP A . 
D 4 HOH 74  276 74  HOH TIP A . 
D 4 HOH 75  277 75  HOH TIP A . 
D 4 HOH 76  278 76  HOH TIP A . 
D 4 HOH 77  279 77  HOH TIP A . 
D 4 HOH 78  280 78  HOH TIP A . 
D 4 HOH 79  281 79  HOH TIP A . 
D 4 HOH 80  282 80  HOH TIP A . 
D 4 HOH 81  283 81  HOH TIP A . 
D 4 HOH 82  284 82  HOH TIP A . 
D 4 HOH 83  285 83  HOH TIP A . 
D 4 HOH 84  286 84  HOH TIP A . 
D 4 HOH 85  287 85  HOH TIP A . 
D 4 HOH 86  288 86  HOH TIP A . 
D 4 HOH 87  289 87  HOH TIP A . 
D 4 HOH 88  290 88  HOH TIP A . 
D 4 HOH 89  291 89  HOH TIP A . 
D 4 HOH 90  292 90  HOH TIP A . 
D 4 HOH 91  293 91  HOH TIP A . 
D 4 HOH 92  294 92  HOH TIP A . 
D 4 HOH 93  295 93  HOH TIP A . 
D 4 HOH 94  296 94  HOH TIP A . 
D 4 HOH 95  297 95  HOH TIP A . 
D 4 HOH 96  298 96  HOH TIP A . 
D 4 HOH 97  299 97  HOH TIP A . 
D 4 HOH 98  300 98  HOH TIP A . 
D 4 HOH 99  301 99  HOH TIP A . 
D 4 HOH 100 302 100 HOH TIP A . 
D 4 HOH 101 303 101 HOH TIP A . 
D 4 HOH 102 304 102 HOH TIP A . 
D 4 HOH 103 305 103 HOH TIP A . 
D 4 HOH 104 306 104 HOH TIP A . 
D 4 HOH 105 307 105 HOH TIP A . 
D 4 HOH 106 308 106 HOH TIP A . 
D 4 HOH 107 309 107 HOH TIP A . 
D 4 HOH 108 310 108 HOH TIP A . 
D 4 HOH 109 311 109 HOH TIP A . 
D 4 HOH 110 312 110 HOH TIP A . 
D 4 HOH 111 313 111 HOH TIP A . 
D 4 HOH 112 314 112 HOH TIP A . 
D 4 HOH 113 315 113 HOH TIP A . 
D 4 HOH 114 316 114 HOH TIP A . 
D 4 HOH 115 317 115 HOH TIP A . 
D 4 HOH 116 318 116 HOH TIP A . 
D 4 HOH 117 319 117 HOH TIP A . 
D 4 HOH 118 320 118 HOH TIP A . 
D 4 HOH 119 321 119 HOH TIP A . 
D 4 HOH 120 322 120 HOH TIP A . 
D 4 HOH 121 323 121 HOH TIP A . 
D 4 HOH 122 324 122 HOH TIP A . 
D 4 HOH 123 325 123 HOH TIP A . 
D 4 HOH 124 326 124 HOH TIP A . 
D 4 HOH 125 327 125 HOH TIP A . 
D 4 HOH 126 328 126 HOH TIP A . 
D 4 HOH 127 329 127 HOH TIP A . 
D 4 HOH 128 330 128 HOH TIP A . 
D 4 HOH 129 331 129 HOH TIP A . 
D 4 HOH 130 332 130 HOH TIP A . 
D 4 HOH 131 333 131 HOH TIP A . 
D 4 HOH 132 334 132 HOH TIP A . 
D 4 HOH 133 335 133 HOH TIP A . 
D 4 HOH 134 336 134 HOH TIP A . 
D 4 HOH 135 337 135 HOH TIP A . 
D 4 HOH 136 338 136 HOH TIP A . 
D 4 HOH 137 339 137 HOH TIP A . 
D 4 HOH 138 340 138 HOH TIP A . 
D 4 HOH 139 341 139 HOH TIP A . 
D 4 HOH 140 342 140 HOH TIP A . 
D 4 HOH 141 343 141 HOH TIP A . 
D 4 HOH 142 344 142 HOH TIP A . 
D 4 HOH 143 345 143 HOH TIP A . 
D 4 HOH 144 346 144 HOH TIP A . 
D 4 HOH 145 347 145 HOH TIP A . 
D 4 HOH 146 348 146 HOH TIP A . 
D 4 HOH 147 349 147 HOH TIP A . 
D 4 HOH 148 350 148 HOH TIP A . 
D 4 HOH 149 351 149 HOH TIP A . 
D 4 HOH 150 352 150 HOH TIP A . 
D 4 HOH 151 353 151 HOH TIP A . 
D 4 HOH 152 354 152 HOH TIP A . 
D 4 HOH 153 355 153 HOH TIP A . 
D 4 HOH 154 356 154 HOH TIP A . 
D 4 HOH 155 357 155 HOH TIP A . 
D 4 HOH 156 358 156 HOH TIP A . 
D 4 HOH 157 359 157 HOH TIP A . 
D 4 HOH 158 360 158 HOH TIP A . 
D 4 HOH 159 361 159 HOH TIP A . 
D 4 HOH 160 362 160 HOH TIP A . 
D 4 HOH 161 363 161 HOH TIP A . 
D 4 HOH 162 364 162 HOH TIP A . 
D 4 HOH 163 365 163 HOH TIP A . 
D 4 HOH 164 366 164 HOH TIP A . 
D 4 HOH 165 367 165 HOH TIP A . 
D 4 HOH 166 368 166 HOH TIP A . 
D 4 HOH 167 369 167 HOH TIP A . 
D 4 HOH 168 370 168 HOH TIP A . 
D 4 HOH 169 371 169 HOH TIP A . 
D 4 HOH 170 372 170 HOH TIP A . 
D 4 HOH 171 373 171 HOH TIP A . 
D 4 HOH 172 374 172 HOH TIP A . 
D 4 HOH 173 375 173 HOH TIP A . 
D 4 HOH 174 376 174 HOH TIP A . 
D 4 HOH 175 377 175 HOH TIP A . 
D 4 HOH 176 378 176 HOH TIP A . 
D 4 HOH 177 379 177 HOH TIP A . 
D 4 HOH 178 380 178 HOH TIP A . 
D 4 HOH 179 381 179 HOH TIP A . 
D 4 HOH 180 382 180 HOH TIP A . 
D 4 HOH 181 383 181 HOH TIP A . 
D 4 HOH 182 384 182 HOH TIP A . 
D 4 HOH 183 385 183 HOH TIP A . 
D 4 HOH 184 386 184 HOH TIP A . 
D 4 HOH 185 387 185 HOH TIP A . 
D 4 HOH 186 388 186 HOH TIP A . 
D 4 HOH 187 389 187 HOH TIP A . 
D 4 HOH 188 390 188 HOH TIP A . 
D 4 HOH 189 391 189 HOH TIP A . 
D 4 HOH 190 392 190 HOH TIP A . 
D 4 HOH 191 393 191 HOH TIP A . 
D 4 HOH 192 394 192 HOH TIP A . 
D 4 HOH 193 395 193 HOH TIP A . 
D 4 HOH 194 396 194 HOH TIP A . 
D 4 HOH 195 397 195 HOH TIP A . 
D 4 HOH 196 398 196 HOH TIP A . 
D 4 HOH 197 399 197 HOH TIP A . 
# 
loop_
_software.name 
_software.version 
_software.date 
_software.type 
_software.contact_author 
_software.contact_author_email 
_software.classification 
_software.location 
_software.language 
_software.citation_id 
_software.pdbx_ordinal 
SCALA       .     ?               program 'Phil Evans'      pre@mrc-lmb.cam.ac.uk    'data scaling'    
http://www.ccp4.ac.uk/dist/html/INDEX.html Fortran    ? 1 
CNS         .     ?               package 'Axel T. Brunger' axel.brunger@yale.edu    refinement        
http://cns.csb.yale.edu/v1.1/              Fortran_77 ? 2 
PDB_EXTRACT 1.700 'May. 30, 2005' package PDB               sw-help@rcsb.rutgers.edu 'data extraction' 
http://pdb.rutgers.edu/software/           C++        ? 3 
Blu-Ice     .     ?               ?       ?                 ?                        'data collection' ? ?          ? 4 
MOSFLM      .     ?               ?       ?                 ?                        'data reduction'  ? ?          ? 5 
CNS         .     ?               ?       ?                 ?                        phasing           ? ?          ? 6 
# 
_cell.length_a           39.450 
_cell.length_b           49.580 
_cell.length_c           69.000 
_cell.angle_alpha        90.00 
_cell.angle_beta         90.00 
_cell.angle_gamma        90.00 
_cell.entry_id           2AVK 
_cell.pdbx_unique_axis   ? 
_cell.Z_PDB              4 
# 
_symmetry.space_group_name_H-M             'P 21 21 21' 
_symmetry.entry_id                         2AVK 
_symmetry.pdbx_full_space_group_name_H-M   ? 
_symmetry.Int_Tables_number                19 
_symmetry.cell_setting                     ? 
_symmetry.space_group_name_Hall            ? 
# 
_exptl.crystals_number   1 
_exptl.method            'X-RAY DIFFRACTION' 
_exptl.entry_id          2AVK 
# 
_exptl_crystal.id                    1 
_exptl_crystal.density_percent_sol   58.33 
_exptl_crystal.density_Matthews      2.112 
_exptl_crystal.density_meas          ? 
_exptl_crystal.description           ? 
_exptl_crystal.F_000                 ? 
_exptl_crystal.preparation           ? 
# 
_exptl_crystal_grow.crystal_id      1 
_exptl_crystal_grow.method          'VAPOR DIFFUSION, SITTING DROP' 
_exptl_crystal_grow.pH              8.5 
_exptl_crystal_grow.temp            277 
_exptl_crystal_grow.pdbx_details    
'ammonium sulfate, Tris-HCl buffer, sodium azide, pH 8.5, VAPOR DIFFUSION, SITTING DROP, temperature 277K' 
_exptl_crystal_grow.temp_details    ? 
_exptl_crystal_grow.pdbx_pH_range   . 
# 
_diffrn.id                     1 
_diffrn.ambient_temp           100 
_diffrn.ambient_temp_details   ? 
_diffrn.crystal_id             1 
# 
_diffrn_detector.diffrn_id              1 
_diffrn_detector.detector               CCD 
_diffrn_detector.type                   'ADSC QUANTUM 4' 
_diffrn_detector.pdbx_collection_date   2005-06-08 
_diffrn_detector.details                ? 
# 
_diffrn_radiation.diffrn_id                        1 
_diffrn_radiation.pdbx_diffrn_protocol             'SINGLE WAVELENGTH' 
_diffrn_radiation.wavelength_id                    1 
_diffrn_radiation.monochromator                    ? 
_diffrn_radiation.pdbx_monochromatic_or_laue_m_l   M 
_diffrn_radiation.pdbx_scattering_type             x-ray 
# 
_diffrn_radiation_wavelength.id           1 
_diffrn_radiation_wavelength.wavelength   0.9794 
_diffrn_radiation_wavelength.wt           1.0 
# 
_diffrn_source.diffrn_id                   1 
_diffrn_source.source                      SYNCHROTRON 
_diffrn_source.type                        'SSRL BEAMLINE BL1-5' 
_diffrn_source.pdbx_wavelength_list        0.9794 
_diffrn_source.pdbx_wavelength             ? 
_diffrn_source.pdbx_synchrotron_site       SSRL 
_diffrn_source.pdbx_synchrotron_beamline   BL1-5 
# 
_reflns.entry_id                     2AVK 
_reflns.d_resolution_low             49.09 
_reflns.d_resolution_high            1.53 
_reflns.number_obs                   20792 
_reflns.percent_possible_obs         99.900 
_reflns.pdbx_Rmerge_I_obs            0.083 
_reflns.pdbx_chi_squared             ? 
_reflns.pdbx_redundancy              13.000 
_reflns.pdbx_scaling_rejects         ? 
_reflns.pdbx_netI_over_sigmaI        3.900 
_reflns.pdbx_Rsym_value              0.083 
_reflns.observed_criterion_sigma_F   1.0 
_reflns.observed_criterion_sigma_I   3.87 
_reflns.number_all                   20792 
_reflns.B_iso_Wilson_estimate        ? 
_reflns.R_free_details               ? 
_reflns.limit_h_max                  ? 
_reflns.limit_h_min                  ? 
_reflns.limit_k_max                  ? 
_reflns.limit_k_min                  ? 
_reflns.limit_l_max                  ? 
_reflns.limit_l_min                  ? 
_reflns.observed_criterion_F_max     ? 
_reflns.observed_criterion_F_min     ? 
_reflns.pdbx_diffrn_id               1 
_reflns.pdbx_ordinal                 1 
# 
loop_
_reflns_shell.d_res_low 
_reflns_shell.d_res_high 
_reflns_shell.number_measured_obs 
_reflns_shell.percent_possible_obs 
_reflns_shell.Rmerge_I_obs 
_reflns_shell.pdbx_chi_squared 
_reflns_shell.pdbx_redundancy 
_reflns_shell.number_unique_obs 
_reflns_shell.meanI_over_sigI_obs 
_reflns_shell.pdbx_Rsym_value 
_reflns_shell.percent_possible_all 
_reflns_shell.number_unique_all 
_reflns_shell.number_measured_all 
_reflns_shell.pdbx_diffrn_id 
_reflns_shell.pdbx_ordinal 
1.59  1.55 1424 100.000 0.202 ? 9.400  ? 3.600  0.202 ? ? ? ? 1  
1.63  1.59 1404 99.900  0.181 ? 12.400 ? 3.900  0.181 ? ? ? ? 2  
1.68  1.63 1359 100.000 0.161 ? 14.100 ? 4.300  0.161 ? ? ? ? 3  
1.73  1.68 1307 100.000 0.147 ? 14.100 ? 4.700  0.147 ? ? ? ? 4  
1.79  1.73 1319 100.000 0.12  ? 14.000 ? 5.600  0.12  ? ? ? ? 5  
1.85  1.79 1233 100.000 0.115 ? 14.100 ? 5.700  0.115 ? ? ? ? 6  
1.92  1.85 1194 100.000 0.256 ? 12.500 ? 1.000  0.256 ? ? ? ? 7  
2.00  1.92 1155 100.000 0.106 ? 13.800 ? 5.400  0.106 ? ? ? ? 8  
2.09  2.00 1124 100.000 0.104 ? 13.600 ? 5.200  0.104 ? ? ? ? 9  
2.19  2.09 1063 100.000 0.078 ? 13.900 ? 7.700  0.078 ? ? ? ? 10 
2.31  2.19 1025 100.000 0.128 ? 12.300 ? 2.000  0.128 ? ? ? ? 11 
2.45  2.31 966  99.900  0.075 ? 13.700 ? 8.000  0.075 ? ? ? ? 12 
2.62  2.45 913  99.900  0.078 ? 13.700 ? 7.500  0.078 ? ? ? ? 13 
2.83  2.62 852  99.900  0.079 ? 13.500 ? 7.100  0.079 ? ? ? ? 14 
3.10  2.83 792  99.900  0.071 ? 13.500 ? 8.200  0.071 ? ? ? ? 15 
3.47  3.10 715  99.800  0.063 ? 12.800 ? 8.600  0.063 ? ? ? ? 16 
4.00  3.47 640  99.400  0.064 ? 11.300 ? 7.700  0.064 ? ? ? ? 17 
4.90  4.00 562  99.800  0.049 ? 12.300 ? 10.800 0.049 ? ? ? ? 18 
6.93  4.90 440  100.000 0.042 ? 13.300 ? 13.200 0.042 ? ? ? ? 19 
49.12 6.93 254  93.700  0.044 ? 10.700 ? 13.300 0.044 ? ? ? ? 20 
# 
_refine.ls_d_res_high                            1.530 
_refine.ls_d_res_low                             19.870 
_refine.pdbx_ls_sigma_F                          0.00 
_refine.pdbx_data_cutoff_high_absF               1700710.500 
_refine.pdbx_data_cutoff_low_absF                0.000 
_refine.ls_percent_reflns_obs                    99.400 
_refine.ls_number_reflns_obs                     20792 
_refine.pdbx_ls_cross_valid_method               THROUGHOUT 
_refine.pdbx_R_Free_selection_details            RANDOM 
_refine.ls_R_factor_R_work                       0.209 
_refine.ls_R_factor_R_free                       0.235 
_refine.ls_percent_reflns_R_free                 9.200 
_refine.ls_number_reflns_R_free                  1920 
_refine.ls_R_factor_R_free_error                 0.005 
_refine.B_iso_mean                               15.900 
_refine.solvent_model_param_bsol                 42.647 
_refine.solvent_model_param_ksol                 0.344 
_refine.pdbx_isotropic_thermal_model             RESTRAINED 
_refine.aniso_B[1][1]                            -0.450 
_refine.aniso_B[2][2]                            1.290 
_refine.aniso_B[3][3]                            -0.840 
_refine.aniso_B[1][2]                            0.000 
_refine.aniso_B[1][3]                            0.000 
_refine.aniso_B[2][3]                            0.000 
_refine.solvent_model_details                    'FLAT MODEL' 
_refine.entry_id                                 2AVK 
_refine.pdbx_ls_sigma_I                          ? 
_refine.ls_number_reflns_all                     19741 
_refine.ls_R_factor_all                          ? 
_refine.ls_R_factor_obs                          ? 
_refine.ls_redundancy_reflns_obs                 ? 
_refine.ls_number_parameters                     ? 
_refine.ls_number_restraints                     ? 
_refine.ls_R_factor_R_free_error_details         ? 
_refine.pdbx_method_to_determine_struct          'MOLECULAR REPLACEMENT' 
_refine.pdbx_starting_model                      ? 
_refine.pdbx_stereochem_target_val_spec_case     ? 
_refine.pdbx_stereochemistry_target_values       'Engh & Huber' 
_refine.occupancy_max                            ? 
_refine.occupancy_min                            ? 
_refine.details                                  ? 
_refine.B_iso_min                                ? 
_refine.B_iso_max                                ? 
_refine.correlation_coeff_Fo_to_Fc               ? 
_refine.correlation_coeff_Fo_to_Fc_free          ? 
_refine.pdbx_solvent_vdw_probe_radii             ? 
_refine.pdbx_solvent_ion_probe_radii             ? 
_refine.pdbx_solvent_shrinkage_radii             ? 
_refine.overall_SU_R_Cruickshank_DPI             ? 
_refine.overall_SU_R_free                        ? 
_refine.overall_SU_ML                            ? 
_refine.overall_SU_B                             ? 
_refine.pdbx_overall_ESU_R_Free                  ? 
_refine.pdbx_data_cutoff_high_rms_absF           ? 
_refine.pdbx_overall_ESU_R                       ? 
_refine.ls_wR_factor_R_free                      ? 
_refine.ls_wR_factor_R_work                      ? 
_refine.overall_FOM_free_R_set                   ? 
_refine.overall_FOM_work_R_set                   ? 
_refine.pdbx_refine_id                           'X-RAY DIFFRACTION' 
_refine.pdbx_diffrn_id                           1 
_refine.pdbx_TLS_residual_ADP_flag               ? 
_refine.pdbx_overall_phase_error                 ? 
_refine.pdbx_overall_SU_R_free_Cruickshank_DPI   ? 
_refine.pdbx_overall_SU_R_Blow_DPI               ? 
_refine.pdbx_overall_SU_R_free_Blow_DPI          ? 
# 
_refine_analyze.Luzzati_coordinate_error_obs    0.180 
_refine_analyze.Luzzati_sigma_a_obs             0.050 
_refine_analyze.Luzzati_d_res_low_obs           5.000 
_refine_analyze.Luzzati_coordinate_error_free   0.220 
_refine_analyze.Luzzati_sigma_a_free            0.120 
_refine_analyze.pdbx_refine_id                  'X-RAY DIFFRACTION' 
_refine_analyze.entry_id                        2AVK 
_refine_analyze.Luzzati_d_res_low_free          ? 
_refine_analyze.number_disordered_residues      ? 
_refine_analyze.occupancy_sum_hydrogen          ? 
_refine_analyze.occupancy_sum_non_hydrogen      ? 
# 
_refine_hist.pdbx_refine_id                   'X-RAY DIFFRACTION' 
_refine_hist.cycle_id                         LAST 
_refine_hist.pdbx_number_atoms_protein        1123 
_refine_hist.pdbx_number_atoms_nucleic_acid   0 
_refine_hist.pdbx_number_atoms_ligand         11 
_refine_hist.number_atoms_solvent             197 
_refine_hist.number_atoms_total               1331 
_refine_hist.d_res_high                       1.530 
_refine_hist.d_res_low                        19.870 
# 
loop_
_refine_ls_restr.type 
_refine_ls_restr.number 
_refine_ls_restr.dev_ideal 
_refine_ls_restr.dev_ideal_target 
_refine_ls_restr.weight 
_refine_ls_restr.pdbx_refine_id 
_refine_ls_restr.pdbx_restraint_function 
c_bond_d           ? 0.004  ? ?     'X-RAY DIFFRACTION' ? 
c_angle_deg        ? 1.000  ? ?     'X-RAY DIFFRACTION' ? 
c_dihedral_angle_d ? 16.600 ? ?     'X-RAY DIFFRACTION' ? 
c_improper_angle_d ? 0.660  ? ?     'X-RAY DIFFRACTION' ? 
c_mcbond_it        ? 1.060  ? 1.500 'X-RAY DIFFRACTION' ? 
c_mcangle_it       ? 1.580  ? 2.000 'X-RAY DIFFRACTION' ? 
c_scbond_it        ? 2.150  ? 2.000 'X-RAY DIFFRACTION' ? 
c_scangle_it       ? 3.160  ? 2.500 'X-RAY DIFFRACTION' ? 
# 
_refine_ls_shell.d_res_high                       1.500 
_refine_ls_shell.d_res_low                        1.590 
_refine_ls_shell.pdbx_total_number_of_bins_used   6 
_refine_ls_shell.percent_reflns_obs               60.700 
_refine_ls_shell.number_reflns_R_work             2104 
_refine_ls_shell.R_factor_R_work                  0.255 
_refine_ls_shell.R_factor_R_free                  0.344 
_refine_ls_shell.percent_reflns_R_free            4.900 
_refine_ls_shell.number_reflns_R_free             108 
_refine_ls_shell.R_factor_R_free_error            0.033 
_refine_ls_shell.number_reflns_all                2212 
_refine_ls_shell.number_reflns_obs                ? 
_refine_ls_shell.redundancy_reflns_obs            ? 
_refine_ls_shell.pdbx_refine_id                   'X-RAY DIFFRACTION' 
_refine_ls_shell.R_factor_all                     ? 
# 
loop_
_pdbx_xplor_file.serial_no 
_pdbx_xplor_file.param_file 
_pdbx_xplor_file.topol_file 
_pdbx_xplor_file.pdbx_refine_id 
1 protein.top protein_rep.param 'X-RAY DIFFRACTION' 
2 NULL        water_rep.param   'X-RAY DIFFRACTION' 
3 ?           ionz_swap.param   'X-RAY DIFFRACTION' 
4 ?           so4.param         'X-RAY DIFFRACTION' 
# 
_struct.entry_id                  2AVK 
_struct.title                     met-azido-DcrH-Hr 
_struct.pdbx_model_details        ? 
_struct.pdbx_CASP_flag            ? 
_struct.pdbx_model_type_details   ? 
# 
_struct_keywords.text            'Hemerythrin-like oxygen sensor, OXYGEN STORAGE-TRANSPORT COMPLEX' 
_struct_keywords.entry_id        2AVK 
_struct_keywords.pdbx_keywords   'OXYGEN STORAGE/TRANSPORT' 
# 
loop_
_struct_asym.id 
_struct_asym.pdbx_blank_PDB_chainid_flag 
_struct_asym.pdbx_modified 
_struct_asym.entity_id 
_struct_asym.details 
A N N 1 ? 
B N N 2 ? 
C N N 3 ? 
D N N 4 ? 
# 
_struct_ref.id                         1 
_struct_ref.db_name                    UNP 
_struct_ref.db_code                    Q9REU3_DESVU 
_struct_ref.pdbx_db_accession          Q9REU3 
_struct_ref.entity_id                  1 
_struct_ref.pdbx_align_begin           1 
_struct_ref.pdbx_db_isoform            ? 
_struct_ref.pdbx_seq_one_letter_code   ? 
# 
_struct_ref_seq.align_id                      1 
_struct_ref_seq.ref_id                        1 
_struct_ref_seq.pdbx_PDB_id_code              2AVK 
_struct_ref_seq.pdbx_strand_id                A 
_struct_ref_seq.seq_align_beg                 1 
_struct_ref_seq.pdbx_seq_align_beg_ins_code   ? 
_struct_ref_seq.seq_align_end                 136 
_struct_ref_seq.pdbx_seq_align_end_ins_code   ? 
_struct_ref_seq.pdbx_db_accession             Q9REU3 
_struct_ref_seq.db_align_beg                  1 
_struct_ref_seq.pdbx_db_align_beg_ins_code    ? 
_struct_ref_seq.db_align_end                  136 
_struct_ref_seq.pdbx_db_align_end_ins_code    ? 
_struct_ref_seq.pdbx_auth_seq_align_beg       1 
_struct_ref_seq.pdbx_auth_seq_align_end       136 
# 
_pdbx_struct_assembly.id                   1 
_pdbx_struct_assembly.details              author_defined_assembly 
_pdbx_struct_assembly.method_details       ? 
_pdbx_struct_assembly.oligomeric_details   monomeric 
_pdbx_struct_assembly.oligomeric_count     1 
# 
_pdbx_struct_assembly_gen.assembly_id       1 
_pdbx_struct_assembly_gen.oper_expression   1 
_pdbx_struct_assembly_gen.asym_id_list      A,B,C,D 
# 
_pdbx_struct_oper_list.id                   1 
_pdbx_struct_oper_list.type                 'identity operation' 
_pdbx_struct_oper_list.name                 1_555 
_pdbx_struct_oper_list.symmetry_operation   x,y,z 
_pdbx_struct_oper_list.matrix[1][1]         1.0000000000 
_pdbx_struct_oper_list.matrix[1][2]         0.0000000000 
_pdbx_struct_oper_list.matrix[1][3]         0.0000000000 
_pdbx_struct_oper_list.vector[1]            0.0000000000 
_pdbx_struct_oper_list.matrix[2][1]         0.0000000000 
_pdbx_struct_oper_list.matrix[2][2]         1.0000000000 
_pdbx_struct_oper_list.matrix[2][3]         0.0000000000 
_pdbx_struct_oper_list.vector[2]            0.0000000000 
_pdbx_struct_oper_list.matrix[3][1]         0.0000000000 
_pdbx_struct_oper_list.matrix[3][2]         0.0000000000 
_pdbx_struct_oper_list.matrix[3][3]         1.0000000000 
_pdbx_struct_oper_list.vector[3]            0.0000000000 
# 
_struct_biol.id                    1 
_struct_biol.pdbx_parent_biol_id   ? 
_struct_biol.details               ? 
# 
loop_
_struct_conf.conf_type_id 
_struct_conf.id 
_struct_conf.pdbx_PDB_helix_id 
_struct_conf.beg_label_comp_id 
_struct_conf.beg_label_asym_id 
_struct_conf.beg_label_seq_id 
_struct_conf.pdbx_beg_PDB_ins_code 
_struct_conf.end_label_comp_id 
_struct_conf.end_label_asym_id 
_struct_conf.end_label_seq_id 
_struct_conf.pdbx_end_PDB_ins_code 
_struct_conf.beg_auth_comp_id 
_struct_conf.beg_auth_asym_id 
_struct_conf.beg_auth_seq_id 
_struct_conf.end_auth_comp_id 
_struct_conf.end_auth_asym_id 
_struct_conf.end_auth_seq_id 
_struct_conf.pdbx_PDB_helix_class 
_struct_conf.details 
_struct_conf.pdbx_PDB_helix_length 
HELX_P HELX_P1 1 SER A 10  ? ALA A 14  ? SER A 10  ALA A 14  5 ? 5  
HELX_P HELX_P2 2 LEU A 16  ? ARG A 39  ? LEU A 16  ARG A 39  1 ? 24 
HELX_P HELX_P3 3 ASP A 41  ? ALA A 71  ? ASP A 41  ALA A 71  1 ? 31 
HELX_P HELX_P4 4 GLU A 74  ? GLY A 99  ? GLU A 74  GLY A 99  1 ? 26 
HELX_P HELX_P5 5 ASP A 100 ? LYS A 121 ? ASP A 100 LYS A 121 1 ? 22 
HELX_P HELX_P6 6 GLU A 122 ? LYS A 125 ? GLU A 122 LYS A 125 5 ? 4  
HELX_P HELX_P7 7 TYR A 126 ? ARG A 133 ? TYR A 126 ARG A 133 1 ? 8  
# 
_struct_conf_type.id          HELX_P 
_struct_conf_type.criteria    ? 
_struct_conf_type.reference   ? 
# 
loop_
_struct_conn.id 
_struct_conn.conn_type_id 
_struct_conn.pdbx_leaving_atom_flag 
_struct_conn.pdbx_PDB_id 
_struct_conn.ptnr1_label_asym_id 
_struct_conn.ptnr1_label_comp_id 
_struct_conn.ptnr1_label_seq_id 
_struct_conn.ptnr1_label_atom_id 
_struct_conn.pdbx_ptnr1_label_alt_id 
_struct_conn.pdbx_ptnr1_PDB_ins_code 
_struct_conn.pdbx_ptnr1_standard_comp_id 
_struct_conn.ptnr1_symmetry 
_struct_conn.ptnr2_label_asym_id 
_struct_conn.ptnr2_label_comp_id 
_struct_conn.ptnr2_label_seq_id 
_struct_conn.ptnr2_label_atom_id 
_struct_conn.pdbx_ptnr2_label_alt_id 
_struct_conn.pdbx_ptnr2_PDB_ins_code 
_struct_conn.ptnr1_auth_asym_id 
_struct_conn.ptnr1_auth_comp_id 
_struct_conn.ptnr1_auth_seq_id 
_struct_conn.ptnr2_auth_asym_id 
_struct_conn.ptnr2_auth_comp_id 
_struct_conn.ptnr2_auth_seq_id 
_struct_conn.ptnr2_symmetry 
_struct_conn.pdbx_ptnr3_label_atom_id 
_struct_conn.pdbx_ptnr3_label_seq_id 
_struct_conn.pdbx_ptnr3_label_comp_id 
_struct_conn.pdbx_ptnr3_label_asym_id 
_struct_conn.pdbx_ptnr3_label_alt_id 
_struct_conn.pdbx_ptnr3_PDB_ins_code 
_struct_conn.details 
_struct_conn.pdbx_dist_value 
_struct_conn.pdbx_value_order 
_struct_conn.pdbx_role 
metalc1 metalc ? ? A HIS 23  NE2 ? ? ? 1_555 C FEA . FE2 ? ? A HIS 23  A FEA 201 1_555 ? ? ? ? ? ? ? 2.207 ? ? 
metalc2 metalc ? ? A HIS 59  NE2 ? ? ? 1_555 C FEA . FE2 ? ? A HIS 59  A FEA 201 1_555 ? ? ? ? ? ? ? 2.159 ? ? 
metalc3 metalc ? ? A GLU 63  OE1 ? ? ? 1_555 C FEA . FE1 ? ? A GLU 63  A FEA 201 1_555 ? ? ? ? ? ? ? 2.165 ? ? 
metalc4 metalc ? ? A GLU 63  OE2 ? ? ? 1_555 C FEA . FE2 ? ? A GLU 63  A FEA 201 1_555 ? ? ? ? ? ? ? 2.183 ? ? 
metalc5 metalc ? ? A HIS 78  NE2 ? ? ? 1_555 C FEA . FE1 ? ? A HIS 78  A FEA 201 1_555 ? ? ? ? ? ? ? 2.233 ? ? 
metalc6 metalc ? ? A HIS 82  NE2 ? ? ? 1_555 C FEA . FE1 ? ? A HIS 82  A FEA 201 1_555 ? ? ? ? ? ? ? 2.215 ? ? 
metalc7 metalc ? ? A HIS 118 NE2 ? ? ? 1_555 C FEA . FE1 ? ? A HIS 118 A FEA 201 1_555 ? ? ? ? ? ? ? 2.172 ? ? 
metalc8 metalc ? ? A ASP 123 OD1 ? ? ? 1_555 C FEA . FE1 ? ? A ASP 123 A FEA 201 1_555 ? ? ? ? ? ? ? 2.203 ? ? 
metalc9 metalc ? ? A ASP 123 OD2 ? ? ? 1_555 C FEA . FE2 ? ? A ASP 123 A FEA 201 1_555 ? ? ? ? ? ? ? 2.096 ? ? 
# 
_struct_conn_type.id          metalc 
_struct_conn_type.criteria    ? 
_struct_conn_type.reference   ? 
# 
loop_
_pdbx_struct_conn_angle.id 
_pdbx_struct_conn_angle.ptnr1_label_atom_id 
_pdbx_struct_conn_angle.ptnr1_label_alt_id 
_pdbx_struct_conn_angle.ptnr1_label_asym_id 
_pdbx_struct_conn_angle.ptnr1_label_comp_id 
_pdbx_struct_conn_angle.ptnr1_label_seq_id 
_pdbx_struct_conn_angle.ptnr1_auth_atom_id 
_pdbx_struct_conn_angle.ptnr1_auth_asym_id 
_pdbx_struct_conn_angle.ptnr1_auth_comp_id 
_pdbx_struct_conn_angle.ptnr1_auth_seq_id 
_pdbx_struct_conn_angle.ptnr1_PDB_ins_code 
_pdbx_struct_conn_angle.ptnr1_symmetry 
_pdbx_struct_conn_angle.ptnr2_label_atom_id 
_pdbx_struct_conn_angle.ptnr2_label_alt_id 
_pdbx_struct_conn_angle.ptnr2_label_asym_id 
_pdbx_struct_conn_angle.ptnr2_label_comp_id 
_pdbx_struct_conn_angle.ptnr2_label_seq_id 
_pdbx_struct_conn_angle.ptnr2_auth_atom_id 
_pdbx_struct_conn_angle.ptnr2_auth_asym_id 
_pdbx_struct_conn_angle.ptnr2_auth_comp_id 
_pdbx_struct_conn_angle.ptnr2_auth_seq_id 
_pdbx_struct_conn_angle.ptnr2_PDB_ins_code 
_pdbx_struct_conn_angle.ptnr2_symmetry 
_pdbx_struct_conn_angle.ptnr3_label_atom_id 
_pdbx_struct_conn_angle.ptnr3_label_alt_id 
_pdbx_struct_conn_angle.ptnr3_label_asym_id 
_pdbx_struct_conn_angle.ptnr3_label_comp_id 
_pdbx_struct_conn_angle.ptnr3_label_seq_id 
_pdbx_struct_conn_angle.ptnr3_auth_atom_id 
_pdbx_struct_conn_angle.ptnr3_auth_asym_id 
_pdbx_struct_conn_angle.ptnr3_auth_comp_id 
_pdbx_struct_conn_angle.ptnr3_auth_seq_id 
_pdbx_struct_conn_angle.ptnr3_PDB_ins_code 
_pdbx_struct_conn_angle.ptnr3_symmetry 
_pdbx_struct_conn_angle.value 
_pdbx_struct_conn_angle.value_esd 
1  NE2 ? A HIS 23  ? A HIS 23  ? 1_555 FE2 ? C FEA . ? A FEA 201 ? 1_555 O   ? C FEA .   ? A FEA 201 ? 1_555 173.8 ? 
2  NE2 ? A HIS 23  ? A HIS 23  ? 1_555 FE2 ? C FEA . ? A FEA 201 ? 1_555 NA  ? C FEA .   ? A FEA 201 ? 1_555 84.2  ? 
3  O   ? C FEA .   ? A FEA 201 ? 1_555 FE2 ? C FEA . ? A FEA 201 ? 1_555 NA  ? C FEA .   ? A FEA 201 ? 1_555 91.8  ? 
4  NE2 ? A HIS 23  ? A HIS 23  ? 1_555 FE2 ? C FEA . ? A FEA 201 ? 1_555 NE2 ? A HIS 59  ? A HIS 59  ? 1_555 85.8  ? 
5  O   ? C FEA .   ? A FEA 201 ? 1_555 FE2 ? C FEA . ? A FEA 201 ? 1_555 NE2 ? A HIS 59  ? A HIS 59  ? 1_555 99.1  ? 
6  NA  ? C FEA .   ? A FEA 201 ? 1_555 FE2 ? C FEA . ? A FEA 201 ? 1_555 NE2 ? A HIS 59  ? A HIS 59  ? 1_555 91.9  ? 
7  NE2 ? A HIS 23  ? A HIS 23  ? 1_555 FE2 ? C FEA . ? A FEA 201 ? 1_555 OE2 ? A GLU 63  ? A GLU 63  ? 1_555 93.3  ? 
8  O   ? C FEA .   ? A FEA 201 ? 1_555 FE2 ? C FEA . ? A FEA 201 ? 1_555 OE2 ? A GLU 63  ? A GLU 63  ? 1_555 91.1  ? 
9  NA  ? C FEA .   ? A FEA 201 ? 1_555 FE2 ? C FEA . ? A FEA 201 ? 1_555 OE2 ? A GLU 63  ? A GLU 63  ? 1_555 173.0 ? 
10 NE2 ? A HIS 59  ? A HIS 59  ? 1_555 FE2 ? C FEA . ? A FEA 201 ? 1_555 OE2 ? A GLU 63  ? A GLU 63  ? 1_555 81.3  ? 
11 NE2 ? A HIS 23  ? A HIS 23  ? 1_555 FE2 ? C FEA . ? A FEA 201 ? 1_555 OD2 ? A ASP 123 ? A ASP 123 ? 1_555 79.2  ? 
12 O   ? C FEA .   ? A FEA 201 ? 1_555 FE2 ? C FEA . ? A FEA 201 ? 1_555 OD2 ? A ASP 123 ? A ASP 123 ? 1_555 96.5  ? 
13 NA  ? C FEA .   ? A FEA 201 ? 1_555 FE2 ? C FEA . ? A FEA 201 ? 1_555 OD2 ? A ASP 123 ? A ASP 123 ? 1_555 95.9  ? 
14 NE2 ? A HIS 59  ? A HIS 59  ? 1_555 FE2 ? C FEA . ? A FEA 201 ? 1_555 OD2 ? A ASP 123 ? A ASP 123 ? 1_555 162.3 ? 
15 OE2 ? A GLU 63  ? A GLU 63  ? 1_555 FE2 ? C FEA . ? A FEA 201 ? 1_555 OD2 ? A ASP 123 ? A ASP 123 ? 1_555 90.1  ? 
16 OE1 ? A GLU 63  ? A GLU 63  ? 1_555 FE1 ? C FEA . ? A FEA 201 ? 1_555 O   ? C FEA .   ? A FEA 201 ? 1_555 90.4  ? 
17 OE1 ? A GLU 63  ? A GLU 63  ? 1_555 FE1 ? C FEA . ? A FEA 201 ? 1_555 NE2 ? A HIS 78  ? A HIS 78  ? 1_555 90.8  ? 
18 O   ? C FEA .   ? A FEA 201 ? 1_555 FE1 ? C FEA . ? A FEA 201 ? 1_555 NE2 ? A HIS 78  ? A HIS 78  ? 1_555 178.6 ? 
19 OE1 ? A GLU 63  ? A GLU 63  ? 1_555 FE1 ? C FEA . ? A FEA 201 ? 1_555 NE2 ? A HIS 82  ? A HIS 82  ? 1_555 90.1  ? 
20 O   ? C FEA .   ? A FEA 201 ? 1_555 FE1 ? C FEA . ? A FEA 201 ? 1_555 NE2 ? A HIS 82  ? A HIS 82  ? 1_555 98.4  ? 
21 NE2 ? A HIS 78  ? A HIS 78  ? 1_555 FE1 ? C FEA . ? A FEA 201 ? 1_555 NE2 ? A HIS 82  ? A HIS 82  ? 1_555 81.1  ? 
22 OE1 ? A GLU 63  ? A GLU 63  ? 1_555 FE1 ? C FEA . ? A FEA 201 ? 1_555 NE2 ? A HIS 118 ? A HIS 118 ? 1_555 178.1 ? 
23 O   ? C FEA .   ? A FEA 201 ? 1_555 FE1 ? C FEA . ? A FEA 201 ? 1_555 NE2 ? A HIS 118 ? A HIS 118 ? 1_555 88.5  ? 
24 NE2 ? A HIS 78  ? A HIS 78  ? 1_555 FE1 ? C FEA . ? A FEA 201 ? 1_555 NE2 ? A HIS 118 ? A HIS 118 ? 1_555 90.3  ? 
25 NE2 ? A HIS 82  ? A HIS 82  ? 1_555 FE1 ? C FEA . ? A FEA 201 ? 1_555 NE2 ? A HIS 118 ? A HIS 118 ? 1_555 91.6  ? 
26 OE1 ? A GLU 63  ? A GLU 63  ? 1_555 FE1 ? C FEA . ? A FEA 201 ? 1_555 OD1 ? A ASP 123 ? A ASP 123 ? 1_555 90.6  ? 
27 O   ? C FEA .   ? A FEA 201 ? 1_555 FE1 ? C FEA . ? A FEA 201 ? 1_555 OD1 ? A ASP 123 ? A ASP 123 ? 1_555 98.7  ? 
28 NE2 ? A HIS 78  ? A HIS 78  ? 1_555 FE1 ? C FEA . ? A FEA 201 ? 1_555 OD1 ? A ASP 123 ? A ASP 123 ? 1_555 81.8  ? 
29 NE2 ? A HIS 82  ? A HIS 82  ? 1_555 FE1 ? C FEA . ? A FEA 201 ? 1_555 OD1 ? A ASP 123 ? A ASP 123 ? 1_555 162.9 ? 
30 NE2 ? A HIS 118 ? A HIS 118 ? 1_555 FE1 ? C FEA . ? A FEA 201 ? 1_555 OD1 ? A ASP 123 ? A ASP 123 ? 1_555 88.0  ? 
# 
loop_
_struct_site.id 
_struct_site.pdbx_evidence_code 
_struct_site.pdbx_auth_asym_id 
_struct_site.pdbx_auth_comp_id 
_struct_site.pdbx_auth_seq_id 
_struct_site.pdbx_auth_ins_code 
_struct_site.pdbx_num_residues 
_struct_site.details 
AC1 Software A SO4 202 ? 6  'BINDING SITE FOR RESIDUE SO4 A 202' 
AC2 Software A FEA 201 ? 12 'BINDING SITE FOR RESIDUE FEA A 201' 
# 
loop_
_struct_site_gen.id 
_struct_site_gen.site_id 
_struct_site_gen.pdbx_num_res 
_struct_site_gen.label_comp_id 
_struct_site_gen.label_asym_id 
_struct_site_gen.label_seq_id 
_struct_site_gen.pdbx_auth_ins_code 
_struct_site_gen.auth_comp_id 
_struct_site_gen.auth_asym_id 
_struct_site_gen.auth_seq_id 
_struct_site_gen.label_atom_id 
_struct_site_gen.label_alt_id 
_struct_site_gen.symmetry 
_struct_site_gen.details 
1  AC1 6  PRO A 17  ? PRO A 17  . ? 4_545 ? 
2  AC1 6  THR A 106 ? THR A 106 . ? 1_555 ? 
3  AC1 6  ARG A 109 ? ARG A 109 . ? 1_555 ? 
4  AC1 6  ARG A 131 ? ARG A 131 . ? 4_545 ? 
5  AC1 6  HOH D .   ? HOH A 259 . ? 1_555 ? 
6  AC1 6  HOH D .   ? HOH A 320 . ? 4_545 ? 
7  AC2 12 HIS A 23  ? HIS A 23  . ? 1_555 ? 
8  AC2 12 LEU A 26  ? LEU A 26  . ? 1_555 ? 
9  AC2 12 HIS A 59  ? HIS A 59  . ? 1_555 ? 
10 AC2 12 PHE A 60  ? PHE A 60  . ? 1_555 ? 
11 AC2 12 GLU A 63  ? GLU A 63  . ? 1_555 ? 
12 AC2 12 HIS A 78  ? HIS A 78  . ? 1_555 ? 
13 AC2 12 HIS A 82  ? HIS A 82  . ? 1_555 ? 
14 AC2 12 TRP A 114 ? TRP A 114 . ? 1_555 ? 
15 AC2 12 LEU A 115 ? LEU A 115 . ? 1_555 ? 
16 AC2 12 HIS A 118 ? HIS A 118 . ? 1_555 ? 
17 AC2 12 ILE A 119 ? ILE A 119 . ? 1_555 ? 
18 AC2 12 ASP A 123 ? ASP A 123 . ? 1_555 ? 
# 
loop_
_pdbx_validate_torsion.id 
_pdbx_validate_torsion.PDB_model_num 
_pdbx_validate_torsion.auth_comp_id 
_pdbx_validate_torsion.auth_asym_id 
_pdbx_validate_torsion.auth_seq_id 
_pdbx_validate_torsion.PDB_ins_code 
_pdbx_validate_torsion.label_alt_id 
_pdbx_validate_torsion.phi 
_pdbx_validate_torsion.psi 
1 1 ASN A 15  ? ? -145.40 -147.28 
2 1 LYS A 121 ? ? -98.91  -64.59  
# 
_pdbx_phasing_MR.entry_id                     2AVK 
_pdbx_phasing_MR.method_rotation              'fast direct' 
_pdbx_phasing_MR.method_translation           &STRIP%trans_method 
_pdbx_phasing_MR.model_details                ? 
_pdbx_phasing_MR.R_factor                     ? 
_pdbx_phasing_MR.R_rigid_body                 ? 
_pdbx_phasing_MR.correlation_coeff_Fo_to_Fc   ? 
_pdbx_phasing_MR.correlation_coeff_Io_to_Ic   ? 
_pdbx_phasing_MR.d_res_high_rotation          ? 
_pdbx_phasing_MR.d_res_low_rotation           ? 
_pdbx_phasing_MR.d_res_high_translation       ? 
_pdbx_phasing_MR.d_res_low_translation        ? 
_pdbx_phasing_MR.packing                      ? 
_pdbx_phasing_MR.reflns_percent_rotation      ? 
_pdbx_phasing_MR.reflns_percent_translation   ? 
_pdbx_phasing_MR.sigma_F_rotation             ? 
_pdbx_phasing_MR.sigma_F_translation          ? 
_pdbx_phasing_MR.sigma_I_rotation             ? 
_pdbx_phasing_MR.sigma_I_translation          ? 
# 
loop_
_pdbx_unobs_or_zero_occ_residues.id 
_pdbx_unobs_or_zero_occ_residues.PDB_model_num 
_pdbx_unobs_or_zero_occ_residues.polymer_flag 
_pdbx_unobs_or_zero_occ_residues.occupancy_flag 
_pdbx_unobs_or_zero_occ_residues.auth_asym_id 
_pdbx_unobs_or_zero_occ_residues.auth_comp_id 
_pdbx_unobs_or_zero_occ_residues.auth_seq_id 
_pdbx_unobs_or_zero_occ_residues.PDB_ins_code 
_pdbx_unobs_or_zero_occ_residues.label_asym_id 
_pdbx_unobs_or_zero_occ_residues.label_comp_id 
_pdbx_unobs_or_zero_occ_residues.label_seq_id 
1 1 Y 1 A GLY 1 ? A GLY 1 
2 1 Y 1 A ASP 2 ? A ASP 2 
3 1 Y 1 A ALA 3 ? A ALA 3 
# 
loop_
_chem_comp_atom.comp_id 
_chem_comp_atom.atom_id 
_chem_comp_atom.type_symbol 
_chem_comp_atom.pdbx_aromatic_flag 
_chem_comp_atom.pdbx_stereo_config 
_chem_comp_atom.pdbx_ordinal 
ALA N    N  N N 1   
ALA CA   C  N S 2   
ALA C    C  N N 3   
ALA O    O  N N 4   
ALA CB   C  N N 5   
ALA OXT  O  N N 6   
ALA H    H  N N 7   
ALA H2   H  N N 8   
ALA HA   H  N N 9   
ALA HB1  H  N N 10  
ALA HB2  H  N N 11  
ALA HB3  H  N N 12  
ALA HXT  H  N N 13  
ARG N    N  N N 14  
ARG CA   C  N S 15  
ARG C    C  N N 16  
ARG O    O  N N 17  
ARG CB   C  N N 18  
ARG CG   C  N N 19  
ARG CD   C  N N 20  
ARG NE   N  N N 21  
ARG CZ   C  N N 22  
ARG NH1  N  N N 23  
ARG NH2  N  N N 24  
ARG OXT  O  N N 25  
ARG H    H  N N 26  
ARG H2   H  N N 27  
ARG HA   H  N N 28  
ARG HB2  H  N N 29  
ARG HB3  H  N N 30  
ARG HG2  H  N N 31  
ARG HG3  H  N N 32  
ARG HD2  H  N N 33  
ARG HD3  H  N N 34  
ARG HE   H  N N 35  
ARG HH11 H  N N 36  
ARG HH12 H  N N 37  
ARG HH21 H  N N 38  
ARG HH22 H  N N 39  
ARG HXT  H  N N 40  
ASN N    N  N N 41  
ASN CA   C  N S 42  
ASN C    C  N N 43  
ASN O    O  N N 44  
ASN CB   C  N N 45  
ASN CG   C  N N 46  
ASN OD1  O  N N 47  
ASN ND2  N  N N 48  
ASN OXT  O  N N 49  
ASN H    H  N N 50  
ASN H2   H  N N 51  
ASN HA   H  N N 52  
ASN HB2  H  N N 53  
ASN HB3  H  N N 54  
ASN HD21 H  N N 55  
ASN HD22 H  N N 56  
ASN HXT  H  N N 57  
ASP N    N  N N 58  
ASP CA   C  N S 59  
ASP C    C  N N 60  
ASP O    O  N N 61  
ASP CB   C  N N 62  
ASP CG   C  N N 63  
ASP OD1  O  N N 64  
ASP OD2  O  N N 65  
ASP OXT  O  N N 66  
ASP H    H  N N 67  
ASP H2   H  N N 68  
ASP HA   H  N N 69  
ASP HB2  H  N N 70  
ASP HB3  H  N N 71  
ASP HD2  H  N N 72  
ASP HXT  H  N N 73  
FEA FE1  FE N N 74  
FEA FE2  FE N N 75  
FEA O    O  N N 76  
FEA NA   N  N N 77  
FEA NB   N  N N 78  
FEA NC   N  N N 79  
GLN N    N  N N 80  
GLN CA   C  N S 81  
GLN C    C  N N 82  
GLN O    O  N N 83  
GLN CB   C  N N 84  
GLN CG   C  N N 85  
GLN CD   C  N N 86  
GLN OE1  O  N N 87  
GLN NE2  N  N N 88  
GLN OXT  O  N N 89  
GLN H    H  N N 90  
GLN H2   H  N N 91  
GLN HA   H  N N 92  
GLN HB2  H  N N 93  
GLN HB3  H  N N 94  
GLN HG2  H  N N 95  
GLN HG3  H  N N 96  
GLN HE21 H  N N 97  
GLN HE22 H  N N 98  
GLN HXT  H  N N 99  
GLU N    N  N N 100 
GLU CA   C  N S 101 
GLU C    C  N N 102 
GLU O    O  N N 103 
GLU CB   C  N N 104 
GLU CG   C  N N 105 
GLU CD   C  N N 106 
GLU OE1  O  N N 107 
GLU OE2  O  N N 108 
GLU OXT  O  N N 109 
GLU H    H  N N 110 
GLU H2   H  N N 111 
GLU HA   H  N N 112 
GLU HB2  H  N N 113 
GLU HB3  H  N N 114 
GLU HG2  H  N N 115 
GLU HG3  H  N N 116 
GLU HE2  H  N N 117 
GLU HXT  H  N N 118 
GLY N    N  N N 119 
GLY CA   C  N N 120 
GLY C    C  N N 121 
GLY O    O  N N 122 
GLY OXT  O  N N 123 
GLY H    H  N N 124 
GLY H2   H  N N 125 
GLY HA2  H  N N 126 
GLY HA3  H  N N 127 
GLY HXT  H  N N 128 
HIS N    N  N N 129 
HIS CA   C  N S 130 
HIS C    C  N N 131 
HIS O    O  N N 132 
HIS CB   C  N N 133 
HIS CG   C  Y N 134 
HIS ND1  N  Y N 135 
HIS CD2  C  Y N 136 
HIS CE1  C  Y N 137 
HIS NE2  N  Y N 138 
HIS OXT  O  N N 139 
HIS H    H  N N 140 
HIS H2   H  N N 141 
HIS HA   H  N N 142 
HIS HB2  H  N N 143 
HIS HB3  H  N N 144 
HIS HD1  H  N N 145 
HIS HD2  H  N N 146 
HIS HE1  H  N N 147 
HIS HE2  H  N N 148 
HIS HXT  H  N N 149 
HOH O    O  N N 150 
HOH H1   H  N N 151 
HOH H2   H  N N 152 
ILE N    N  N N 153 
ILE CA   C  N S 154 
ILE C    C  N N 155 
ILE O    O  N N 156 
ILE CB   C  N S 157 
ILE CG1  C  N N 158 
ILE CG2  C  N N 159 
ILE CD1  C  N N 160 
ILE OXT  O  N N 161 
ILE H    H  N N 162 
ILE H2   H  N N 163 
ILE HA   H  N N 164 
ILE HB   H  N N 165 
ILE HG12 H  N N 166 
ILE HG13 H  N N 167 
ILE HG21 H  N N 168 
ILE HG22 H  N N 169 
ILE HG23 H  N N 170 
ILE HD11 H  N N 171 
ILE HD12 H  N N 172 
ILE HD13 H  N N 173 
ILE HXT  H  N N 174 
LEU N    N  N N 175 
LEU CA   C  N S 176 
LEU C    C  N N 177 
LEU O    O  N N 178 
LEU CB   C  N N 179 
LEU CG   C  N N 180 
LEU CD1  C  N N 181 
LEU CD2  C  N N 182 
LEU OXT  O  N N 183 
LEU H    H  N N 184 
LEU H2   H  N N 185 
LEU HA   H  N N 186 
LEU HB2  H  N N 187 
LEU HB3  H  N N 188 
LEU HG   H  N N 189 
LEU HD11 H  N N 190 
LEU HD12 H  N N 191 
LEU HD13 H  N N 192 
LEU HD21 H  N N 193 
LEU HD22 H  N N 194 
LEU HD23 H  N N 195 
LEU HXT  H  N N 196 
LYS N    N  N N 197 
LYS CA   C  N S 198 
LYS C    C  N N 199 
LYS O    O  N N 200 
LYS CB   C  N N 201 
LYS CG   C  N N 202 
LYS CD   C  N N 203 
LYS CE   C  N N 204 
LYS NZ   N  N N 205 
LYS OXT  O  N N 206 
LYS H    H  N N 207 
LYS H2   H  N N 208 
LYS HA   H  N N 209 
LYS HB2  H  N N 210 
LYS HB3  H  N N 211 
LYS HG2  H  N N 212 
LYS HG3  H  N N 213 
LYS HD2  H  N N 214 
LYS HD3  H  N N 215 
LYS HE2  H  N N 216 
LYS HE3  H  N N 217 
LYS HZ1  H  N N 218 
LYS HZ2  H  N N 219 
LYS HZ3  H  N N 220 
LYS HXT  H  N N 221 
MET N    N  N N 222 
MET CA   C  N S 223 
MET C    C  N N 224 
MET O    O  N N 225 
MET CB   C  N N 226 
MET CG   C  N N 227 
MET SD   S  N N 228 
MET CE   C  N N 229 
MET OXT  O  N N 230 
MET H    H  N N 231 
MET H2   H  N N 232 
MET HA   H  N N 233 
MET HB2  H  N N 234 
MET HB3  H  N N 235 
MET HG2  H  N N 236 
MET HG3  H  N N 237 
MET HE1  H  N N 238 
MET HE2  H  N N 239 
MET HE3  H  N N 240 
MET HXT  H  N N 241 
PHE N    N  N N 242 
PHE CA   C  N S 243 
PHE C    C  N N 244 
PHE O    O  N N 245 
PHE CB   C  N N 246 
PHE CG   C  Y N 247 
PHE CD1  C  Y N 248 
PHE CD2  C  Y N 249 
PHE CE1  C  Y N 250 
PHE CE2  C  Y N 251 
PHE CZ   C  Y N 252 
PHE OXT  O  N N 253 
PHE H    H  N N 254 
PHE H2   H  N N 255 
PHE HA   H  N N 256 
PHE HB2  H  N N 257 
PHE HB3  H  N N 258 
PHE HD1  H  N N 259 
PHE HD2  H  N N 260 
PHE HE1  H  N N 261 
PHE HE2  H  N N 262 
PHE HZ   H  N N 263 
PHE HXT  H  N N 264 
PRO N    N  N N 265 
PRO CA   C  N S 266 
PRO C    C  N N 267 
PRO O    O  N N 268 
PRO CB   C  N N 269 
PRO CG   C  N N 270 
PRO CD   C  N N 271 
PRO OXT  O  N N 272 
PRO H    H  N N 273 
PRO HA   H  N N 274 
PRO HB2  H  N N 275 
PRO HB3  H  N N 276 
PRO HG2  H  N N 277 
PRO HG3  H  N N 278 
PRO HD2  H  N N 279 
PRO HD3  H  N N 280 
PRO HXT  H  N N 281 
SER N    N  N N 282 
SER CA   C  N S 283 
SER C    C  N N 284 
SER O    O  N N 285 
SER CB   C  N N 286 
SER OG   O  N N 287 
SER OXT  O  N N 288 
SER H    H  N N 289 
SER H2   H  N N 290 
SER HA   H  N N 291 
SER HB2  H  N N 292 
SER HB3  H  N N 293 
SER HG   H  N N 294 
SER HXT  H  N N 295 
SO4 S    S  N N 296 
SO4 O1   O  N N 297 
SO4 O2   O  N N 298 
SO4 O3   O  N N 299 
SO4 O4   O  N N 300 
THR N    N  N N 301 
THR CA   C  N S 302 
THR C    C  N N 303 
THR O    O  N N 304 
THR CB   C  N R 305 
THR OG1  O  N N 306 
THR CG2  C  N N 307 
THR OXT  O  N N 308 
THR H    H  N N 309 
THR H2   H  N N 310 
THR HA   H  N N 311 
THR HB   H  N N 312 
THR HG1  H  N N 313 
THR HG21 H  N N 314 
THR HG22 H  N N 315 
THR HG23 H  N N 316 
THR HXT  H  N N 317 
TRP N    N  N N 318 
TRP CA   C  N S 319 
TRP C    C  N N 320 
TRP O    O  N N 321 
TRP CB   C  N N 322 
TRP CG   C  Y N 323 
TRP CD1  C  Y N 324 
TRP CD2  C  Y N 325 
TRP NE1  N  Y N 326 
TRP CE2  C  Y N 327 
TRP CE3  C  Y N 328 
TRP CZ2  C  Y N 329 
TRP CZ3  C  Y N 330 
TRP CH2  C  Y N 331 
TRP OXT  O  N N 332 
TRP H    H  N N 333 
TRP H2   H  N N 334 
TRP HA   H  N N 335 
TRP HB2  H  N N 336 
TRP HB3  H  N N 337 
TRP HD1  H  N N 338 
TRP HE1  H  N N 339 
TRP HE3  H  N N 340 
TRP HZ2  H  N N 341 
TRP HZ3  H  N N 342 
TRP HH2  H  N N 343 
TRP HXT  H  N N 344 
TYR N    N  N N 345 
TYR CA   C  N S 346 
TYR C    C  N N 347 
TYR O    O  N N 348 
TYR CB   C  N N 349 
TYR CG   C  Y N 350 
TYR CD1  C  Y N 351 
TYR CD2  C  Y N 352 
TYR CE1  C  Y N 353 
TYR CE2  C  Y N 354 
TYR CZ   C  Y N 355 
TYR OH   O  N N 356 
TYR OXT  O  N N 357 
TYR H    H  N N 358 
TYR H2   H  N N 359 
TYR HA   H  N N 360 
TYR HB2  H  N N 361 
TYR HB3  H  N N 362 
TYR HD1  H  N N 363 
TYR HD2  H  N N 364 
TYR HE1  H  N N 365 
TYR HE2  H  N N 366 
TYR HH   H  N N 367 
TYR HXT  H  N N 368 
VAL N    N  N N 369 
VAL CA   C  N S 370 
VAL C    C  N N 371 
VAL O    O  N N 372 
VAL CB   C  N N 373 
VAL CG1  C  N N 374 
VAL CG2  C  N N 375 
VAL OXT  O  N N 376 
VAL H    H  N N 377 
VAL H2   H  N N 378 
VAL HA   H  N N 379 
VAL HB   H  N N 380 
VAL HG11 H  N N 381 
VAL HG12 H  N N 382 
VAL HG13 H  N N 383 
VAL HG21 H  N N 384 
VAL HG22 H  N N 385 
VAL HG23 H  N N 386 
VAL HXT  H  N N 387 
# 
loop_
_chem_comp_bond.comp_id 
_chem_comp_bond.atom_id_1 
_chem_comp_bond.atom_id_2 
_chem_comp_bond.value_order 
_chem_comp_bond.pdbx_aromatic_flag 
_chem_comp_bond.pdbx_stereo_config 
_chem_comp_bond.pdbx_ordinal 
ALA N   CA   sing N N 1   
ALA N   H    sing N N 2   
ALA N   H2   sing N N 3   
ALA CA  C    sing N N 4   
ALA CA  CB   sing N N 5   
ALA CA  HA   sing N N 6   
ALA C   O    doub N N 7   
ALA C   OXT  sing N N 8   
ALA CB  HB1  sing N N 9   
ALA CB  HB2  sing N N 10  
ALA CB  HB3  sing N N 11  
ALA OXT HXT  sing N N 12  
ARG N   CA   sing N N 13  
ARG N   H    sing N N 14  
ARG N   H2   sing N N 15  
ARG CA  C    sing N N 16  
ARG CA  CB   sing N N 17  
ARG CA  HA   sing N N 18  
ARG C   O    doub N N 19  
ARG C   OXT  sing N N 20  
ARG CB  CG   sing N N 21  
ARG CB  HB2  sing N N 22  
ARG CB  HB3  sing N N 23  
ARG CG  CD   sing N N 24  
ARG CG  HG2  sing N N 25  
ARG CG  HG3  sing N N 26  
ARG CD  NE   sing N N 27  
ARG CD  HD2  sing N N 28  
ARG CD  HD3  sing N N 29  
ARG NE  CZ   sing N N 30  
ARG NE  HE   sing N N 31  
ARG CZ  NH1  sing N N 32  
ARG CZ  NH2  doub N N 33  
ARG NH1 HH11 sing N N 34  
ARG NH1 HH12 sing N N 35  
ARG NH2 HH21 sing N N 36  
ARG NH2 HH22 sing N N 37  
ARG OXT HXT  sing N N 38  
ASN N   CA   sing N N 39  
ASN N   H    sing N N 40  
ASN N   H2   sing N N 41  
ASN CA  C    sing N N 42  
ASN CA  CB   sing N N 43  
ASN CA  HA   sing N N 44  
ASN C   O    doub N N 45  
ASN C   OXT  sing N N 46  
ASN CB  CG   sing N N 47  
ASN CB  HB2  sing N N 48  
ASN CB  HB3  sing N N 49  
ASN CG  OD1  doub N N 50  
ASN CG  ND2  sing N N 51  
ASN ND2 HD21 sing N N 52  
ASN ND2 HD22 sing N N 53  
ASN OXT HXT  sing N N 54  
ASP N   CA   sing N N 55  
ASP N   H    sing N N 56  
ASP N   H2   sing N N 57  
ASP CA  C    sing N N 58  
ASP CA  CB   sing N N 59  
ASP CA  HA   sing N N 60  
ASP C   O    doub N N 61  
ASP C   OXT  sing N N 62  
ASP CB  CG   sing N N 63  
ASP CB  HB2  sing N N 64  
ASP CB  HB3  sing N N 65  
ASP CG  OD1  doub N N 66  
ASP CG  OD2  sing N N 67  
ASP OD2 HD2  sing N N 68  
ASP OXT HXT  sing N N 69  
FEA FE1 O    sing N N 70  
FEA FE2 O    sing N N 71  
FEA FE2 NA   sing N N 72  
FEA NA  NB   doub N N 73  
FEA NB  NC   doub N N 74  
GLN N   CA   sing N N 75  
GLN N   H    sing N N 76  
GLN N   H2   sing N N 77  
GLN CA  C    sing N N 78  
GLN CA  CB   sing N N 79  
GLN CA  HA   sing N N 80  
GLN C   O    doub N N 81  
GLN C   OXT  sing N N 82  
GLN CB  CG   sing N N 83  
GLN CB  HB2  sing N N 84  
GLN CB  HB3  sing N N 85  
GLN CG  CD   sing N N 86  
GLN CG  HG2  sing N N 87  
GLN CG  HG3  sing N N 88  
GLN CD  OE1  doub N N 89  
GLN CD  NE2  sing N N 90  
GLN NE2 HE21 sing N N 91  
GLN NE2 HE22 sing N N 92  
GLN OXT HXT  sing N N 93  
GLU N   CA   sing N N 94  
GLU N   H    sing N N 95  
GLU N   H2   sing N N 96  
GLU CA  C    sing N N 97  
GLU CA  CB   sing N N 98  
GLU CA  HA   sing N N 99  
GLU C   O    doub N N 100 
GLU C   OXT  sing N N 101 
GLU CB  CG   sing N N 102 
GLU CB  HB2  sing N N 103 
GLU CB  HB3  sing N N 104 
GLU CG  CD   sing N N 105 
GLU CG  HG2  sing N N 106 
GLU CG  HG3  sing N N 107 
GLU CD  OE1  doub N N 108 
GLU CD  OE2  sing N N 109 
GLU OE2 HE2  sing N N 110 
GLU OXT HXT  sing N N 111 
GLY N   CA   sing N N 112 
GLY N   H    sing N N 113 
GLY N   H2   sing N N 114 
GLY CA  C    sing N N 115 
GLY CA  HA2  sing N N 116 
GLY CA  HA3  sing N N 117 
GLY C   O    doub N N 118 
GLY C   OXT  sing N N 119 
GLY OXT HXT  sing N N 120 
HIS N   CA   sing N N 121 
HIS N   H    sing N N 122 
HIS N   H2   sing N N 123 
HIS CA  C    sing N N 124 
HIS CA  CB   sing N N 125 
HIS CA  HA   sing N N 126 
HIS C   O    doub N N 127 
HIS C   OXT  sing N N 128 
HIS CB  CG   sing N N 129 
HIS CB  HB2  sing N N 130 
HIS CB  HB3  sing N N 131 
HIS CG  ND1  sing Y N 132 
HIS CG  CD2  doub Y N 133 
HIS ND1 CE1  doub Y N 134 
HIS ND1 HD1  sing N N 135 
HIS CD2 NE2  sing Y N 136 
HIS CD2 HD2  sing N N 137 
HIS CE1 NE2  sing Y N 138 
HIS CE1 HE1  sing N N 139 
HIS NE2 HE2  sing N N 140 
HIS OXT HXT  sing N N 141 
HOH O   H1   sing N N 142 
HOH O   H2   sing N N 143 
ILE N   CA   sing N N 144 
ILE N   H    sing N N 145 
ILE N   H2   sing N N 146 
ILE CA  C    sing N N 147 
ILE CA  CB   sing N N 148 
ILE CA  HA   sing N N 149 
ILE C   O    doub N N 150 
ILE C   OXT  sing N N 151 
ILE CB  CG1  sing N N 152 
ILE CB  CG2  sing N N 153 
ILE CB  HB   sing N N 154 
ILE CG1 CD1  sing N N 155 
ILE CG1 HG12 sing N N 156 
ILE CG1 HG13 sing N N 157 
ILE CG2 HG21 sing N N 158 
ILE CG2 HG22 sing N N 159 
ILE CG2 HG23 sing N N 160 
ILE CD1 HD11 sing N N 161 
ILE CD1 HD12 sing N N 162 
ILE CD1 HD13 sing N N 163 
ILE OXT HXT  sing N N 164 
LEU N   CA   sing N N 165 
LEU N   H    sing N N 166 
LEU N   H2   sing N N 167 
LEU CA  C    sing N N 168 
LEU CA  CB   sing N N 169 
LEU CA  HA   sing N N 170 
LEU C   O    doub N N 171 
LEU C   OXT  sing N N 172 
LEU CB  CG   sing N N 173 
LEU CB  HB2  sing N N 174 
LEU CB  HB3  sing N N 175 
LEU CG  CD1  sing N N 176 
LEU CG  CD2  sing N N 177 
LEU CG  HG   sing N N 178 
LEU CD1 HD11 sing N N 179 
LEU CD1 HD12 sing N N 180 
LEU CD1 HD13 sing N N 181 
LEU CD2 HD21 sing N N 182 
LEU CD2 HD22 sing N N 183 
LEU CD2 HD23 sing N N 184 
LEU OXT HXT  sing N N 185 
LYS N   CA   sing N N 186 
LYS N   H    sing N N 187 
LYS N   H2   sing N N 188 
LYS CA  C    sing N N 189 
LYS CA  CB   sing N N 190 
LYS CA  HA   sing N N 191 
LYS C   O    doub N N 192 
LYS C   OXT  sing N N 193 
LYS CB  CG   sing N N 194 
LYS CB  HB2  sing N N 195 
LYS CB  HB3  sing N N 196 
LYS CG  CD   sing N N 197 
LYS CG  HG2  sing N N 198 
LYS CG  HG3  sing N N 199 
LYS CD  CE   sing N N 200 
LYS CD  HD2  sing N N 201 
LYS CD  HD3  sing N N 202 
LYS CE  NZ   sing N N 203 
LYS CE  HE2  sing N N 204 
LYS CE  HE3  sing N N 205 
LYS NZ  HZ1  sing N N 206 
LYS NZ  HZ2  sing N N 207 
LYS NZ  HZ3  sing N N 208 
LYS OXT HXT  sing N N 209 
MET N   CA   sing N N 210 
MET N   H    sing N N 211 
MET N   H2   sing N N 212 
MET CA  C    sing N N 213 
MET CA  CB   sing N N 214 
MET CA  HA   sing N N 215 
MET C   O    doub N N 216 
MET C   OXT  sing N N 217 
MET CB  CG   sing N N 218 
MET CB  HB2  sing N N 219 
MET CB  HB3  sing N N 220 
MET CG  SD   sing N N 221 
MET CG  HG2  sing N N 222 
MET CG  HG3  sing N N 223 
MET SD  CE   sing N N 224 
MET CE  HE1  sing N N 225 
MET CE  HE2  sing N N 226 
MET CE  HE3  sing N N 227 
MET OXT HXT  sing N N 228 
PHE N   CA   sing N N 229 
PHE N   H    sing N N 230 
PHE N   H2   sing N N 231 
PHE CA  C    sing N N 232 
PHE CA  CB   sing N N 233 
PHE CA  HA   sing N N 234 
PHE C   O    doub N N 235 
PHE C   OXT  sing N N 236 
PHE CB  CG   sing N N 237 
PHE CB  HB2  sing N N 238 
PHE CB  HB3  sing N N 239 
PHE CG  CD1  doub Y N 240 
PHE CG  CD2  sing Y N 241 
PHE CD1 CE1  sing Y N 242 
PHE CD1 HD1  sing N N 243 
PHE CD2 CE2  doub Y N 244 
PHE CD2 HD2  sing N N 245 
PHE CE1 CZ   doub Y N 246 
PHE CE1 HE1  sing N N 247 
PHE CE2 CZ   sing Y N 248 
PHE CE2 HE2  sing N N 249 
PHE CZ  HZ   sing N N 250 
PHE OXT HXT  sing N N 251 
PRO N   CA   sing N N 252 
PRO N   CD   sing N N 253 
PRO N   H    sing N N 254 
PRO CA  C    sing N N 255 
PRO CA  CB   sing N N 256 
PRO CA  HA   sing N N 257 
PRO C   O    doub N N 258 
PRO C   OXT  sing N N 259 
PRO CB  CG   sing N N 260 
PRO CB  HB2  sing N N 261 
PRO CB  HB3  sing N N 262 
PRO CG  CD   sing N N 263 
PRO CG  HG2  sing N N 264 
PRO CG  HG3  sing N N 265 
PRO CD  HD2  sing N N 266 
PRO CD  HD3  sing N N 267 
PRO OXT HXT  sing N N 268 
SER N   CA   sing N N 269 
SER N   H    sing N N 270 
SER N   H2   sing N N 271 
SER CA  C    sing N N 272 
SER CA  CB   sing N N 273 
SER CA  HA   sing N N 274 
SER C   O    doub N N 275 
SER C   OXT  sing N N 276 
SER CB  OG   sing N N 277 
SER CB  HB2  sing N N 278 
SER CB  HB3  sing N N 279 
SER OG  HG   sing N N 280 
SER OXT HXT  sing N N 281 
SO4 S   O1   doub N N 282 
SO4 S   O2   doub N N 283 
SO4 S   O3   sing N N 284 
SO4 S   O4   sing N N 285 
THR N   CA   sing N N 286 
THR N   H    sing N N 287 
THR N   H2   sing N N 288 
THR CA  C    sing N N 289 
THR CA  CB   sing N N 290 
THR CA  HA   sing N N 291 
THR C   O    doub N N 292 
THR C   OXT  sing N N 293 
THR CB  OG1  sing N N 294 
THR CB  CG2  sing N N 295 
THR CB  HB   sing N N 296 
THR OG1 HG1  sing N N 297 
THR CG2 HG21 sing N N 298 
THR CG2 HG22 sing N N 299 
THR CG2 HG23 sing N N 300 
THR OXT HXT  sing N N 301 
TRP N   CA   sing N N 302 
TRP N   H    sing N N 303 
TRP N   H2   sing N N 304 
TRP CA  C    sing N N 305 
TRP CA  CB   sing N N 306 
TRP CA  HA   sing N N 307 
TRP C   O    doub N N 308 
TRP C   OXT  sing N N 309 
TRP CB  CG   sing N N 310 
TRP CB  HB2  sing N N 311 
TRP CB  HB3  sing N N 312 
TRP CG  CD1  doub Y N 313 
TRP CG  CD2  sing Y N 314 
TRP CD1 NE1  sing Y N 315 
TRP CD1 HD1  sing N N 316 
TRP CD2 CE2  doub Y N 317 
TRP CD2 CE3  sing Y N 318 
TRP NE1 CE2  sing Y N 319 
TRP NE1 HE1  sing N N 320 
TRP CE2 CZ2  sing Y N 321 
TRP CE3 CZ3  doub Y N 322 
TRP CE3 HE3  sing N N 323 
TRP CZ2 CH2  doub Y N 324 
TRP CZ2 HZ2  sing N N 325 
TRP CZ3 CH2  sing Y N 326 
TRP CZ3 HZ3  sing N N 327 
TRP CH2 HH2  sing N N 328 
TRP OXT HXT  sing N N 329 
TYR N   CA   sing N N 330 
TYR N   H    sing N N 331 
TYR N   H2   sing N N 332 
TYR CA  C    sing N N 333 
TYR CA  CB   sing N N 334 
TYR CA  HA   sing N N 335 
TYR C   O    doub N N 336 
TYR C   OXT  sing N N 337 
TYR CB  CG   sing N N 338 
TYR CB  HB2  sing N N 339 
TYR CB  HB3  sing N N 340 
TYR CG  CD1  doub Y N 341 
TYR CG  CD2  sing Y N 342 
TYR CD1 CE1  sing Y N 343 
TYR CD1 HD1  sing N N 344 
TYR CD2 CE2  doub Y N 345 
TYR CD2 HD2  sing N N 346 
TYR CE1 CZ   doub Y N 347 
TYR CE1 HE1  sing N N 348 
TYR CE2 CZ   sing Y N 349 
TYR CE2 HE2  sing N N 350 
TYR CZ  OH   sing N N 351 
TYR OH  HH   sing N N 352 
TYR OXT HXT  sing N N 353 
VAL N   CA   sing N N 354 
VAL N   H    sing N N 355 
VAL N   H2   sing N N 356 
VAL CA  C    sing N N 357 
VAL CA  CB   sing N N 358 
VAL CA  HA   sing N N 359 
VAL C   O    doub N N 360 
VAL C   OXT  sing N N 361 
VAL CB  CG1  sing N N 362 
VAL CB  CG2  sing N N 363 
VAL CB  HB   sing N N 364 
VAL CG1 HG11 sing N N 365 
VAL CG1 HG12 sing N N 366 
VAL CG1 HG13 sing N N 367 
VAL CG2 HG21 sing N N 368 
VAL CG2 HG22 sing N N 369 
VAL CG2 HG23 sing N N 370 
VAL OXT HXT  sing N N 371 
# 
_atom_sites.entry_id                    2AVK 
_atom_sites.fract_transf_matrix[1][1]   -0.01093548 
_atom_sites.fract_transf_matrix[1][2]   -0.00371006 
_atom_sites.fract_transf_matrix[1][3]   0.02256708 
_atom_sites.fract_transf_matrix[2][1]   -0.00911344 
_atom_sites.fract_transf_matrix[2][2]   0.01793376 
_atom_sites.fract_transf_matrix[2][3]   -0.00146783 
_atom_sites.fract_transf_matrix[3][1]   -0.01131482 
_atom_sites.fract_transf_matrix[3][2]   -0.00628319 
_atom_sites.fract_transf_matrix[3][3]   -0.00651587 
_atom_sites.fract_transf_vector[1]      -0.792148 
_atom_sites.fract_transf_vector[2]      -0.184800 
_atom_sites.fract_transf_vector[3]      0.087349 
# 
loop_
_atom_type.symbol 
C  
FE 
N  
O  
S  
# 
loop_
_atom_site.group_PDB 
_atom_site.id 
_atom_site.type_symbol 
_atom_site.label_atom_id 
_atom_site.label_alt_id 
_atom_site.label_comp_id 
_atom_site.label_asym_id 
_atom_site.label_entity_id 
_atom_site.label_seq_id 
_atom_site.pdbx_PDB_ins_code 
_atom_site.Cartn_x 
_atom_site.Cartn_y 
_atom_site.Cartn_z 
_atom_site.occupancy 
_atom_site.B_iso_or_equiv 
_atom_site.pdbx_formal_charge 
_atom_site.auth_seq_id 
_atom_site.auth_comp_id 
_atom_site.auth_asym_id 
_atom_site.auth_atom_id 
_atom_site.pdbx_PDB_model_num 
ATOM   1    N  N   . ASP A 1 4   ? 13.560  8.671   12.518  1.00 35.01 ? 4   ASP A N   1 
ATOM   2    C  CA  . ASP A 1 4   ? 13.991  8.447   11.109  1.00 33.84 ? 4   ASP A CA  1 
ATOM   3    C  C   . ASP A 1 4   ? 12.776  8.174   10.226  1.00 31.57 ? 4   ASP A C   1 
ATOM   4    O  O   . ASP A 1 4   ? 12.434  8.977   9.356   1.00 32.18 ? 4   ASP A O   1 
ATOM   5    C  CB  . ASP A 1 4   ? 14.961  7.263   11.042  1.00 36.05 ? 4   ASP A CB  1 
ATOM   6    C  CG  . ASP A 1 4   ? 15.561  7.077   9.663   1.00 38.10 ? 4   ASP A CG  1 
ATOM   7    O  OD1 . ASP A 1 4   ? 16.215  8.019   9.167   1.00 40.26 ? 4   ASP A OD1 1 
ATOM   8    O  OD2 . ASP A 1 4   ? 15.382  5.990   9.074   1.00 39.66 ? 4   ASP A OD2 1 
ATOM   9    N  N   . VAL A 1 5   ? 12.126  7.038   10.454  1.00 28.09 ? 5   VAL A N   1 
ATOM   10   C  CA  . VAL A 1 5   ? 10.943  6.668   9.686   1.00 23.90 ? 5   VAL A CA  1 
ATOM   11   C  C   . VAL A 1 5   ? 9.802   6.285   10.618  1.00 21.95 ? 5   VAL A C   1 
ATOM   12   O  O   . VAL A 1 5   ? 10.017  5.978   11.791  1.00 21.44 ? 5   VAL A O   1 
ATOM   13   C  CB  . VAL A 1 5   ? 11.224  5.471   8.749   1.00 23.50 ? 5   VAL A CB  1 
ATOM   14   C  CG1 . VAL A 1 5   ? 12.310  5.833   7.750   1.00 24.10 ? 5   VAL A CG1 1 
ATOM   15   C  CG2 . VAL A 1 5   ? 11.630  4.256   9.563   1.00 23.13 ? 5   VAL A CG2 1 
ATOM   16   N  N   . LEU A 1 6   ? 8.585   6.309   10.090  1.00 17.86 ? 6   LEU A N   1 
ATOM   17   C  CA  . LEU A 1 6   ? 7.414   5.947   10.874  1.00 15.78 ? 6   LEU A CA  1 
ATOM   18   C  C   . LEU A 1 6   ? 7.252   4.432   10.843  1.00 14.00 ? 6   LEU A C   1 
ATOM   19   O  O   . LEU A 1 6   ? 6.953   3.803   11.858  1.00 14.21 ? 6   LEU A O   1 
ATOM   20   C  CB  . LEU A 1 6   ? 6.164   6.608   10.293  1.00 16.37 ? 6   LEU A CB  1 
ATOM   21   C  CG  . LEU A 1 6   ? 4.834   6.269   10.974  1.00 15.71 ? 6   LEU A CG  1 
ATOM   22   C  CD1 . LEU A 1 6   ? 4.857   6.711   12.426  1.00 15.98 ? 6   LEU A CD1 1 
ATOM   23   C  CD2 . LEU A 1 6   ? 3.697   6.953   10.226  1.00 17.29 ? 6   LEU A CD2 1 
ATOM   24   N  N   . VAL A 1 7   ? 7.463   3.855   9.664   1.00 11.06 ? 7   VAL A N   1 
ATOM   25   C  CA  . VAL A 1 7   ? 7.328   2.420   9.482   1.00 11.20 ? 7   VAL A CA  1 
ATOM   26   C  C   . VAL A 1 7   ? 8.620   1.796   8.977   1.00 10.87 ? 7   VAL A C   1 
ATOM   27   O  O   . VAL A 1 7   ? 9.080   2.094   7.874   1.00 10.46 ? 7   VAL A O   1 
ATOM   28   C  CB  . VAL A 1 7   ? 6.204   2.090   8.468   1.00 10.48 ? 7   VAL A CB  1 
ATOM   29   C  CG1 . VAL A 1 7   ? 6.028   0.581   8.354   1.00 11.47 ? 7   VAL A CG1 1 
ATOM   30   C  CG2 . VAL A 1 7   ? 4.904   2.752   8.899   1.00 13.34 ? 7   VAL A CG2 1 
ATOM   31   N  N   . LYS A 1 8   ? 9.211   0.939   9.804   1.00 12.49 ? 8   LYS A N   1 
ATOM   32   C  CA  . LYS A 1 8   ? 10.433  0.243   9.430   1.00 12.05 ? 8   LYS A CA  1 
ATOM   33   C  C   . LYS A 1 8   ? 10.043  -1.071  8.770   1.00 12.05 ? 8   LYS A C   1 
ATOM   34   O  O   . LYS A 1 8   ? 8.990   -1.635  9.062   1.00 13.79 ? 8   LYS A O   1 
ATOM   35   C  CB  . LYS A 1 8   ? 11.287  -0.053  10.661  1.00 13.96 ? 8   LYS A CB  1 
ATOM   36   C  CG  . LYS A 1 8   ? 12.004  1.142   11.247  1.00 18.24 ? 8   LYS A CG  1 
ATOM   37   C  CD  . LYS A 1 8   ? 12.988  0.681   12.308  1.00 20.98 ? 8   LYS A CD  1 
ATOM   38   C  CE  . LYS A 1 8   ? 13.885  1.808   12.778  1.00 23.43 ? 8   LYS A CE  1 
ATOM   39   N  NZ  . LYS A 1 8   ? 14.981  1.278   13.637  1.00 25.08 ? 8   LYS A NZ  1 
ATOM   40   N  N   . TRP A 1 9   ? 10.888  -1.558  7.874   1.00 12.22 ? 9   TRP A N   1 
ATOM   41   C  CA  . TRP A 1 9   ? 10.606  -2.821  7.210   1.00 12.58 ? 9   TRP A CA  1 
ATOM   42   C  C   . TRP A 1 9   ? 10.981  -4.000  8.102   1.00 14.69 ? 9   TRP A C   1 
ATOM   43   O  O   . TRP A 1 9   ? 12.162  -4.303  8.278   1.00 18.57 ? 9   TRP A O   1 
ATOM   44   C  CB  . TRP A 1 9   ? 11.377  -2.915  5.896   1.00 13.41 ? 9   TRP A CB  1 
ATOM   45   C  CG  . TRP A 1 9   ? 11.076  -4.168  5.150   1.00 14.47 ? 9   TRP A CG  1 
ATOM   46   C  CD1 . TRP A 1 9   ? 11.745  -5.356  5.229   1.00 14.74 ? 9   TRP A CD1 1 
ATOM   47   C  CD2 . TRP A 1 9   ? 9.990   -4.377  4.243   1.00 14.75 ? 9   TRP A CD2 1 
ATOM   48   N  NE1 . TRP A 1 9   ? 11.141  -6.294  4.426   1.00 15.66 ? 9   TRP A NE1 1 
ATOM   49   C  CE2 . TRP A 1 9   ? 10.061  -5.720  3.810   1.00 15.05 ? 9   TRP A CE2 1 
ATOM   50   C  CE3 . TRP A 1 9   ? 8.961   -3.561  3.756   1.00 14.42 ? 9   TRP A CE3 1 
ATOM   51   C  CZ2 . TRP A 1 9   ? 9.141   -6.267  2.909   1.00 15.40 ? 9   TRP A CZ2 1 
ATOM   52   C  CZ3 . TRP A 1 9   ? 8.046   -4.103  2.862   1.00 14.50 ? 9   TRP A CZ3 1 
ATOM   53   C  CH2 . TRP A 1 9   ? 8.143   -5.445  2.448   1.00 15.52 ? 9   TRP A CH2 1 
ATOM   54   N  N   . SER A 1 10  ? 9.977   -4.665  8.665   1.00 13.42 ? 10  SER A N   1 
ATOM   55   C  CA  . SER A 1 10  ? 10.229  -5.815  9.525   1.00 13.00 ? 10  SER A CA  1 
ATOM   56   C  C   . SER A 1 10  ? 10.210  -7.091  8.689   1.00 13.01 ? 10  SER A C   1 
ATOM   57   O  O   . SER A 1 10  ? 9.514   -7.174  7.674   1.00 12.74 ? 10  SER A O   1 
ATOM   58   C  CB  . SER A 1 10  ? 9.183   -5.884  10.649  1.00 12.02 ? 10  SER A CB  1 
ATOM   59   O  OG  . SER A 1 10  ? 7.862   -5.848  10.139  1.00 14.42 ? 10  SER A OG  1 
ATOM   60   N  N   . GLU A 1 11  ? 10.972  -8.090  9.121   1.00 13.66 ? 11  GLU A N   1 
ATOM   61   C  CA  . GLU A 1 11  ? 11.063  -9.340  8.380   1.00 15.66 ? 11  GLU A CA  1 
ATOM   62   C  C   . GLU A 1 11  ? 9.771   -10.120 8.177   1.00 15.04 ? 11  GLU A C   1 
ATOM   63   O  O   . GLU A 1 11  ? 9.673   -10.911 7.240   1.00 14.87 ? 11  GLU A O   1 
ATOM   64   C  CB  . GLU A 1 11  ? 12.126  -10.243 9.011   1.00 18.99 ? 11  GLU A CB  1 
ATOM   65   C  CG  . GLU A 1 11  ? 13.531  -9.687  8.870   1.00 25.09 ? 11  GLU A CG  1 
ATOM   66   C  CD  . GLU A 1 11  ? 13.853  -9.297  7.436   1.00 28.51 ? 11  GLU A CD  1 
ATOM   67   O  OE1 . GLU A 1 11  ? 13.841  -10.187 6.557   1.00 31.08 ? 11  GLU A OE1 1 
ATOM   68   O  OE2 . GLU A 1 11  ? 14.111  -8.099  7.186   1.00 30.69 ? 11  GLU A OE2 1 
ATOM   69   N  N   . ASP A 1 12  ? 8.774   -9.910  9.031   1.00 13.71 ? 12  ASP A N   1 
ATOM   70   C  CA  . ASP A 1 12  ? 7.526   -10.638 8.861   1.00 14.39 ? 12  ASP A CA  1 
ATOM   71   C  C   . ASP A 1 12  ? 6.658   -10.077 7.732   1.00 13.72 ? 12  ASP A C   1 
ATOM   72   O  O   . ASP A 1 12  ? 5.573   -10.584 7.465   1.00 15.58 ? 12  ASP A O   1 
ATOM   73   C  CB  . ASP A 1 12  ? 6.736   -10.705 10.181  1.00 14.78 ? 12  ASP A CB  1 
ATOM   74   C  CG  . ASP A 1 12  ? 6.490   -9.345  10.805  1.00 15.77 ? 12  ASP A CG  1 
ATOM   75   O  OD1 . ASP A 1 12  ? 5.729   -9.291  11.795  1.00 13.52 ? 12  ASP A OD1 1 
ATOM   76   O  OD2 . ASP A 1 12  ? 7.054   -8.341  10.324  1.00 18.63 ? 12  ASP A OD2 1 
ATOM   77   N  N   . LEU A 1 13  ? 7.145   -9.034  7.064   1.00 12.71 ? 13  LEU A N   1 
ATOM   78   C  CA  . LEU A 1 13  ? 6.414   -8.451  5.941   1.00 11.25 ? 13  LEU A CA  1 
ATOM   79   C  C   . LEU A 1 13  ? 6.872   -9.117  4.643   1.00 11.67 ? 13  LEU A C   1 
ATOM   80   O  O   . LEU A 1 13  ? 6.200   -9.027  3.616   1.00 11.40 ? 13  LEU A O   1 
ATOM   81   C  CB  . LEU A 1 13  ? 6.681   -6.947  5.833   1.00 11.41 ? 13  LEU A CB  1 
ATOM   82   C  CG  . LEU A 1 13  ? 6.242   -6.022  6.970   1.00 11.14 ? 13  LEU A CG  1 
ATOM   83   C  CD1 . LEU A 1 13  ? 6.639   -4.588  6.641   1.00 13.16 ? 13  LEU A CD1 1 
ATOM   84   C  CD2 . LEU A 1 13  ? 4.746   -6.122  7.165   1.00 14.27 ? 13  LEU A CD2 1 
ATOM   85   N  N   . ALA A 1 14  ? 8.016   -9.794  4.712   1.00 10.51 ? 14  ALA A N   1 
ATOM   86   C  CA  . ALA A 1 14  ? 8.610   -10.446 3.551   1.00 11.34 ? 14  ALA A CA  1 
ATOM   87   C  C   . ALA A 1 14  ? 7.691   -11.397 2.799   1.00 11.39 ? 14  ALA A C   1 
ATOM   88   O  O   . ALA A 1 14  ? 6.914   -12.148 3.394   1.00 13.00 ? 14  ALA A O   1 
ATOM   89   C  CB  . ALA A 1 14  ? 9.885   -11.177 3.964   1.00 12.46 ? 14  ALA A CB  1 
ATOM   90   N  N   . ASN A 1 15  ? 7.815   -11.362 1.477   1.00 9.75  ? 15  ASN A N   1 
ATOM   91   C  CA  . ASN A 1 15  ? 7.010   -12.186 0.583   1.00 10.10 ? 15  ASN A CA  1 
ATOM   92   C  C   . ASN A 1 15  ? 7.943   -12.532 -0.580  1.00 9.91  ? 15  ASN A C   1 
ATOM   93   O  O   . ASN A 1 15  ? 9.154   -12.667 -0.387  1.00 10.81 ? 15  ASN A O   1 
ATOM   94   C  CB  . ASN A 1 15  ? 5.816   -11.351 0.099   1.00 9.13  ? 15  ASN A CB  1 
ATOM   95   C  CG  . ASN A 1 15  ? 4.657   -12.194 -0.405  1.00 10.55 ? 15  ASN A CG  1 
ATOM   96   O  OD1 . ASN A 1 15  ? 4.783   -12.928 -1.383  1.00 12.13 ? 15  ASN A OD1 1 
ATOM   97   N  ND2 . ASN A 1 15  ? 3.512   -12.078 0.261   1.00 10.12 ? 15  ASN A ND2 1 
ATOM   98   N  N   . LEU A 1 16  ? 7.388   -12.666 -1.780  1.00 10.01 ? 16  LEU A N   1 
ATOM   99   C  CA  . LEU A 1 16  ? 8.188   -12.964 -2.964  1.00 10.51 ? 16  LEU A CA  1 
ATOM   100  C  C   . LEU A 1 16  ? 9.110   -11.779 -3.233  1.00 11.85 ? 16  LEU A C   1 
ATOM   101  O  O   . LEU A 1 16  ? 8.751   -10.633 -2.965  1.00 11.05 ? 16  LEU A O   1 
ATOM   102  C  CB  . LEU A 1 16  ? 7.285   -13.169 -4.180  1.00 11.80 ? 16  LEU A CB  1 
ATOM   103  C  CG  . LEU A 1 16  ? 6.215   -14.257 -4.107  1.00 13.61 ? 16  LEU A CG  1 
ATOM   104  C  CD1 . LEU A 1 16  ? 5.344   -14.196 -5.346  1.00 16.02 ? 16  LEU A CD1 1 
ATOM   105  C  CD2 . LEU A 1 16  ? 6.878   -15.614 -3.982  1.00 14.71 ? 16  LEU A CD2 1 
ATOM   106  N  N   . PRO A 1 17  ? 10.317  -12.037 -3.757  1.00 10.42 ? 17  PRO A N   1 
ATOM   107  C  CA  . PRO A 1 17  ? 11.266  -10.961 -4.055  1.00 10.69 ? 17  PRO A CA  1 
ATOM   108  C  C   . PRO A 1 17  ? 10.649  -9.808  -4.857  1.00 11.26 ? 17  PRO A C   1 
ATOM   109  O  O   . PRO A 1 17  ? 10.767  -8.645  -4.478  1.00 11.26 ? 17  PRO A O   1 
ATOM   110  C  CB  . PRO A 1 17  ? 12.358  -11.678 -4.840  1.00 12.51 ? 17  PRO A CB  1 
ATOM   111  C  CG  . PRO A 1 17  ? 12.388  -13.022 -4.201  1.00 12.52 ? 17  PRO A CG  1 
ATOM   112  C  CD  . PRO A 1 17  ? 10.922  -13.360 -4.008  1.00 12.31 ? 17  PRO A CD  1 
ATOM   113  N  N   . SER A 1 18  ? 9.988   -10.134 -5.964  1.00 12.18 ? 18  SER A N   1 
ATOM   114  C  CA  . SER A 1 18  ? 9.382   -9.106  -6.804  1.00 11.76 ? 18  SER A CA  1 
ATOM   115  C  C   . SER A 1 18  ? 8.315   -8.321  -6.053  1.00 12.46 ? 18  SER A C   1 
ATOM   116  O  O   . SER A 1 18  ? 8.231   -7.097  -6.168  1.00 11.36 ? 18  SER A O   1 
ATOM   117  C  CB  . SER A 1 18  ? 8.779   -9.736  -8.064  1.00 14.01 ? 18  SER A CB  1 
ATOM   118  O  OG  . SER A 1 18  ? 7.693   -10.589 -7.749  1.00 17.29 ? 18  SER A OG  1 
ATOM   119  N  N   . ILE A 1 19  ? 7.495   -9.035  -5.290  1.00 11.20 ? 19  ILE A N   1 
ATOM   120  C  CA  . ILE A 1 19  ? 6.444   -8.407  -4.505  1.00 9.81  ? 19  ILE A CA  1 
ATOM   121  C  C   . ILE A 1 19  ? 7.059   -7.466  -3.470  1.00 8.88  ? 19  ILE A C   1 
ATOM   122  O  O   . ILE A 1 19  ? 6.557   -6.364  -3.243  1.00 8.78  ? 19  ILE A O   1 
ATOM   123  C  CB  . ILE A 1 19  ? 5.576   -9.480  -3.792  1.00 11.68 ? 19  ILE A CB  1 
ATOM   124  C  CG1 . ILE A 1 19  ? 4.669   -10.174 -4.815  1.00 10.27 ? 19  ILE A CG1 1 
ATOM   125  C  CG2 . ILE A 1 19  ? 4.744   -8.846  -2.689  1.00 10.90 ? 19  ILE A CG2 1 
ATOM   126  C  CD1 . ILE A 1 19  ? 3.621   -9.259  -5.432  1.00 12.14 ? 19  ILE A CD1 1 
ATOM   127  N  N   . ASP A 1 20  ? 8.155   -7.899  -2.854  1.00 7.89  ? 20  ASP A N   1 
ATOM   128  C  CA  . ASP A 1 20  ? 8.832   -7.084  -1.852  1.00 7.65  ? 20  ASP A CA  1 
ATOM   129  C  C   . ASP A 1 20  ? 9.290   -5.740  -2.402  1.00 8.62  ? 20  ASP A C   1 
ATOM   130  O  O   . ASP A 1 20  ? 9.277   -4.740  -1.684  1.00 8.52  ? 20  ASP A O   1 
ATOM   131  C  CB  . ASP A 1 20  ? 10.044  -7.825  -1.285  1.00 9.19  ? 20  ASP A CB  1 
ATOM   132  C  CG  . ASP A 1 20  ? 9.670   -8.849  -0.234  1.00 10.73 ? 20  ASP A CG  1 
ATOM   133  O  OD1 . ASP A 1 20  ? 8.464   -9.044  0.027   1.00 12.21 ? 20  ASP A OD1 1 
ATOM   134  O  OD2 . ASP A 1 20  ? 10.600  -9.456  0.332   1.00 12.45 ? 20  ASP A OD2 1 
ATOM   135  N  N   . THR A 1 21  ? 9.706   -5.705  -3.665  1.00 8.49  ? 21  THR A N   1 
ATOM   136  C  CA  . THR A 1 21  ? 10.159  -4.441  -4.234  1.00 8.78  ? 21  THR A CA  1 
ATOM   137  C  C   . THR A 1 21  ? 9.019   -3.432  -4.271  1.00 9.09  ? 21  THR A C   1 
ATOM   138  O  O   . THR A 1 21  ? 9.246   -2.240  -4.086  1.00 9.84  ? 21  THR A O   1 
ATOM   139  C  CB  . THR A 1 21  ? 10.748  -4.600  -5.668  1.00 9.65  ? 21  THR A CB  1 
ATOM   140  O  OG1 . THR A 1 21  ? 9.710   -4.944  -6.599  1.00 9.32  ? 21  THR A OG1 1 
ATOM   141  C  CG2 . THR A 1 21  ? 11.828  -5.676  -5.681  1.00 9.31  ? 21  THR A CG2 1 
ATOM   142  N  N   . GLN A 1 22  ? 7.793   -3.907  -4.484  1.00 7.66  ? 22  GLN A N   1 
ATOM   143  C  CA  . GLN A 1 22  ? 6.646   -3.008  -4.537  1.00 6.71  ? 22  GLN A CA  1 
ATOM   144  C  C   . GLN A 1 22  ? 6.146   -2.635  -3.145  1.00 6.68  ? 22  GLN A C   1 
ATOM   145  O  O   . GLN A 1 22  ? 5.795   -1.479  -2.899  1.00 6.39  ? 22  GLN A O   1 
ATOM   146  C  CB  . GLN A 1 22  ? 5.517   -3.630  -5.365  1.00 7.81  ? 22  GLN A CB  1 
ATOM   147  C  CG  . GLN A 1 22  ? 5.989   -4.078  -6.745  1.00 8.87  ? 22  GLN A CG  1 
ATOM   148  C  CD  . GLN A 1 22  ? 4.885   -4.090  -7.783  1.00 12.43 ? 22  GLN A CD  1 
ATOM   149  O  OE1 . GLN A 1 22  ? 3.709   -4.248  -7.460  1.00 13.12 ? 22  GLN A OE1 1 
ATOM   150  N  NE2 . GLN A 1 22  ? 5.265   -3.933  -9.047  1.00 13.15 ? 22  GLN A NE2 1 
ATOM   151  N  N   . HIS A 1 23  ? 6.115   -3.604  -2.236  1.00 6.24  ? 23  HIS A N   1 
ATOM   152  C  CA  . HIS A 1 23  ? 5.672   -3.331  -0.874  1.00 6.51  ? 23  HIS A CA  1 
ATOM   153  C  C   . HIS A 1 23  ? 6.640   -2.374  -0.193  1.00 7.45  ? 23  HIS A C   1 
ATOM   154  O  O   . HIS A 1 23  ? 6.226   -1.527  0.594   1.00 6.90  ? 23  HIS A O   1 
ATOM   155  C  CB  . HIS A 1 23  ? 5.545   -4.639  -0.083  1.00 6.69  ? 23  HIS A CB  1 
ATOM   156  C  CG  . HIS A 1 23  ? 4.347   -5.453  -0.464  1.00 5.97  ? 23  HIS A CG  1 
ATOM   157  N  ND1 . HIS A 1 23  ? 4.150   -6.762  -0.085  1.00 7.98  ? 23  HIS A ND1 1 
ATOM   158  C  CD2 . HIS A 1 23  ? 3.246   -5.108  -1.179  1.00 7.70  ? 23  HIS A CD2 1 
ATOM   159  C  CE1 . HIS A 1 23  ? 2.961   -7.161  -0.566  1.00 7.28  ? 23  HIS A CE1 1 
ATOM   160  N  NE2 . HIS A 1 23  ? 2.370   -6.194  -1.238  1.00 6.24  ? 23  HIS A NE2 1 
ATOM   161  N  N   . LYS A 1 24  ? 7.929   -2.496  -0.507  1.00 7.95  ? 24  LYS A N   1 
ATOM   162  C  CA  . LYS A 1 24  ? 8.930   -1.606  0.070   1.00 8.30  ? 24  LYS A CA  1 
ATOM   163  C  C   . LYS A 1 24  ? 8.663   -0.182  -0.425  1.00 7.73  ? 24  LYS A C   1 
ATOM   164  O  O   . LYS A 1 24  ? 8.777   0.775   0.344   1.00 7.97  ? 24  LYS A O   1 
ATOM   165  C  CB  . LYS A 1 24  ? 10.339  -2.060  -0.331  1.00 11.31 ? 24  LYS A CB  1 
ATOM   166  C  CG  . LYS A 1 24  ? 11.473  -1.260  0.296   1.00 18.18 ? 24  LYS A CG  1 
ATOM   167  C  CD  . LYS A 1 24  ? 11.457  -1.341  1.813   1.00 22.26 ? 24  LYS A CD  1 
ATOM   168  C  CE  . LYS A 1 24  ? 12.734  -0.755  2.411   1.00 23.56 ? 24  LYS A CE  1 
ATOM   169  N  NZ  . LYS A 1 24  ? 13.003  0.635   1.935   1.00 25.78 ? 24  LYS A NZ  1 
ATOM   170  N  N   . ARG A 1 25  ? 8.304   -0.048  -1.701  1.00 8.43  ? 25  ARG A N   1 
ATOM   171  C  CA  . ARG A 1 25  ? 7.989   1.257   -2.291  1.00 10.21 ? 25  ARG A CA  1 
ATOM   172  C  C   . ARG A 1 25  ? 6.812   1.891   -1.546  1.00 8.84  ? 25  ARG A C   1 
ATOM   173  O  O   . ARG A 1 25  ? 6.820   3.091   -1.253  1.00 9.70  ? 25  ARG A O   1 
ATOM   174  C  CB  . ARG A 1 25  ? 7.606   1.115   -3.775  1.00 13.62 ? 25  ARG A CB  1 
ATOM   175  C  CG  . ARG A 1 25  ? 8.743   0.828   -4.756  1.00 18.76 ? 25  ARG A CG  1 
ATOM   176  C  CD  . ARG A 1 25  ? 9.531   2.084   -5.119  1.00 21.20 ? 25  ARG A CD  1 
ATOM   177  N  NE  . ARG A 1 25  ? 8.735   3.135   -5.761  1.00 20.87 ? 25  ARG A NE  1 
ATOM   178  C  CZ  . ARG A 1 25  ? 8.403   3.178   -7.052  1.00 20.04 ? 25  ARG A CZ  1 
ATOM   179  N  NH1 . ARG A 1 25  ? 8.781   2.221   -7.887  1.00 19.20 ? 25  ARG A NH1 1 
ATOM   180  N  NH2 . ARG A 1 25  ? 7.708   4.208   -7.520  1.00 20.26 ? 25  ARG A NH2 1 
ATOM   181  N  N   . LEU A 1 26  ? 5.790   1.089   -1.252  1.00 8.65  ? 26  LEU A N   1 
ATOM   182  C  CA  . LEU A 1 26  ? 4.619   1.601   -0.545  1.00 7.46  ? 26  LEU A CA  1 
ATOM   183  C  C   . LEU A 1 26  ? 5.004   2.087   0.849   1.00 8.04  ? 26  LEU A C   1 
ATOM   184  O  O   . LEU A 1 26  ? 4.561   3.148   1.291   1.00 7.68  ? 26  LEU A O   1 
ATOM   185  C  CB  . LEU A 1 26  ? 3.536   0.522   -0.457  1.00 9.03  ? 26  LEU A CB  1 
ATOM   186  C  CG  . LEU A 1 26  ? 2.810   0.226   -1.775  1.00 9.25  ? 26  LEU A CG  1 
ATOM   187  C  CD1 . LEU A 1 26  ? 2.002   -1.050  -1.637  1.00 10.59 ? 26  LEU A CD1 1 
ATOM   188  C  CD2 . LEU A 1 26  ? 1.910   1.397   -2.149  1.00 9.44  ? 26  LEU A CD2 1 
ATOM   189  N  N   . VAL A 1 27  ? 5.832   1.316   1.544   1.00 7.39  ? 27  VAL A N   1 
ATOM   190  C  CA  . VAL A 1 27  ? 6.268   1.718   2.875   1.00 8.01  ? 27  VAL A CA  1 
ATOM   191  C  C   . VAL A 1 27  ? 7.090   3.003   2.770   1.00 8.72  ? 27  VAL A C   1 
ATOM   192  O  O   . VAL A 1 27  ? 6.953   3.904   3.600   1.00 8.42  ? 27  VAL A O   1 
ATOM   193  C  CB  . VAL A 1 27  ? 7.100   0.604   3.548   1.00 6.98  ? 27  VAL A CB  1 
ATOM   194  C  CG1 . VAL A 1 27  ? 7.704   1.114   4.853   1.00 8.62  ? 27  VAL A CG1 1 
ATOM   195  C  CG2 . VAL A 1 27  ? 6.207   -0.596  3.828   1.00 8.74  ? 27  VAL A CG2 1 
ATOM   196  N  N   . ASP A 1 28  ? 7.932   3.094   1.742   1.00 8.27  ? 28  ASP A N   1 
ATOM   197  C  CA  . ASP A 1 28  ? 8.743   4.294   1.548   1.00 8.12  ? 28  ASP A CA  1 
ATOM   198  C  C   . ASP A 1 28  ? 7.842   5.512   1.355   1.00 8.79  ? 28  ASP A C   1 
ATOM   199  O  O   . ASP A 1 28  ? 8.111   6.582   1.899   1.00 8.38  ? 28  ASP A O   1 
ATOM   200  C  CB  . ASP A 1 28  ? 9.672   4.142   0.339   1.00 10.21 ? 28  ASP A CB  1 
ATOM   201  C  CG  . ASP A 1 28  ? 10.838  3.202   0.607   1.00 10.80 ? 28  ASP A CG  1 
ATOM   202  O  OD1 . ASP A 1 28  ? 11.073  2.857   1.783   1.00 13.87 ? 28  ASP A OD1 1 
ATOM   203  O  OD2 . ASP A 1 28  ? 11.527  2.818   -0.359  1.00 13.84 ? 28  ASP A OD2 1 
ATOM   204  N  N   . TYR A 1 29  ? 6.777   5.351   0.576   1.00 8.58  ? 29  TYR A N   1 
ATOM   205  C  CA  . TYR A 1 29  ? 5.845   6.451   0.338   1.00 8.89  ? 29  TYR A CA  1 
ATOM   206  C  C   . TYR A 1 29  ? 5.196   6.893   1.646   1.00 8.45  ? 29  TYR A C   1 
ATOM   207  O  O   . TYR A 1 29  ? 5.010   8.085   1.880   1.00 7.99  ? 29  TYR A O   1 
ATOM   208  C  CB  . TYR A 1 29  ? 4.766   6.032   -0.668  1.00 9.00  ? 29  TYR A CB  1 
ATOM   209  C  CG  . TYR A 1 29  ? 5.184   6.178   -2.114  1.00 9.51  ? 29  TYR A CG  1 
ATOM   210  C  CD1 . TYR A 1 29  ? 5.027   5.122   -3.012  1.00 7.73  ? 29  TYR A CD1 1 
ATOM   211  C  CD2 . TYR A 1 29  ? 5.727   7.375   -2.592  1.00 10.62 ? 29  TYR A CD2 1 
ATOM   212  C  CE1 . TYR A 1 29  ? 5.399   5.246   -4.344  1.00 9.20  ? 29  TYR A CE1 1 
ATOM   213  C  CE2 . TYR A 1 29  ? 6.104   7.510   -3.931  1.00 10.44 ? 29  TYR A CE2 1 
ATOM   214  C  CZ  . TYR A 1 29  ? 5.936   6.440   -4.797  1.00 11.11 ? 29  TYR A CZ  1 
ATOM   215  O  OH  . TYR A 1 29  ? 6.306   6.557   -6.117  1.00 11.30 ? 29  TYR A OH  1 
ATOM   216  N  N   . ILE A 1 30  ? 4.850   5.933   2.497   1.00 9.49  ? 30  ILE A N   1 
ATOM   217  C  CA  . ILE A 1 30  ? 4.246   6.260   3.783   1.00 8.94  ? 30  ILE A CA  1 
ATOM   218  C  C   . ILE A 1 30  ? 5.218   7.096   4.602   1.00 7.72  ? 30  ILE A C   1 
ATOM   219  O  O   . ILE A 1 30  ? 4.835   8.098   5.206   1.00 7.66  ? 30  ILE A O   1 
ATOM   220  C  CB  . ILE A 1 30  ? 3.884   4.993   4.584   1.00 10.79 ? 30  ILE A CB  1 
ATOM   221  C  CG1 . ILE A 1 30  ? 2.664   4.317   3.954   1.00 13.67 ? 30  ILE A CG1 1 
ATOM   222  C  CG2 . ILE A 1 30  ? 3.602   5.352   6.043   1.00 13.19 ? 30  ILE A CG2 1 
ATOM   223  C  CD1 . ILE A 1 30  ? 2.240   3.054   4.660   1.00 18.17 ? 30  ILE A CD1 1 
ATOM   224  N  N   . ASN A 1 31  ? 6.482   6.691   4.620   1.00 7.48  ? 31  ASN A N   1 
ATOM   225  C  CA  . ASN A 1 31  ? 7.462   7.441   5.383   1.00 7.66  ? 31  ASN A CA  1 
ATOM   226  C  C   . ASN A 1 31  ? 7.706   8.828   4.798   1.00 8.67  ? 31  ASN A C   1 
ATOM   227  O  O   . ASN A 1 31  ? 7.923   9.781   5.547   1.00 8.72  ? 31  ASN A O   1 
ATOM   228  C  CB  . ASN A 1 31  ? 8.760   6.642   5.507   1.00 10.03 ? 31  ASN A CB  1 
ATOM   229  C  CG  . ASN A 1 31  ? 8.592   5.423   6.388   1.00 9.40  ? 31  ASN A CG  1 
ATOM   230  O  OD1 . ASN A 1 31  ? 7.930   5.489   7.421   1.00 11.17 ? 31  ASN A OD1 1 
ATOM   231  N  ND2 . ASN A 1 31  ? 9.188   4.307   5.990   1.00 9.94  ? 31  ASN A ND2 1 
ATOM   232  N  N   . ASP A 1 32  ? 7.654   8.952   3.475   1.00 8.80  ? 32  ASP A N   1 
ATOM   233  C  CA  . ASP A 1 32  ? 7.839   10.258  2.844   1.00 9.43  ? 32  ASP A CA  1 
ATOM   234  C  C   . ASP A 1 32  ? 6.660   11.161  3.208   1.00 9.33  ? 32  ASP A C   1 
ATOM   235  O  O   . ASP A 1 32  ? 6.829   12.360  3.432   1.00 10.26 ? 32  ASP A O   1 
ATOM   236  C  CB  . ASP A 1 32  ? 7.909   10.136  1.317   1.00 11.68 ? 32  ASP A CB  1 
ATOM   237  C  CG  . ASP A 1 32  ? 9.112   9.351   0.845   1.00 17.51 ? 32  ASP A CG  1 
ATOM   238  O  OD1 . ASP A 1 32  ? 10.198  9.515   1.439   1.00 19.58 ? 32  ASP A OD1 1 
ATOM   239  O  OD2 . ASP A 1 32  ? 8.975   8.584   -0.132  1.00 21.36 ? 32  ASP A OD2 1 
ATOM   240  N  N   . LEU A 1 33  ? 5.466   10.577  3.263   1.00 9.96  ? 33  LEU A N   1 
ATOM   241  C  CA  . LEU A 1 33  ? 4.258   11.325  3.593   1.00 8.78  ? 33  LEU A CA  1 
ATOM   242  C  C   . LEU A 1 33  ? 4.344   11.845  5.021   1.00 8.53  ? 33  LEU A C   1 
ATOM   243  O  O   . LEU A 1 33  ? 4.010   12.999  5.296   1.00 10.19 ? 33  LEU A O   1 
ATOM   244  C  CB  . LEU A 1 33  ? 3.024   10.431  3.434   1.00 8.97  ? 33  LEU A CB  1 
ATOM   245  C  CG  . LEU A 1 33  ? 1.663   11.109  3.609   1.00 8.78  ? 33  LEU A CG  1 
ATOM   246  C  CD1 . LEU A 1 33  ? 1.533   12.279  2.639   1.00 10.57 ? 33  LEU A CD1 1 
ATOM   247  C  CD2 . LEU A 1 33  ? 0.559   10.092  3.368   1.00 10.29 ? 33  LEU A CD2 1 
ATOM   248  N  N   . TYR A 1 34  ? 4.800   10.987  5.927   1.00 8.85  ? 34  TYR A N   1 
ATOM   249  C  CA  . TYR A 1 34  ? 4.945   11.372  7.323   1.00 9.90  ? 34  TYR A CA  1 
ATOM   250  C  C   . TYR A 1 34  ? 5.935   12.526  7.452   1.00 10.72 ? 34  TYR A C   1 
ATOM   251  O  O   . TYR A 1 34  ? 5.655   13.523  8.117   1.00 9.92  ? 34  TYR A O   1 
ATOM   252  C  CB  . TYR A 1 34  ? 5.439   10.182  8.148   1.00 12.57 ? 34  TYR A CB  1 
ATOM   253  C  CG  . TYR A 1 34  ? 5.818   10.549  9.564   1.00 16.61 ? 34  TYR A CG  1 
ATOM   254  C  CD1 . TYR A 1 34  ? 4.846   10.922  10.491  1.00 17.56 ? 34  TYR A CD1 1 
ATOM   255  C  CD2 . TYR A 1 34  ? 7.151   10.554  9.968   1.00 19.25 ? 34  TYR A CD2 1 
ATOM   256  C  CE1 . TYR A 1 34  ? 5.195   11.293  11.788  1.00 20.91 ? 34  TYR A CE1 1 
ATOM   257  C  CE2 . TYR A 1 34  ? 7.510   10.925  11.265  1.00 21.92 ? 34  TYR A CE2 1 
ATOM   258  C  CZ  . TYR A 1 34  ? 6.526   11.293  12.167  1.00 20.74 ? 34  TYR A CZ  1 
ATOM   259  O  OH  . TYR A 1 34  ? 6.871   11.668  13.447  1.00 24.74 ? 34  TYR A OH  1 
ATOM   260  N  N   . ARG A 1 35  ? 7.089   12.393  6.806   1.00 11.11 ? 35  ARG A N   1 
ATOM   261  C  CA  . ARG A 1 35  ? 8.107   13.436  6.882   1.00 11.69 ? 35  ARG A CA  1 
ATOM   262  C  C   . ARG A 1 35  ? 7.630   14.782  6.340   1.00 11.75 ? 35  ARG A C   1 
ATOM   263  O  O   . ARG A 1 35  ? 7.972   15.835  6.888   1.00 10.54 ? 35  ARG A O   1 
ATOM   264  C  CB  . ARG A 1 35  ? 9.383   12.988  6.160   1.00 12.35 ? 35  ARG A CB  1 
ATOM   265  C  CG  . ARG A 1 35  ? 10.146  11.888  6.896   1.00 15.80 ? 35  ARG A CG  1 
ATOM   266  C  CD  . ARG A 1 35  ? 11.558  11.713  6.344   1.00 20.08 ? 35  ARG A CD  1 
ATOM   267  N  NE  . ARG A 1 35  ? 11.583  11.082  5.026   1.00 22.89 ? 35  ARG A NE  1 
ATOM   268  C  CZ  . ARG A 1 35  ? 11.533  9.769   4.820   1.00 23.94 ? 35  ARG A CZ  1 
ATOM   269  N  NH1 . ARG A 1 35  ? 11.459  8.931   5.845   1.00 24.68 ? 35  ARG A NH1 1 
ATOM   270  N  NH2 . ARG A 1 35  ? 11.554  9.293   3.584   1.00 25.13 ? 35  ARG A NH2 1 
ATOM   271  N  N   . ALA A 1 36  ? 6.837   14.756  5.274   1.00 10.39 ? 36  ALA A N   1 
ATOM   272  C  CA  . ALA A 1 36  ? 6.320   15.991  4.697   1.00 9.46  ? 36  ALA A CA  1 
ATOM   273  C  C   . ALA A 1 36  ? 5.355   16.648  5.679   1.00 11.26 ? 36  ALA A C   1 
ATOM   274  O  O   . ALA A 1 36  ? 5.383   17.866  5.872   1.00 11.48 ? 36  ALA A O   1 
ATOM   275  C  CB  . ALA A 1 36  ? 5.610   15.701  3.375   1.00 10.66 ? 36  ALA A CB  1 
ATOM   276  N  N   . ALA A 1 37  ? 4.507   15.836  6.303   1.00 10.75 ? 37  ALA A N   1 
ATOM   277  C  CA  . ALA A 1 37  ? 3.537   16.336  7.268   1.00 12.13 ? 37  ALA A CA  1 
ATOM   278  C  C   . ALA A 1 37  ? 4.257   16.899  8.490   1.00 12.30 ? 37  ALA A C   1 
ATOM   279  O  O   . ALA A 1 37  ? 3.865   17.935  9.027   1.00 12.06 ? 37  ALA A O   1 
ATOM   280  C  CB  . ALA A 1 37  ? 2.588   15.213  7.684   1.00 11.35 ? 37  ALA A CB  1 
ATOM   281  N  N   . ARG A 1 38  ? 5.312   16.212  8.921   1.00 13.68 ? 38  ARG A N   1 
ATOM   282  C  CA  . ARG A 1 38  ? 6.094   16.643  10.077  1.00 14.18 ? 38  ARG A CA  1 
ATOM   283  C  C   . ARG A 1 38  ? 6.750   17.997  9.818   1.00 14.63 ? 38  ARG A C   1 
ATOM   284  O  O   . ARG A 1 38  ? 6.948   18.787  10.742  1.00 15.20 ? 38  ARG A O   1 
ATOM   285  C  CB  . ARG A 1 38  ? 7.168   15.601  10.404  1.00 16.05 ? 38  ARG A CB  1 
ATOM   286  C  CG  . ARG A 1 38  ? 8.040   15.960  11.596  1.00 17.93 ? 38  ARG A CG  1 
ATOM   287  C  CD  . ARG A 1 38  ? 9.021   14.848  11.913  1.00 19.87 ? 38  ARG A CD  1 
ATOM   288  N  NE  . ARG A 1 38  ? 9.975   14.633  10.828  1.00 21.83 ? 38  ARG A NE  1 
ATOM   289  C  CZ  . ARG A 1 38  ? 10.916  13.695  10.835  1.00 23.29 ? 38  ARG A CZ  1 
ATOM   290  N  NH1 . ARG A 1 38  ? 11.033  12.878  11.876  1.00 25.35 ? 38  ARG A NH1 1 
ATOM   291  N  NH2 . ARG A 1 38  ? 11.745  13.576  9.807   1.00 24.62 ? 38  ARG A NH2 1 
ATOM   292  N  N   . ARG A 1 39  ? 7.088   18.254  8.558   1.00 13.30 ? 39  ARG A N   1 
ATOM   293  C  CA  . ARG A 1 39  ? 7.716   19.511  8.151   1.00 13.74 ? 39  ARG A CA  1 
ATOM   294  C  C   . ARG A 1 39  ? 6.690   20.616  7.938   1.00 13.27 ? 39  ARG A C   1 
ATOM   295  O  O   . ARG A 1 39  ? 7.054   21.768  7.695   1.00 13.13 ? 39  ARG A O   1 
ATOM   296  C  CB  . ARG A 1 39  ? 8.474   19.333  6.835   1.00 14.65 ? 39  ARG A CB  1 
ATOM   297  C  CG  . ARG A 1 39  ? 9.782   18.590  6.907   1.00 20.81 ? 39  ARG A CG  1 
ATOM   298  C  CD  . ARG A 1 39  ? 10.456  18.637  5.544   1.00 24.45 ? 39  ARG A CD  1 
ATOM   299  N  NE  . ARG A 1 39  ? 11.866  18.268  5.591   1.00 27.34 ? 39  ARG A NE  1 
ATOM   300  C  CZ  . ARG A 1 39  ? 12.681  18.316  4.542   1.00 29.71 ? 39  ARG A CZ  1 
ATOM   301  N  NH1 . ARG A 1 39  ? 12.222  18.716  3.363   1.00 29.85 ? 39  ARG A NH1 1 
ATOM   302  N  NH2 . ARG A 1 39  ? 13.956  17.970  4.673   1.00 30.42 ? 39  ARG A NH2 1 
ATOM   303  N  N   . ARG A 1 40  ? 5.412   20.261  8.011   1.00 13.10 ? 40  ARG A N   1 
ATOM   304  C  CA  . ARG A 1 40  ? 4.330   21.214  7.786   1.00 12.88 ? 40  ARG A CA  1 
ATOM   305  C  C   . ARG A 1 40  ? 4.411   21.702  6.335   1.00 13.24 ? 40  ARG A C   1 
ATOM   306  O  O   . ARG A 1 40  ? 4.178   22.875  6.037   1.00 12.54 ? 40  ARG A O   1 
ATOM   307  C  CB  . ARG A 1 40  ? 4.443   22.403  8.746   1.00 12.93 ? 40  ARG A CB  1 
ATOM   308  C  CG  . ARG A 1 40  ? 3.165   23.230  8.868   1.00 15.95 ? 40  ARG A CG  1 
ATOM   309  C  CD  . ARG A 1 40  ? 2.097   22.510  9.681   1.00 18.86 ? 40  ARG A CD  1 
ATOM   310  N  NE  . ARG A 1 40  ? 0.858   23.279  9.751   1.00 23.03 ? 40  ARG A NE  1 
ATOM   311  C  CZ  . ARG A 1 40  ? -0.198  22.933  10.483  1.00 25.00 ? 40  ARG A CZ  1 
ATOM   312  N  NH1 . ARG A 1 40  ? -0.168  21.829  11.217  1.00 26.44 ? 40  ARG A NH1 1 
ATOM   313  N  NH2 . ARG A 1 40  ? -1.284  23.691  10.483  1.00 29.18 ? 40  ARG A NH2 1 
ATOM   314  N  N   . ASP A 1 41  ? 4.763   20.786  5.437   1.00 11.96 ? 41  ASP A N   1 
ATOM   315  C  CA  . ASP A 1 41  ? 4.869   21.094  4.015   1.00 11.98 ? 41  ASP A CA  1 
ATOM   316  C  C   . ASP A 1 41  ? 3.707   20.381  3.325   1.00 12.30 ? 41  ASP A C   1 
ATOM   317  O  O   . ASP A 1 41  ? 3.861   19.282  2.782   1.00 11.67 ? 41  ASP A O   1 
ATOM   318  C  CB  . ASP A 1 41  ? 6.213   20.595  3.476   1.00 12.88 ? 41  ASP A CB  1 
ATOM   319  C  CG  . ASP A 1 41  ? 6.447   20.983  2.029   1.00 11.45 ? 41  ASP A CG  1 
ATOM   320  O  OD1 . ASP A 1 41  ? 7.582   20.799  1.543   1.00 13.68 ? 41  ASP A OD1 1 
ATOM   321  O  OD2 . ASP A 1 41  ? 5.498   21.470  1.381   1.00 12.78 ? 41  ASP A OD2 1 
ATOM   322  N  N   . MET A 1 42  ? 2.541   21.017  3.353   1.00 11.67 ? 42  MET A N   1 
ATOM   323  C  CA  . MET A 1 42  ? 1.332   20.442  2.772   1.00 12.22 ? 42  MET A CA  1 
ATOM   324  C  C   . MET A 1 42  ? 1.409   20.200  1.271   1.00 13.40 ? 42  MET A C   1 
ATOM   325  O  O   . MET A 1 42  ? 0.884   19.202  0.778   1.00 13.42 ? 42  MET A O   1 
ATOM   326  C  CB  . MET A 1 42  ? 0.124   21.326  3.088   1.00 11.41 ? 42  MET A CB  1 
ATOM   327  C  CG  . MET A 1 42  ? -1.203  20.616  2.908   1.00 12.34 ? 42  MET A CG  1 
ATOM   328  S  SD  . MET A 1 42  ? -1.298  19.126  3.930   1.00 11.40 ? 42  MET A SD  1 
ATOM   329  C  CE  . MET A 1 42  ? -2.845  18.427  3.336   1.00 12.31 ? 42  MET A CE  1 
ATOM   330  N  N   . ASP A 1 43  ? 2.039   21.114  0.542   1.00 13.30 ? 43  ASP A N   1 
ATOM   331  C  CA  . ASP A 1 43  ? 2.172   20.945  -0.901  1.00 14.14 ? 43  ASP A CA  1 
ATOM   332  C  C   . ASP A 1 43  ? 2.893   19.629  -1.178  1.00 13.50 ? 43  ASP A C   1 
ATOM   333  O  O   . ASP A 1 43  ? 2.474   18.845  -2.033  1.00 12.96 ? 43  ASP A O   1 
ATOM   334  C  CB  . ASP A 1 43  ? 2.957   22.112  -1.507  1.00 16.31 ? 43  ASP A CB  1 
ATOM   335  C  CG  . ASP A 1 43  ? 2.124   23.382  -1.624  1.00 19.83 ? 43  ASP A CG  1 
ATOM   336  O  OD1 . ASP A 1 43  ? 2.708   24.453  -1.897  1.00 20.88 ? 43  ASP A OD1 1 
ATOM   337  O  OD2 . ASP A 1 43  ? 0.890   23.309  -1.459  1.00 20.49 ? 43  ASP A OD2 1 
ATOM   338  N  N   . LYS A 1 44  ? 3.972   19.381  -0.444  1.00 12.45 ? 44  LYS A N   1 
ATOM   339  C  CA  . LYS A 1 44  ? 4.732   18.150  -0.620  1.00 11.75 ? 44  LYS A CA  1 
ATOM   340  C  C   . LYS A 1 44  ? 3.902   16.953  -0.175  1.00 11.21 ? 44  LYS A C   1 
ATOM   341  O  O   . LYS A 1 44  ? 3.920   15.905  -0.819  1.00 10.83 ? 44  LYS A O   1 
ATOM   342  C  CB  . LYS A 1 44  ? 6.035   18.204  0.182   1.00 12.80 ? 44  LYS A CB  1 
ATOM   343  C  CG  . LYS A 1 44  ? 6.893   16.954  0.058   1.00 15.76 ? 44  LYS A CG  1 
ATOM   344  C  CD  . LYS A 1 44  ? 7.370   16.745  -1.371  1.00 16.61 ? 44  LYS A CD  1 
ATOM   345  C  CE  . LYS A 1 44  ? 8.270   15.523  -1.475  1.00 19.99 ? 44  LYS A CE  1 
ATOM   346  N  NZ  . LYS A 1 44  ? 8.787   15.322  -2.856  1.00 22.83 ? 44  LYS A NZ  1 
ATOM   347  N  N   . ALA A 1 45  ? 3.170   17.105  0.926   1.00 9.23  ? 45  ALA A N   1 
ATOM   348  C  CA  . ALA A 1 45  ? 2.339   16.018  1.428   1.00 9.42  ? 45  ALA A CA  1 
ATOM   349  C  C   . ALA A 1 45  ? 1.332   15.568  0.373   1.00 10.17 ? 45  ALA A C   1 
ATOM   350  O  O   . ALA A 1 45  ? 1.162   14.372  0.148   1.00 9.04  ? 45  ALA A O   1 
ATOM   351  C  CB  . ALA A 1 45  ? 1.615   16.446  2.707   1.00 10.45 ? 45  ALA A CB  1 
ATOM   352  N  N   . ARG A 1 46  ? 0.671   16.520  -0.278  1.00 9.13  ? 46  ARG A N   1 
ATOM   353  C  CA  . ARG A 1 46  ? -0.304  16.174  -1.306  1.00 9.96  ? 46  ARG A CA  1 
ATOM   354  C  C   . ARG A 1 46  ? 0.362   15.502  -2.505  1.00 9.35  ? 46  ARG A C   1 
ATOM   355  O  O   . ARG A 1 46  ? -0.214  14.597  -3.109  1.00 9.58  ? 46  ARG A O   1 
ATOM   356  C  CB  . ARG A 1 46  ? -1.068  17.423  -1.749  1.00 10.20 ? 46  ARG A CB  1 
ATOM   357  C  CG  . ARG A 1 46  ? -1.989  17.979  -0.672  1.00 11.07 ? 46  ARG A CG  1 
ATOM   358  C  CD  . ARG A 1 46  ? -2.528  19.342  -1.058  1.00 13.23 ? 46  ARG A CD  1 
ATOM   359  N  NE  . ARG A 1 46  ? -3.356  19.910  0.003   1.00 13.93 ? 46  ARG A NE  1 
ATOM   360  C  CZ  . ARG A 1 46  ? -3.489  21.211  0.229   1.00 16.32 ? 46  ARG A CZ  1 
ATOM   361  N  NH1 . ARG A 1 46  ? -2.845  22.085  -0.533  1.00 18.16 ? 46  ARG A NH1 1 
ATOM   362  N  NH2 . ARG A 1 46  ? -4.260  21.640  1.221   1.00 16.98 ? 46  ARG A NH2 1 
ATOM   363  N  N   . GLU A 1 47  ? 1.571   15.939  -2.845  1.00 9.01  ? 47  GLU A N   1 
ATOM   364  C  CA  . GLU A 1 47  ? 2.300   15.352  -3.967  1.00 9.82  ? 47  GLU A CA  1 
ATOM   365  C  C   . GLU A 1 47  ? 2.681   13.909  -3.641  1.00 7.82  ? 47  GLU A C   1 
ATOM   366  O  O   . GLU A 1 47  ? 2.585   13.027  -4.494  1.00 8.31  ? 47  GLU A O   1 
ATOM   367  C  CB  . GLU A 1 47  ? 3.565   16.164  -4.275  1.00 10.98 ? 47  GLU A CB  1 
ATOM   368  C  CG  . GLU A 1 47  ? 3.296   17.552  -4.842  1.00 14.80 ? 47  GLU A CG  1 
ATOM   369  C  CD  . GLU A 1 47  ? 4.554   18.400  -4.952  1.00 19.18 ? 47  GLU A CD  1 
ATOM   370  O  OE1 . GLU A 1 47  ? 4.441   19.579  -5.353  1.00 23.58 ? 47  GLU A OE1 1 
ATOM   371  O  OE2 . GLU A 1 47  ? 5.654   17.897  -4.637  1.00 23.14 ? 47  GLU A OE2 1 
ATOM   372  N  N   . VAL A 1 48  ? 3.116   13.672  -2.409  1.00 7.62  ? 48  VAL A N   1 
ATOM   373  C  CA  . VAL A 1 48  ? 3.495   12.326  -2.004  1.00 8.49  ? 48  VAL A CA  1 
ATOM   374  C  C   . VAL A 1 48  ? 2.267   11.424  -1.983  1.00 7.86  ? 48  VAL A C   1 
ATOM   375  O  O   . VAL A 1 48  ? 2.319   10.285  -2.449  1.00 8.40  ? 48  VAL A O   1 
ATOM   376  C  CB  . VAL A 1 48  ? 4.166   12.321  -0.608  1.00 7.90  ? 48  VAL A CB  1 
ATOM   377  C  CG1 . VAL A 1 48  ? 4.390   10.890  -0.136  1.00 9.31  ? 48  VAL A CG1 1 
ATOM   378  C  CG2 . VAL A 1 48  ? 5.499   13.048  -0.676  1.00 8.68  ? 48  VAL A CG2 1 
ATOM   379  N  N   . PHE A 1 49  ? 1.160   11.928  -1.450  1.00 8.89  ? 49  PHE A N   1 
ATOM   380  C  CA  . PHE A 1 49  ? -0.053  11.128  -1.397  1.00 7.60  ? 49  PHE A CA  1 
ATOM   381  C  C   . PHE A 1 49  ? -0.504  10.777  -2.814  1.00 7.34  ? 49  PHE A C   1 
ATOM   382  O  O   . PHE A 1 49  ? -0.993  9.675   -3.064  1.00 6.48  ? 49  PHE A O   1 
ATOM   383  C  CB  . PHE A 1 49  ? -1.175  11.878  -0.676  1.00 7.17  ? 49  PHE A CB  1 
ATOM   384  C  CG  . PHE A 1 49  ? -2.383  11.028  -0.411  1.00 8.58  ? 49  PHE A CG  1 
ATOM   385  C  CD1 . PHE A 1 49  ? -2.424  10.186  0.692   1.00 8.99  ? 49  PHE A CD1 1 
ATOM   386  C  CD2 . PHE A 1 49  ? -3.458  11.027  -1.294  1.00 10.18 ? 49  PHE A CD2 1 
ATOM   387  C  CE1 . PHE A 1 49  ? -3.517  9.350   0.916   1.00 11.02 ? 49  PHE A CE1 1 
ATOM   388  C  CE2 . PHE A 1 49  ? -4.554  10.193  -1.078  1.00 11.87 ? 49  PHE A CE2 1 
ATOM   389  C  CZ  . PHE A 1 49  ? -4.582  9.356   0.027   1.00 11.25 ? 49  PHE A CZ  1 
ATOM   390  N  N   . ASP A 1 50  ? -0.340  11.724  -3.734  1.00 7.90  ? 50  ASP A N   1 
ATOM   391  C  CA  . ASP A 1 50  ? -0.720  11.503  -5.123  1.00 8.72  ? 50  ASP A CA  1 
ATOM   392  C  C   . ASP A 1 50  ? 0.092   10.347  -5.699  1.00 7.09  ? 50  ASP A C   1 
ATOM   393  O  O   . ASP A 1 50  ? -0.446  9.473   -6.373  1.00 8.39  ? 50  ASP A O   1 
ATOM   394  C  CB  . ASP A 1 50  ? -0.478  12.770  -5.944  1.00 10.42 ? 50  ASP A CB  1 
ATOM   395  C  CG  . ASP A 1 50  ? -0.940  12.628  -7.377  1.00 11.08 ? 50  ASP A CG  1 
ATOM   396  O  OD1 . ASP A 1 50  ? -0.080  12.503  -8.274  1.00 14.82 ? 50  ASP A OD1 1 
ATOM   397  O  OD2 . ASP A 1 50  ? -2.168  12.630  -7.602  1.00 13.30 ? 50  ASP A OD2 1 
ATOM   398  N  N   . ALA A 1 51  ? 1.391   10.349  -5.423  1.00 8.65  ? 51  ALA A N   1 
ATOM   399  C  CA  . ALA A 1 51  ? 2.272   9.293   -5.910  1.00 6.97  ? 51  ALA A CA  1 
ATOM   400  C  C   . ALA A 1 51  ? 1.928   7.963   -5.246  1.00 6.99  ? 51  ALA A C   1 
ATOM   401  O  O   . ALA A 1 51  ? 1.957   6.912   -5.891  1.00 6.62  ? 51  ALA A O   1 
ATOM   402  C  CB  . ALA A 1 51  ? 3.729   9.655   -5.637  1.00 6.55  ? 51  ALA A CB  1 
ATOM   403  N  N   . LEU A 1 52  ? 1.608   8.010   -3.957  1.00 7.46  ? 52  LEU A N   1 
ATOM   404  C  CA  . LEU A 1 52  ? 1.251   6.801   -3.219  1.00 7.43  ? 52  LEU A CA  1 
ATOM   405  C  C   . LEU A 1 52  ? -0.016  6.202   -3.821  1.00 7.39  ? 52  LEU A C   1 
ATOM   406  O  O   . LEU A 1 52  ? -0.094  4.997   -4.072  1.00 6.31  ? 52  LEU A O   1 
ATOM   407  C  CB  . LEU A 1 52  ? 1.032   7.139   -1.740  1.00 8.43  ? 52  LEU A CB  1 
ATOM   408  C  CG  . LEU A 1 52  ? 0.825   5.996   -0.738  1.00 11.91 ? 52  LEU A CG  1 
ATOM   409  C  CD1 . LEU A 1 52  ? 1.015   6.537   0.672   1.00 14.18 ? 52  LEU A CD1 1 
ATOM   410  C  CD2 . LEU A 1 52  ? -0.552  5.381   -0.896  1.00 14.99 ? 52  LEU A CD2 1 
ATOM   411  N  N   . LYS A 1 53  ? -1.003  7.062   -4.048  1.00 7.54  ? 53  LYS A N   1 
ATOM   412  C  CA  . LYS A 1 53  ? -2.279  6.678   -4.639  1.00 8.38  ? 53  LYS A CA  1 
ATOM   413  C  C   . LYS A 1 53  ? -2.048  5.967   -5.971  1.00 8.27  ? 53  LYS A C   1 
ATOM   414  O  O   . LYS A 1 53  ? -2.524  4.848   -6.186  1.00 8.39  ? 53  LYS A O   1 
ATOM   415  C  CB  . LYS A 1 53  ? -3.120  7.943   -4.847  1.00 9.27  ? 53  LYS A CB  1 
ATOM   416  C  CG  . LYS A 1 53  ? -4.284  7.835   -5.820  1.00 13.59 ? 53  LYS A CG  1 
ATOM   417  C  CD  . LYS A 1 53  ? -4.635  9.242   -6.301  1.00 12.66 ? 53  LYS A CD  1 
ATOM   418  C  CE  . LYS A 1 53  ? -5.702  9.258   -7.371  1.00 15.54 ? 53  LYS A CE  1 
ATOM   419  N  NZ  . LYS A 1 53  ? -5.842  10.630  -7.927  1.00 15.32 ? 53  LYS A NZ  1 
ATOM   420  N  N   . ASN A 1 54  ? -1.308  6.622   -6.858  1.00 7.78  ? 54  ASN A N   1 
ATOM   421  C  CA  . ASN A 1 54  ? -1.015  6.060   -8.168  1.00 7.54  ? 54  ASN A CA  1 
ATOM   422  C  C   . ASN A 1 54  ? -0.297  4.720   -8.058  1.00 7.13  ? 54  ASN A C   1 
ATOM   423  O  O   . ASN A 1 54  ? -0.633  3.773   -8.768  1.00 8.22  ? 54  ASN A O   1 
ATOM   424  C  CB  . ASN A 1 54  ? -0.152  7.022   -8.993  1.00 7.46  ? 54  ASN A CB  1 
ATOM   425  C  CG  . ASN A 1 54  ? -0.894  8.280   -9.402  1.00 8.89  ? 54  ASN A CG  1 
ATOM   426  O  OD1 . ASN A 1 54  ? -2.118  8.349   -9.329  1.00 9.54  ? 54  ASN A OD1 1 
ATOM   427  N  ND2 . ASN A 1 54  ? -0.147  9.283   -9.852  1.00 10.04 ? 54  ASN A ND2 1 
ATOM   428  N  N   . TYR A 1 55  ? 0.685   4.636   -7.165  1.00 6.99  ? 55  TYR A N   1 
ATOM   429  C  CA  . TYR A 1 55  ? 1.445   3.401   -7.018  1.00 6.66  ? 55  TYR A CA  1 
ATOM   430  C  C   . TYR A 1 55  ? 0.622   2.243   -6.459  1.00 7.47  ? 55  TYR A C   1 
ATOM   431  O  O   . TYR A 1 55  ? 0.809   1.093   -6.866  1.00 7.89  ? 55  TYR A O   1 
ATOM   432  C  CB  . TYR A 1 55  ? 2.682   3.623   -6.139  1.00 6.96  ? 55  TYR A CB  1 
ATOM   433  C  CG  . TYR A 1 55  ? 3.687   2.497   -6.263  1.00 6.14  ? 55  TYR A CG  1 
ATOM   434  C  CD1 . TYR A 1 55  ? 4.544   2.422   -7.361  1.00 8.09  ? 55  TYR A CD1 1 
ATOM   435  C  CD2 . TYR A 1 55  ? 3.734   1.472   -5.321  1.00 8.85  ? 55  TYR A CD2 1 
ATOM   436  C  CE1 . TYR A 1 55  ? 5.421   1.349   -7.519  1.00 8.08  ? 55  TYR A CE1 1 
ATOM   437  C  CE2 . TYR A 1 55  ? 4.600   0.394   -5.471  1.00 9.24  ? 55  TYR A CE2 1 
ATOM   438  C  CZ  . TYR A 1 55  ? 5.438   0.338   -6.571  1.00 9.76  ? 55  TYR A CZ  1 
ATOM   439  O  OH  . TYR A 1 55  ? 6.275   -0.745  -6.730  1.00 10.44 ? 55  TYR A OH  1 
ATOM   440  N  N   . ALA A 1 56  ? -0.281  2.534   -5.527  1.00 7.24  ? 56  ALA A N   1 
ATOM   441  C  CA  . ALA A 1 56  ? -1.119  1.488   -4.946  1.00 7.60  ? 56  ALA A CA  1 
ATOM   442  C  C   . ALA A 1 56  ? -1.993  0.886   -6.039  1.00 8.48  ? 56  ALA A C   1 
ATOM   443  O  O   . ALA A 1 56  ? -2.113  -0.330  -6.143  1.00 8.61  ? 56  ALA A O   1 
ATOM   444  C  CB  . ALA A 1 56  ? -1.985  2.059   -3.828  1.00 6.36  ? 56  ALA A CB  1 
ATOM   445  N  N   . VAL A 1 57  ? -2.591  1.741   -6.863  1.00 8.43  ? 57  VAL A N   1 
ATOM   446  C  CA  . VAL A 1 57  ? -3.444  1.264   -7.945  1.00 10.04 ? 57  VAL A CA  1 
ATOM   447  C  C   . VAL A 1 57  ? -2.639  0.348   -8.866  1.00 10.13 ? 57  VAL A C   1 
ATOM   448  O  O   . VAL A 1 57  ? -3.112  -0.720  -9.268  1.00 11.92 ? 57  VAL A O   1 
ATOM   449  C  CB  . VAL A 1 57  ? -4.018  2.444   -8.758  1.00 10.80 ? 57  VAL A CB  1 
ATOM   450  C  CG1 . VAL A 1 57  ? -4.715  1.930   -10.011 1.00 11.34 ? 57  VAL A CG1 1 
ATOM   451  C  CG2 . VAL A 1 57  ? -4.994  3.237   -7.898  1.00 12.07 ? 57  VAL A CG2 1 
ATOM   452  N  N   . GLU A 1 58  ? -1.420  0.762   -9.195  1.00 10.19 ? 58  GLU A N   1 
ATOM   453  C  CA  . GLU A 1 58  ? -0.565  -0.039  -10.062 1.00 10.81 ? 58  GLU A CA  1 
ATOM   454  C  C   . GLU A 1 58  ? -0.164  -1.343  -9.381  1.00 11.36 ? 58  GLU A C   1 
ATOM   455  O  O   . GLU A 1 58  ? -0.133  -2.394  -10.017 1.00 11.69 ? 58  GLU A O   1 
ATOM   456  C  CB  . GLU A 1 58  ? 0.690   0.751   -10.447 1.00 11.70 ? 58  GLU A CB  1 
ATOM   457  C  CG  . GLU A 1 58  ? 0.422   1.960   -11.335 1.00 15.03 ? 58  GLU A CG  1 
ATOM   458  C  CD  . GLU A 1 58  ? 0.000   1.583   -12.746 1.00 16.59 ? 58  GLU A CD  1 
ATOM   459  O  OE1 . GLU A 1 58  ? -0.268  2.506   -13.545 1.00 17.97 ? 58  GLU A OE1 1 
ATOM   460  O  OE2 . GLU A 1 58  ? -0.055  0.373   -13.057 1.00 17.62 ? 58  GLU A OE2 1 
ATOM   461  N  N   . HIS A 1 59  ? 0.138   -1.272  -8.088  1.00 9.00  ? 59  HIS A N   1 
ATOM   462  C  CA  . HIS A 1 59  ? 0.540   -2.457  -7.346  1.00 8.29  ? 59  HIS A CA  1 
ATOM   463  C  C   . HIS A 1 59  ? -0.567  -3.502  -7.287  1.00 8.15  ? 59  HIS A C   1 
ATOM   464  O  O   . HIS A 1 59  ? -0.305  -4.695  -7.419  1.00 6.98  ? 59  HIS A O   1 
ATOM   465  C  CB  . HIS A 1 59  ? 0.952   -2.086  -5.922  1.00 7.60  ? 59  HIS A CB  1 
ATOM   466  C  CG  . HIS A 1 59  ? 1.140   -3.272  -5.032  1.00 7.52  ? 59  HIS A CG  1 
ATOM   467  N  ND1 . HIS A 1 59  ? 2.096   -4.243  -5.233  1.00 7.29  ? 59  HIS A ND1 1 
ATOM   468  C  CD2 . HIS A 1 59  ? 0.432   -3.666  -3.945  1.00 7.86  ? 59  HIS A CD2 1 
ATOM   469  C  CE1 . HIS A 1 59  ? 1.937   -5.178  -4.290  1.00 7.53  ? 59  HIS A CE1 1 
ATOM   470  N  NE2 . HIS A 1 59  ? 0.940   -4.871  -3.483  1.00 6.70  ? 59  HIS A NE2 1 
ATOM   471  N  N   . PHE A 1 60  ? -1.797  -3.052  -7.063  1.00 8.04  ? 60  PHE A N   1 
ATOM   472  C  CA  . PHE A 1 60  ? -2.929  -3.971  -6.993  1.00 7.95  ? 60  PHE A CA  1 
ATOM   473  C  C   . PHE A 1 60  ? -3.098  -4.662  -8.337  1.00 10.24 ? 60  PHE A C   1 
ATOM   474  O  O   . PHE A 1 60  ? -3.437  -5.844  -8.401  1.00 10.56 ? 60  PHE A O   1 
ATOM   475  C  CB  . PHE A 1 60  ? -4.202  -3.211  -6.611  1.00 9.28  ? 60  PHE A CB  1 
ATOM   476  C  CG  . PHE A 1 60  ? -4.181  -2.662  -5.207  1.00 8.70  ? 60  PHE A CG  1 
ATOM   477  C  CD1 . PHE A 1 60  ? -5.058  -1.653  -4.832  1.00 9.15  ? 60  PHE A CD1 1 
ATOM   478  C  CD2 . PHE A 1 60  ? -3.295  -3.167  -4.256  1.00 8.02  ? 60  PHE A CD2 1 
ATOM   479  C  CE1 . PHE A 1 60  ? -5.056  -1.151  -3.531  1.00 8.39  ? 60  PHE A CE1 1 
ATOM   480  C  CE2 . PHE A 1 60  ? -3.284  -2.672  -2.950  1.00 10.32 ? 60  PHE A CE2 1 
ATOM   481  C  CZ  . PHE A 1 60  ? -4.165  -1.665  -2.588  1.00 9.07  ? 60  PHE A CZ  1 
ATOM   482  N  N   . GLY A 1 61  ? -2.848  -3.919  -9.411  1.00 11.00 ? 61  GLY A N   1 
ATOM   483  C  CA  . GLY A 1 61  ? -2.953  -4.492  -10.739 1.00 11.74 ? 61  GLY A CA  1 
ATOM   484  C  C   . GLY A 1 61  ? -1.892  -5.555  -10.927 1.00 11.43 ? 61  GLY A C   1 
ATOM   485  O  O   . GLY A 1 61  ? -2.155  -6.613  -11.498 1.00 12.39 ? 61  GLY A O   1 
ATOM   486  N  N   . TYR A 1 62  ? -0.690  -5.281  -10.434 1.00 10.83 ? 62  TYR A N   1 
ATOM   487  C  CA  . TYR A 1 62  ? 0.413   -6.228  -10.553 1.00 10.43 ? 62  TYR A CA  1 
ATOM   488  C  C   . TYR A 1 62  ? 0.071   -7.549  -9.862  1.00 11.32 ? 62  TYR A C   1 
ATOM   489  O  O   . TYR A 1 62  ? 0.255   -8.624  -10.434 1.00 10.63 ? 62  TYR A O   1 
ATOM   490  C  CB  . TYR A 1 62  ? 1.688   -5.634  -9.942  1.00 12.37 ? 62  TYR A CB  1 
ATOM   491  C  CG  . TYR A 1 62  ? 2.901   -6.531  -10.065 1.00 13.89 ? 62  TYR A CG  1 
ATOM   492  C  CD1 . TYR A 1 62  ? 3.620   -6.612  -11.260 1.00 18.54 ? 62  TYR A CD1 1 
ATOM   493  C  CD2 . TYR A 1 62  ? 3.318   -7.317  -8.992  1.00 15.70 ? 62  TYR A CD2 1 
ATOM   494  C  CE1 . TYR A 1 62  ? 4.723   -7.457  -11.378 1.00 18.13 ? 62  TYR A CE1 1 
ATOM   495  C  CE2 . TYR A 1 62  ? 4.415   -8.166  -9.100  1.00 18.37 ? 62  TYR A CE2 1 
ATOM   496  C  CZ  . TYR A 1 62  ? 5.112   -8.232  -10.293 1.00 19.62 ? 62  TYR A CZ  1 
ATOM   497  O  OH  . TYR A 1 62  ? 6.189   -9.086  -10.393 1.00 21.66 ? 62  TYR A OH  1 
ATOM   498  N  N   . GLU A 1 63  ? -0.428  -7.476  -8.631  1.00 9.58  ? 63  GLU A N   1 
ATOM   499  C  CA  . GLU A 1 63  ? -0.790  -8.688  -7.903  1.00 9.53  ? 63  GLU A CA  1 
ATOM   500  C  C   . GLU A 1 63  ? -1.917  -9.427  -8.606  1.00 9.85  ? 63  GLU A C   1 
ATOM   501  O  O   . GLU A 1 63  ? -1.858  -10.641 -8.779  1.00 9.17  ? 63  GLU A O   1 
ATOM   502  C  CB  . GLU A 1 63  ? -1.232  -8.364  -6.469  1.00 7.98  ? 63  GLU A CB  1 
ATOM   503  C  CG  . GLU A 1 63  ? -0.101  -7.968  -5.536  1.00 9.59  ? 63  GLU A CG  1 
ATOM   504  C  CD  . GLU A 1 63  ? -0.559  -7.845  -4.091  1.00 9.18  ? 63  GLU A CD  1 
ATOM   505  O  OE1 . GLU A 1 63  ? -1.777  -7.979  -3.837  1.00 7.40  ? 63  GLU A OE1 1 
ATOM   506  O  OE2 . GLU A 1 63  ? 0.298   -7.612  -3.209  1.00 6.82  ? 63  GLU A OE2 1 
ATOM   507  N  N   . GLU A 1 64  ? -2.947  -8.687  -8.997  1.00 10.29 ? 64  GLU A N   1 
ATOM   508  C  CA  . GLU A 1 64  ? -4.095  -9.278  -9.667  1.00 10.60 ? 64  GLU A CA  1 
ATOM   509  C  C   . GLU A 1 64  ? -3.721  -9.955  -10.980 1.00 12.29 ? 64  GLU A C   1 
ATOM   510  O  O   . GLU A 1 64  ? -4.337  -10.949 -11.361 1.00 11.56 ? 64  GLU A O   1 
ATOM   511  C  CB  . GLU A 1 64  ? -5.168  -8.210  -9.877  1.00 10.90 ? 64  GLU A CB  1 
ATOM   512  C  CG  . GLU A 1 64  ? -5.891  -7.864  -8.583  1.00 11.42 ? 64  GLU A CG  1 
ATOM   513  C  CD  . GLU A 1 64  ? -6.627  -6.541  -8.639  1.00 12.20 ? 64  GLU A CD  1 
ATOM   514  O  OE1 . GLU A 1 64  ? -7.128  -6.180  -9.722  1.00 13.98 ? 64  GLU A OE1 1 
ATOM   515  O  OE2 . GLU A 1 64  ? -6.720  -5.868  -7.589  1.00 9.81  ? 64  GLU A OE2 1 
ATOM   516  N  N   . ARG A 1 65  ? -2.709  -9.427  -11.662 1.00 12.58 ? 65  ARG A N   1 
ATOM   517  C  CA  . ARG A 1 65  ? -2.248  -10.022 -12.913 1.00 14.76 ? 65  ARG A CA  1 
ATOM   518  C  C   . ARG A 1 65  ? -1.713  -11.407 -12.582 1.00 13.87 ? 65  ARG A C   1 
ATOM   519  O  O   . ARG A 1 65  ? -1.997  -12.380 -13.281 1.00 14.78 ? 65  ARG A O   1 
ATOM   520  C  CB  . ARG A 1 65  ? -1.130  -9.179  -13.533 1.00 17.96 ? 65  ARG A CB  1 
ATOM   521  C  CG  . ARG A 1 65  ? -1.573  -7.814  -14.015 1.00 25.96 ? 65  ARG A CG  1 
ATOM   522  C  CD  . ARG A 1 65  ? -0.389  -6.865  -14.105 1.00 29.23 ? 65  ARG A CD  1 
ATOM   523  N  NE  . ARG A 1 65  ? -0.792  -5.523  -14.508 1.00 32.15 ? 65  ARG A NE  1 
ATOM   524  C  CZ  . ARG A 1 65  ? 0.005   -4.461  -14.454 1.00 32.63 ? 65  ARG A CZ  1 
ATOM   525  N  NH1 . ARG A 1 65  ? 1.249   -4.584  -14.011 1.00 32.84 ? 65  ARG A NH1 1 
ATOM   526  N  NH2 . ARG A 1 65  ? -0.440  -3.277  -14.850 1.00 35.29 ? 65  ARG A NH2 1 
ATOM   527  N  N   . LEU A 1 66  ? -0.930  -11.493 -11.510 1.00 12.57 ? 66  LEU A N   1 
ATOM   528  C  CA  . LEU A 1 66  ? -0.374  -12.769 -11.083 1.00 12.39 ? 66  LEU A CA  1 
ATOM   529  C  C   . LEU A 1 66  ? -1.492  -13.729 -10.676 1.00 12.86 ? 66  LEU A C   1 
ATOM   530  O  O   . LEU A 1 66  ? -1.437  -14.916 -10.989 1.00 11.59 ? 66  LEU A O   1 
ATOM   531  C  CB  . LEU A 1 66  ? 0.593   -12.570 -9.912  1.00 14.39 ? 66  LEU A CB  1 
ATOM   532  C  CG  . LEU A 1 66  ? 1.901   -11.830 -10.211 1.00 14.45 ? 66  LEU A CG  1 
ATOM   533  C  CD1 . LEU A 1 66  ? 2.695   -11.693 -8.924  1.00 15.03 ? 66  LEU A CD1 1 
ATOM   534  C  CD2 . LEU A 1 66  ? 2.708   -12.592 -11.265 1.00 15.70 ? 66  LEU A CD2 1 
ATOM   535  N  N   . PHE A 1 67  ? -2.508  -13.213 -9.989  1.00 11.23 ? 67  PHE A N   1 
ATOM   536  C  CA  . PHE A 1 67  ? -3.631  -14.043 -9.552  1.00 11.36 ? 67  PHE A CA  1 
ATOM   537  C  C   . PHE A 1 67  ? -4.307  -14.694 -10.750 1.00 11.25 ? 67  PHE A C   1 
ATOM   538  O  O   . PHE A 1 67  ? -4.619  -15.884 -10.726 1.00 11.64 ? 67  PHE A O   1 
ATOM   539  C  CB  . PHE A 1 67  ? -4.679  -13.208 -8.807  1.00 9.15  ? 67  PHE A CB  1 
ATOM   540  C  CG  . PHE A 1 67  ? -4.187  -12.582 -7.529  1.00 10.02 ? 67  PHE A CG  1 
ATOM   541  C  CD1 . PHE A 1 67  ? -4.935  -11.586 -6.911  1.00 9.51  ? 67  PHE A CD1 1 
ATOM   542  C  CD2 . PHE A 1 67  ? -2.985  -12.976 -6.946  1.00 9.73  ? 67  PHE A CD2 1 
ATOM   543  C  CE1 . PHE A 1 67  ? -4.495  -10.985 -5.732  1.00 8.08  ? 67  PHE A CE1 1 
ATOM   544  C  CE2 . PHE A 1 67  ? -2.533  -12.378 -5.764  1.00 10.09 ? 67  PHE A CE2 1 
ATOM   545  C  CZ  . PHE A 1 67  ? -3.290  -11.383 -5.160  1.00 9.03  ? 67  PHE A CZ  1 
ATOM   546  N  N   . ALA A 1 68  ? -4.541  -13.898 -11.789 1.00 12.36 ? 68  ALA A N   1 
ATOM   547  C  CA  . ALA A 1 68  ? -5.195  -14.385 -12.994 1.00 13.22 ? 68  ALA A CA  1 
ATOM   548  C  C   . ALA A 1 68  ? -4.313  -15.375 -13.745 1.00 14.22 ? 68  ALA A C   1 
ATOM   549  O  O   . ALA A 1 68  ? -4.759  -16.460 -14.117 1.00 14.83 ? 68  ALA A O   1 
ATOM   550  C  CB  . ALA A 1 68  ? -5.558  -13.214 -13.899 1.00 14.36 ? 68  ALA A CB  1 
ATOM   551  N  N   . ASP A 1 69  ? -3.056  -15.005 -13.952 1.00 14.40 ? 69  ASP A N   1 
ATOM   552  C  CA  . ASP A 1 69  ? -2.114  -15.859 -14.670 1.00 13.76 ? 69  ASP A CA  1 
ATOM   553  C  C   . ASP A 1 69  ? -1.933  -17.246 -14.054 1.00 14.68 ? 69  ASP A C   1 
ATOM   554  O  O   . ASP A 1 69  ? -1.809  -18.236 -14.772 1.00 13.53 ? 69  ASP A O   1 
ATOM   555  C  CB  . ASP A 1 69  ? -0.741  -15.180 -14.757 1.00 14.74 ? 69  ASP A CB  1 
ATOM   556  C  CG  . ASP A 1 69  ? -0.744  -13.951 -15.649 1.00 17.09 ? 69  ASP A CG  1 
ATOM   557  O  OD1 . ASP A 1 69  ? 0.309   -13.281 -15.729 1.00 21.04 ? 69  ASP A OD1 1 
ATOM   558  O  OD2 . ASP A 1 69  ? -1.784  -13.650 -16.270 1.00 19.42 ? 69  ASP A OD2 1 
ATOM   559  N  N   . TYR A 1 70  ? -1.926  -17.326 -12.728 1.00 13.15 ? 70  TYR A N   1 
ATOM   560  C  CA  . TYR A 1 70  ? -1.707  -18.608 -12.074 1.00 12.72 ? 70  TYR A CA  1 
ATOM   561  C  C   . TYR A 1 70  ? -2.886  -19.192 -11.309 1.00 12.30 ? 70  TYR A C   1 
ATOM   562  O  O   . TYR A 1 70  ? -2.731  -20.135 -10.533 1.00 12.16 ? 70  TYR A O   1 
ATOM   563  C  CB  . TYR A 1 70  ? -0.468  -18.510 -11.179 1.00 13.89 ? 70  TYR A CB  1 
ATOM   564  C  CG  . TYR A 1 70  ? 0.767   -18.163 -11.978 1.00 15.33 ? 70  TYR A CG  1 
ATOM   565  C  CD1 . TYR A 1 70  ? 1.128   -16.835 -12.205 1.00 14.34 ? 70  TYR A CD1 1 
ATOM   566  C  CD2 . TYR A 1 70  ? 1.531   -19.164 -12.577 1.00 15.20 ? 70  TYR A CD2 1 
ATOM   567  C  CE1 . TYR A 1 70  ? 2.217   -16.514 -13.014 1.00 17.20 ? 70  TYR A CE1 1 
ATOM   568  C  CE2 . TYR A 1 70  ? 2.619   -18.853 -13.387 1.00 16.67 ? 70  TYR A CE2 1 
ATOM   569  C  CZ  . TYR A 1 70  ? 2.955   -17.529 -13.602 1.00 16.88 ? 70  TYR A CZ  1 
ATOM   570  O  OH  . TYR A 1 70  ? 4.026   -17.215 -14.409 1.00 20.14 ? 70  TYR A OH  1 
ATOM   571  N  N   . ALA A 1 71  ? -4.064  -18.630 -11.547 1.00 12.77 ? 71  ALA A N   1 
ATOM   572  C  CA  . ALA A 1 71  ? -5.297  -19.100 -10.925 1.00 12.04 ? 71  ALA A CA  1 
ATOM   573  C  C   . ALA A 1 71  ? -5.266  -19.179 -9.406  1.00 12.67 ? 71  ALA A C   1 
ATOM   574  O  O   . ALA A 1 71  ? -5.651  -20.193 -8.826  1.00 13.44 ? 71  ALA A O   1 
ATOM   575  C  CB  . ALA A 1 71  ? -5.679  -20.469 -11.507 1.00 13.11 ? 71  ALA A CB  1 
ATOM   576  N  N   . TYR A 1 72  ? -4.815  -18.109 -8.758  1.00 10.95 ? 72  TYR A N   1 
ATOM   577  C  CA  . TYR A 1 72  ? -4.780  -18.076 -7.303  1.00 11.27 ? 72  TYR A CA  1 
ATOM   578  C  C   . TYR A 1 72  ? -6.226  -18.228 -6.823  1.00 11.40 ? 72  TYR A C   1 
ATOM   579  O  O   . TYR A 1 72  ? -7.085  -17.425 -7.173  1.00 10.55 ? 72  TYR A O   1 
ATOM   580  C  CB  . TYR A 1 72  ? -4.198  -16.744 -6.829  1.00 9.57  ? 72  TYR A CB  1 
ATOM   581  C  CG  . TYR A 1 72  ? -4.249  -16.553 -5.334  1.00 10.79 ? 72  TYR A CG  1 
ATOM   582  C  CD1 . TYR A 1 72  ? -3.721  -17.513 -4.470  1.00 10.07 ? 72  TYR A CD1 1 
ATOM   583  C  CD2 . TYR A 1 72  ? -4.813  -15.407 -4.784  1.00 10.30 ? 72  TYR A CD2 1 
ATOM   584  C  CE1 . TYR A 1 72  ? -3.753  -17.331 -3.093  1.00 11.00 ? 72  TYR A CE1 1 
ATOM   585  C  CE2 . TYR A 1 72  ? -4.849  -15.215 -3.411  1.00 8.74  ? 72  TYR A CE2 1 
ATOM   586  C  CZ  . TYR A 1 72  ? -4.320  -16.177 -2.572  1.00 11.68 ? 72  TYR A CZ  1 
ATOM   587  O  OH  . TYR A 1 72  ? -4.360  -15.987 -1.211  1.00 12.35 ? 72  TYR A OH  1 
ATOM   588  N  N   . PRO A 1 73  ? -6.510  -19.270 -6.020  1.00 12.83 ? 73  PRO A N   1 
ATOM   589  C  CA  . PRO A 1 73  ? -7.852  -19.542 -5.495  1.00 14.20 ? 73  PRO A CA  1 
ATOM   590  C  C   . PRO A 1 73  ? -8.588  -18.398 -4.800  1.00 13.92 ? 73  PRO A C   1 
ATOM   591  O  O   . PRO A 1 73  ? -9.809  -18.298 -4.900  1.00 14.53 ? 73  PRO A O   1 
ATOM   592  C  CB  . PRO A 1 73  ? -7.620  -20.730 -4.562  1.00 14.25 ? 73  PRO A CB  1 
ATOM   593  C  CG  . PRO A 1 73  ? -6.507  -21.466 -5.245  1.00 14.82 ? 73  PRO A CG  1 
ATOM   594  C  CD  . PRO A 1 73  ? -5.571  -20.330 -5.611  1.00 13.94 ? 73  PRO A CD  1 
ATOM   595  N  N   . GLU A 1 74  ? -7.861  -17.535 -4.097  1.00 13.24 ? 74  GLU A N   1 
ATOM   596  C  CA  . GLU A 1 74  ? -8.507  -16.427 -3.397  1.00 14.65 ? 74  GLU A CA  1 
ATOM   597  C  C   . GLU A 1 74  ? -8.447  -15.096 -4.140  1.00 13.05 ? 74  GLU A C   1 
ATOM   598  O  O   . GLU A 1 74  ? -8.563  -14.036 -3.529  1.00 13.09 ? 74  GLU A O   1 
ATOM   599  C  CB  . GLU A 1 74  ? -7.898  -16.258 -2.003  1.00 17.73 ? 74  GLU A CB  1 
ATOM   600  C  CG  . GLU A 1 74  ? -8.215  -17.397 -1.048  1.00 22.93 ? 74  GLU A CG  1 
ATOM   601  C  CD  . GLU A 1 74  ? -9.703  -17.664 -0.941  1.00 27.12 ? 74  GLU A CD  1 
ATOM   602  O  OE1 . GLU A 1 74  ? -10.467 -16.700 -0.718  1.00 29.47 ? 74  GLU A OE1 1 
ATOM   603  O  OE2 . GLU A 1 74  ? -10.112 -18.838 -1.079  1.00 31.27 ? 74  GLU A OE2 1 
ATOM   604  N  N   . ALA A 1 75  ? -8.283  -15.152 -5.458  1.00 11.32 ? 75  ALA A N   1 
ATOM   605  C  CA  . ALA A 1 75  ? -8.199  -13.941 -6.271  1.00 11.47 ? 75  ALA A CA  1 
ATOM   606  C  C   . ALA A 1 75  ? -9.404  -13.008 -6.124  1.00 12.35 ? 75  ALA A C   1 
ATOM   607  O  O   . ALA A 1 75  ? -9.252  -11.790 -6.021  1.00 13.15 ? 75  ALA A O   1 
ATOM   608  C  CB  . ALA A 1 75  ? -8.018  -14.317 -7.739  1.00 11.04 ? 75  ALA A CB  1 
ATOM   609  N  N   . THR A 1 76  ? -10.599 -13.586 -6.122  1.00 12.08 ? 76  THR A N   1 
ATOM   610  C  CA  . THR A 1 76  ? -11.830 -12.811 -6.016  1.00 12.33 ? 76  THR A CA  1 
ATOM   611  C  C   . THR A 1 76  ? -11.942 -11.992 -4.733  1.00 11.58 ? 76  THR A C   1 
ATOM   612  O  O   . THR A 1 76  ? -12.215 -10.792 -4.778  1.00 12.25 ? 76  THR A O   1 
ATOM   613  C  CB  . THR A 1 76  ? -13.048 -13.743 -6.137  1.00 14.29 ? 76  THR A CB  1 
ATOM   614  O  OG1 . THR A 1 76  ? -13.018 -14.382 -7.421  1.00 17.79 ? 76  THR A OG1 1 
ATOM   615  C  CG2 . THR A 1 76  ? -14.345 -12.961 -5.993  1.00 12.82 ? 76  THR A CG2 1 
ATOM   616  N  N   . ARG A 1 77  ? -11.740 -12.640 -3.594  1.00 11.74 ? 77  ARG A N   1 
ATOM   617  C  CA  . ARG A 1 77  ? -11.815 -11.957 -2.311  1.00 11.66 ? 77  ARG A CA  1 
ATOM   618  C  C   . ARG A 1 77  ? -10.731 -10.891 -2.206  1.00 11.22 ? 77  ARG A C   1 
ATOM   619  O  O   . ARG A 1 77  ? -10.980 -9.785  -1.728  1.00 11.06 ? 77  ARG A O   1 
ATOM   620  C  CB  . ARG A 1 77  ? -11.653 -12.956 -1.162  1.00 16.54 ? 77  ARG A CB  1 
ATOM   621  C  CG  . ARG A 1 77  ? -12.838 -13.896 -0.969  1.00 22.44 ? 77  ARG A CG  1 
ATOM   622  C  CD  . ARG A 1 77  ? -12.589 -14.849 0.194   1.00 27.46 ? 77  ARG A CD  1 
ATOM   623  N  NE  . ARG A 1 77  ? -13.741 -15.704 0.473   1.00 30.94 ? 77  ARG A NE  1 
ATOM   624  C  CZ  . ARG A 1 77  ? -14.926 -15.256 0.873   1.00 33.04 ? 77  ARG A CZ  1 
ATOM   625  N  NH1 . ARG A 1 77  ? -15.123 -13.955 1.044   1.00 34.07 ? 77  ARG A NH1 1 
ATOM   626  N  NH2 . ARG A 1 77  ? -15.916 -16.108 1.106   1.00 35.21 ? 77  ARG A NH2 1 
ATOM   627  N  N   . HIS A 1 78  ? -9.530  -11.228 -2.661  1.00 9.81  ? 78  HIS A N   1 
ATOM   628  C  CA  . HIS A 1 78  ? -8.403  -10.301 -2.588  1.00 8.18  ? 78  HIS A CA  1 
ATOM   629  C  C   . HIS A 1 78  ? -8.632  -9.069  -3.460  1.00 9.07  ? 78  HIS A C   1 
ATOM   630  O  O   . HIS A 1 78  ? -8.313  -7.948  -3.060  1.00 8.77  ? 78  HIS A O   1 
ATOM   631  C  CB  . HIS A 1 78  ? -7.115  -11.025 -2.998  1.00 8.32  ? 78  HIS A CB  1 
ATOM   632  C  CG  . HIS A 1 78  ? -5.859  -10.363 -2.516  1.00 7.74  ? 78  HIS A CG  1 
ATOM   633  N  ND1 . HIS A 1 78  ? -4.846  -11.025 -1.856  1.00 9.41  ? 78  HIS A ND1 1 
ATOM   634  C  CD2 . HIS A 1 78  ? -5.438  -9.080  -2.640  1.00 7.99  ? 78  HIS A CD2 1 
ATOM   635  C  CE1 . HIS A 1 78  ? -3.863  -10.142 -1.607  1.00 7.49  ? 78  HIS A CE1 1 
ATOM   636  N  NE2 . HIS A 1 78  ? -4.172  -8.944  -2.064  1.00 8.12  ? 78  HIS A NE2 1 
ATOM   637  N  N   . LYS A 1 79  ? -9.188  -9.271  -4.650  1.00 9.40  ? 79  LYS A N   1 
ATOM   638  C  CA  . LYS A 1 79  ? -9.455  -8.155  -5.549  1.00 9.57  ? 79  LYS A CA  1 
ATOM   639  C  C   . LYS A 1 79  ? -10.471 -7.188  -4.936  1.00 9.15  ? 79  LYS A C   1 
ATOM   640  O  O   . LYS A 1 79  ? -10.329 -5.973  -5.057  1.00 10.16 ? 79  LYS A O   1 
ATOM   641  C  CB  . LYS A 1 79  ? -9.968  -8.665  -6.900  1.00 12.70 ? 79  LYS A CB  1 
ATOM   642  C  CG  . LYS A 1 79  ? -10.249 -7.553  -7.898  1.00 15.33 ? 79  LYS A CG  1 
ATOM   643  C  CD  . LYS A 1 79  ? -10.734 -8.084  -9.238  1.00 20.06 ? 79  LYS A CD  1 
ATOM   644  C  CE  . LYS A 1 79  ? -9.654  -8.852  -9.973  1.00 23.54 ? 79  LYS A CE  1 
ATOM   645  N  NZ  . LYS A 1 79  ? -10.111 -9.216  -11.346 1.00 25.21 ? 79  LYS A NZ  1 
ATOM   646  N  N   . GLU A 1 80  ? -11.498 -7.723  -4.282  1.00 9.78  ? 80  GLU A N   1 
ATOM   647  C  CA  . GLU A 1 80  ? -12.501 -6.870  -3.646  1.00 9.46  ? 80  GLU A CA  1 
ATOM   648  C  C   . GLU A 1 80  ? -11.844 -6.026  -2.555  1.00 8.87  ? 80  GLU A C   1 
ATOM   649  O  O   . GLU A 1 80  ? -12.161 -4.850  -2.391  1.00 8.25  ? 80  GLU A O   1 
ATOM   650  C  CB  . GLU A 1 80  ? -13.621 -7.705  -3.018  1.00 9.84  ? 80  GLU A CB  1 
ATOM   651  C  CG  . GLU A 1 80  ? -14.710 -6.848  -2.385  1.00 10.92 ? 80  GLU A CG  1 
ATOM   652  C  CD  . GLU A 1 80  ? -15.754 -7.654  -1.635  1.00 14.41 ? 80  GLU A CD  1 
ATOM   653  O  OE1 . GLU A 1 80  ? -15.860 -8.875  -1.873  1.00 17.20 ? 80  GLU A OE1 1 
ATOM   654  O  OE2 . GLU A 1 80  ? -16.475 -7.056  -0.807  1.00 16.34 ? 80  GLU A OE2 1 
ATOM   655  N  N   . ILE A 1 81  ? -10.935 -6.641  -1.807  1.00 8.11  ? 81  ILE A N   1 
ATOM   656  C  CA  . ILE A 1 81  ? -10.229 -5.942  -0.741  1.00 8.12  ? 81  ILE A CA  1 
ATOM   657  C  C   . ILE A 1 81  ? -9.454  -4.769  -1.340  1.00 8.32  ? 81  ILE A C   1 
ATOM   658  O  O   . ILE A 1 81  ? -9.454  -3.674  -0.782  1.00 8.63  ? 81  ILE A O   1 
ATOM   659  C  CB  . ILE A 1 81  ? -9.275  -6.904  0.000   1.00 9.56  ? 81  ILE A CB  1 
ATOM   660  C  CG1 . ILE A 1 81  ? -10.099 -7.899  0.829   1.00 9.84  ? 81  ILE A CG1 1 
ATOM   661  C  CG2 . ILE A 1 81  ? -8.316  -6.116  0.887   1.00 9.35  ? 81  ILE A CG2 1 
ATOM   662  C  CD1 . ILE A 1 81  ? -9.280  -8.996  1.488   1.00 12.14 ? 81  ILE A CD1 1 
ATOM   663  N  N   . HIS A 1 82  ? -8.810  -4.998  -2.482  1.00 7.83  ? 82  HIS A N   1 
ATOM   664  C  CA  . HIS A 1 82  ? -8.055  -3.948  -3.168  1.00 7.56  ? 82  HIS A CA  1 
ATOM   665  C  C   . HIS A 1 82  ? -8.976  -2.812  -3.605  1.00 8.36  ? 82  HIS A C   1 
ATOM   666  O  O   . HIS A 1 82  ? -8.695  -1.635  -3.372  1.00 7.73  ? 82  HIS A O   1 
ATOM   667  C  CB  . HIS A 1 82  ? -7.373  -4.503  -4.420  1.00 7.39  ? 82  HIS A CB  1 
ATOM   668  C  CG  . HIS A 1 82  ? -6.159  -5.335  -4.150  1.00 8.13  ? 82  HIS A CG  1 
ATOM   669  N  ND1 . HIS A 1 82  ? -5.512  -6.070  -5.119  1.00 8.02  ? 82  HIS A ND1 1 
ATOM   670  C  CD2 . HIS A 1 82  ? -5.432  -5.504  -3.014  1.00 7.13  ? 82  HIS A CD2 1 
ATOM   671  C  CE1 . HIS A 1 82  ? -4.436  -6.640  -4.562  1.00 7.39  ? 82  HIS A CE1 1 
ATOM   672  N  NE2 . HIS A 1 82  ? -4.343  -6.328  -3.284  1.00 7.19  ? 82  HIS A NE2 1 
ATOM   673  N  N   . ARG A 1 83  ? -10.074 -3.172  -4.266  1.00 7.72  ? 83  ARG A N   1 
ATOM   674  C  CA  . ARG A 1 83  ? -11.026 -2.177  -4.752  1.00 8.94  ? 83  ARG A CA  1 
ATOM   675  C  C   . ARG A 1 83  ? -11.588 -1.317  -3.626  1.00 9.09  ? 83  ARG A C   1 
ATOM   676  O  O   . ARG A 1 83  ? -11.758 -0.105  -3.784  1.00 9.66  ? 83  ARG A O   1 
ATOM   677  C  CB  . ARG A 1 83  ? -12.179 -2.863  -5.496  1.00 9.94  ? 83  ARG A CB  1 
ATOM   678  C  CG  . ARG A 1 83  ? -11.782 -3.561  -6.787  1.00 11.26 ? 83  ARG A CG  1 
ATOM   679  C  CD  . ARG A 1 83  ? -11.223 -2.586  -7.816  1.00 13.44 ? 83  ARG A CD  1 
ATOM   680  N  NE  . ARG A 1 83  ? -10.944 -3.244  -9.091  1.00 16.64 ? 83  ARG A NE  1 
ATOM   681  C  CZ  . ARG A 1 83  ? -11.876 -3.634  -9.957  1.00 15.53 ? 83  ARG A CZ  1 
ATOM   682  N  NH1 . ARG A 1 83  ? -13.162 -3.431  -9.697  1.00 19.95 ? 83  ARG A NH1 1 
ATOM   683  N  NH2 . ARG A 1 83  ? -11.524 -4.239  -11.082 1.00 18.48 ? 83  ARG A NH2 1 
ATOM   684  N  N   . ARG A 1 84  ? -11.887 -1.943  -2.493  1.00 8.12  ? 84  ARG A N   1 
ATOM   685  C  CA  . ARG A 1 84  ? -12.423 -1.209  -1.356  1.00 9.15  ? 84  ARG A CA  1 
ATOM   686  C  C   . ARG A 1 84  ? -11.397 -0.213  -0.835  1.00 9.61  ? 84  ARG A C   1 
ATOM   687  O  O   . ARG A 1 84  ? -11.752 0.896   -0.430  1.00 11.58 ? 84  ARG A O   1 
ATOM   688  C  CB  . ARG A 1 84  ? -12.844 -2.177  -0.248  1.00 9.65  ? 84  ARG A CB  1 
ATOM   689  C  CG  . ARG A 1 84  ? -14.183 -2.865  -0.510  1.00 13.08 ? 84  ARG A CG  1 
ATOM   690  C  CD  . ARG A 1 84  ? -14.476 -3.927  0.543   1.00 15.61 ? 84  ARG A CD  1 
ATOM   691  N  NE  . ARG A 1 84  ? -15.783 -4.558  0.353   1.00 19.42 ? 84  ARG A NE  1 
ATOM   692  C  CZ  . ARG A 1 84  ? -16.943 -3.995  0.677   1.00 22.58 ? 84  ARG A CZ  1 
ATOM   693  N  NH1 . ARG A 1 84  ? -16.969 -2.781  1.214   1.00 24.11 ? 84  ARG A NH1 1 
ATOM   694  N  NH2 . ARG A 1 84  ? -18.080 -4.646  0.466   1.00 22.91 ? 84  ARG A NH2 1 
ATOM   695  N  N   . PHE A 1 85  ? -10.122 -0.591  -0.852  1.00 9.17  ? 85  PHE A N   1 
ATOM   696  C  CA  . PHE A 1 85  ? -9.089  0.317   -0.366  1.00 8.59  ? 85  PHE A CA  1 
ATOM   697  C  C   . PHE A 1 85  ? -8.921  1.500   -1.312  1.00 8.03  ? 85  PHE A C   1 
ATOM   698  O  O   . PHE A 1 85  ? -8.697  2.624   -0.868  1.00 7.77  ? 85  PHE A O   1 
ATOM   699  C  CB  . PHE A 1 85  ? -7.751  -0.407  -0.195  1.00 8.63  ? 85  PHE A CB  1 
ATOM   700  C  CG  . PHE A 1 85  ? -6.679  0.450   0.425   1.00 8.54  ? 85  PHE A CG  1 
ATOM   701  C  CD1 . PHE A 1 85  ? -6.859  0.998   1.690   1.00 9.79  ? 85  PHE A CD1 1 
ATOM   702  C  CD2 . PHE A 1 85  ? -5.503  0.726   -0.264  1.00 10.58 ? 85  PHE A CD2 1 
ATOM   703  C  CE1 . PHE A 1 85  ? -5.875  1.813   2.265   1.00 10.06 ? 85  PHE A CE1 1 
ATOM   704  C  CE2 . PHE A 1 85  ? -4.516  1.538   0.299   1.00 11.42 ? 85  PHE A CE2 1 
ATOM   705  C  CZ  . PHE A 1 85  ? -4.705  2.080   1.566   1.00 11.71 ? 85  PHE A CZ  1 
ATOM   706  N  N   . VAL A 1 86  ? -9.026  1.255   -2.615  1.00 7.82  ? 86  VAL A N   1 
ATOM   707  C  CA  . VAL A 1 86  ? -8.898  2.340   -3.579  1.00 8.97  ? 86  VAL A CA  1 
ATOM   708  C  C   . VAL A 1 86  ? -9.975  3.388   -3.302  1.00 9.40  ? 86  VAL A C   1 
ATOM   709  O  O   . VAL A 1 86  ? -9.716  4.586   -3.393  1.00 8.23  ? 86  VAL A O   1 
ATOM   710  C  CB  . VAL A 1 86  ? -9.015  1.819   -5.033  1.00 10.01 ? 86  VAL A CB  1 
ATOM   711  C  CG1 . VAL A 1 86  ? -9.048  2.990   -6.009  1.00 10.86 ? 86  VAL A CG1 1 
ATOM   712  C  CG2 . VAL A 1 86  ? -7.829  0.911   -5.354  1.00 11.24 ? 86  VAL A CG2 1 
ATOM   713  N  N   . GLU A 1 87  ? -11.181 2.940   -2.954  1.00 10.89 ? 87  GLU A N   1 
ATOM   714  C  CA  . GLU A 1 87  ? -12.269 3.866   -2.638  1.00 11.60 ? 87  GLU A CA  1 
ATOM   715  C  C   . GLU A 1 87  ? -11.850 4.723   -1.451  1.00 10.66 ? 87  GLU A C   1 
ATOM   716  O  O   . GLU A 1 87  ? -12.017 5.943   -1.449  1.00 11.14 ? 87  GLU A O   1 
ATOM   717  C  CB  . GLU A 1 87  ? -13.538 3.107   -2.251  1.00 15.27 ? 87  GLU A CB  1 
ATOM   718  C  CG  . GLU A 1 87  ? -14.122 2.223   -3.321  1.00 21.30 ? 87  GLU A CG  1 
ATOM   719  C  CD  . GLU A 1 87  ? -15.308 1.432   -2.807  1.00 24.71 ? 87  GLU A CD  1 
ATOM   720  O  OE1 . GLU A 1 87  ? -16.334 2.051   -2.458  1.00 27.65 ? 87  GLU A OE1 1 
ATOM   721  O  OE2 . GLU A 1 87  ? -15.206 0.189   -2.738  1.00 28.32 ? 87  GLU A OE2 1 
ATOM   722  N  N   . THR A 1 88  ? -11.311 4.063   -0.432  1.00 10.93 ? 88  THR A N   1 
ATOM   723  C  CA  . THR A 1 88  ? -10.856 4.738   0.776   1.00 9.89  ? 88  THR A CA  1 
ATOM   724  C  C   . THR A 1 88  ? -9.786  5.778   0.453   1.00 10.53 ? 88  THR A C   1 
ATOM   725  O  O   . THR A 1 88  ? -9.819  6.900   0.964   1.00 9.43  ? 88  THR A O   1 
ATOM   726  C  CB  . THR A 1 88  ? -10.292 3.712   1.787   1.00 11.11 ? 88  THR A CB  1 
ATOM   727  O  OG1 . THR A 1 88  ? -11.319 2.771   2.133   1.00 12.78 ? 88  THR A OG1 1 
ATOM   728  C  CG2 . THR A 1 88  ? -9.803  4.411   3.043   1.00 12.35 ? 88  THR A CG2 1 
ATOM   729  N  N   . VAL A 1 89  ? -8.839  5.405   -0.401  1.00 8.53  ? 89  VAL A N   1 
ATOM   730  C  CA  . VAL A 1 89  ? -7.772  6.313   -0.790  1.00 8.68  ? 89  VAL A CA  1 
ATOM   731  C  C   . VAL A 1 89  ? -8.312  7.552   -1.507  1.00 7.93  ? 89  VAL A C   1 
ATOM   732  O  O   . VAL A 1 89  ? -7.827  8.662   -1.285  1.00 9.55  ? 89  VAL A O   1 
ATOM   733  C  CB  . VAL A 1 89  ? -6.739  5.592   -1.684  1.00 8.28  ? 89  VAL A CB  1 
ATOM   734  C  CG1 . VAL A 1 89  ? -5.772  6.598   -2.293  1.00 8.28  ? 89  VAL A CG1 1 
ATOM   735  C  CG2 . VAL A 1 89  ? -5.969  4.576   -0.850  1.00 9.14  ? 89  VAL A CG2 1 
ATOM   736  N  N   . LEU A 1 90  ? -9.317  7.369   -2.359  1.00 8.93  ? 90  LEU A N   1 
ATOM   737  C  CA  . LEU A 1 90  ? -9.897  8.495   -3.078  1.00 9.57  ? 90  LEU A CA  1 
ATOM   738  C  C   . LEU A 1 90  ? -10.613 9.442   -2.110  1.00 10.13 ? 90  LEU A C   1 
ATOM   739  O  O   . LEU A 1 90  ? -10.627 10.657  -2.316  1.00 10.33 ? 90  LEU A O   1 
ATOM   740  C  CB  . LEU A 1 90  ? -10.852 7.991   -4.165  1.00 9.06  ? 90  LEU A CB  1 
ATOM   741  C  CG  . LEU A 1 90  ? -10.140 7.226   -5.289  1.00 9.84  ? 90  LEU A CG  1 
ATOM   742  C  CD1 . LEU A 1 90  ? -11.166 6.640   -6.243  1.00 11.30 ? 90  LEU A CD1 1 
ATOM   743  C  CD2 . LEU A 1 90  ? -9.189  8.160   -6.034  1.00 9.41  ? 90  LEU A CD2 1 
ATOM   744  N  N   . LYS A 1 91  ? -11.199 8.890   -1.051  1.00 10.48 ? 91  LYS A N   1 
ATOM   745  C  CA  . LYS A 1 91  ? -11.872 9.712   -0.049  1.00 11.22 ? 91  LYS A CA  1 
ATOM   746  C  C   . LYS A 1 91  ? -10.808 10.511  0.702   1.00 10.63 ? 91  LYS A C   1 
ATOM   747  O  O   . LYS A 1 91  ? -10.971 11.708  0.955   1.00 11.93 ? 91  LYS A O   1 
ATOM   748  C  CB  . LYS A 1 91  ? -12.652 8.832   0.932   1.00 13.52 ? 91  LYS A CB  1 
ATOM   749  C  CG  . LYS A 1 91  ? -13.042 9.529   2.227   1.00 18.11 ? 91  LYS A CG  1 
ATOM   750  C  CD  . LYS A 1 91  ? -13.749 8.574   3.180   1.00 21.33 ? 91  LYS A CD  1 
ATOM   751  C  CE  . LYS A 1 91  ? -13.722 9.102   4.607   1.00 23.50 ? 91  LYS A CE  1 
ATOM   752  N  NZ  . LYS A 1 91  ? -12.324 9.184   5.126   1.00 24.27 ? 91  LYS A NZ  1 
ATOM   753  N  N   . TRP A 1 92  ? -9.710  9.845   1.052   1.00 10.42 ? 92  TRP A N   1 
ATOM   754  C  CA  . TRP A 1 92  ? -8.626  10.508  1.760   1.00 10.55 ? 92  TRP A CA  1 
ATOM   755  C  C   . TRP A 1 92  ? -8.020  11.614  0.907   1.00 10.34 ? 92  TRP A C   1 
ATOM   756  O  O   . TRP A 1 92  ? -7.647  12.670  1.420   1.00 10.49 ? 92  TRP A O   1 
ATOM   757  C  CB  . TRP A 1 92  ? -7.529  9.506   2.144   1.00 9.49  ? 92  TRP A CB  1 
ATOM   758  C  CG  . TRP A 1 92  ? -7.881  8.650   3.328   1.00 10.81 ? 92  TRP A CG  1 
ATOM   759  C  CD1 . TRP A 1 92  ? -8.699  8.988   4.368   1.00 11.38 ? 92  TRP A CD1 1 
ATOM   760  C  CD2 . TRP A 1 92  ? -7.377  7.342   3.623   1.00 9.30  ? 92  TRP A CD2 1 
ATOM   761  N  NE1 . TRP A 1 92  ? -8.736  7.973   5.293   1.00 12.96 ? 92  TRP A NE1 1 
ATOM   762  C  CE2 . TRP A 1 92  ? -7.934  6.951   4.862   1.00 10.81 ? 92  TRP A CE2 1 
ATOM   763  C  CE3 . TRP A 1 92  ? -6.510  6.462   2.966   1.00 9.30  ? 92  TRP A CE3 1 
ATOM   764  C  CZ2 . TRP A 1 92  ? -7.649  5.718   5.457   1.00 10.77 ? 92  TRP A CZ2 1 
ATOM   765  C  CZ3 . TRP A 1 92  ? -6.227  5.235   3.558   1.00 10.92 ? 92  TRP A CZ3 1 
ATOM   766  C  CH2 . TRP A 1 92  ? -6.796  4.877   4.791   1.00 9.30  ? 92  TRP A CH2 1 
ATOM   767  N  N   . GLU A 1 93  ? -7.925  11.374  -0.397  1.00 9.18  ? 93  GLU A N   1 
ATOM   768  C  CA  . GLU A 1 93  ? -7.357  12.364  -1.302  1.00 8.68  ? 93  GLU A CA  1 
ATOM   769  C  C   . GLU A 1 93  ? -8.110  13.690  -1.201  1.00 8.94  ? 93  GLU A C   1 
ATOM   770  O  O   . GLU A 1 93  ? -7.497  14.758  -1.170  1.00 8.54  ? 93  GLU A O   1 
ATOM   771  C  CB  . GLU A 1 93  ? -7.392  11.843  -2.740  1.00 7.60  ? 93  GLU A CB  1 
ATOM   772  C  CG  . GLU A 1 93  ? -6.917  12.850  -3.780  1.00 9.77  ? 93  GLU A CG  1 
ATOM   773  C  CD  . GLU A 1 93  ? -6.903  12.276  -5.186  1.00 10.71 ? 93  GLU A CD  1 
ATOM   774  O  OE1 . GLU A 1 93  ? -7.805  11.481  -5.514  1.00 13.62 ? 93  GLU A OE1 1 
ATOM   775  O  OE2 . GLU A 1 93  ? -5.998  12.632  -5.970  1.00 13.92 ? 93  GLU A OE2 1 
ATOM   776  N  N   . LYS A 1 94  ? -9.436  13.613  -1.152  1.00 10.79 ? 94  LYS A N   1 
ATOM   777  C  CA  . LYS A 1 94  ? -10.264 14.808  -1.048  1.00 13.32 ? 94  LYS A CA  1 
ATOM   778  C  C   . LYS A 1 94  ? -10.058 15.504  0.294   1.00 14.24 ? 94  LYS A C   1 
ATOM   779  O  O   . LYS A 1 94  ? -10.040 16.735  0.367   1.00 14.86 ? 94  LYS A O   1 
ATOM   780  C  CB  . LYS A 1 94  ? -11.741 14.448  -1.229  1.00 13.92 ? 94  LYS A CB  1 
ATOM   781  C  CG  . LYS A 1 94  ? -12.085 13.922  -2.614  1.00 16.76 ? 94  LYS A CG  1 
ATOM   782  C  CD  . LYS A 1 94  ? -13.573 13.639  -2.739  1.00 19.71 ? 94  LYS A CD  1 
ATOM   783  C  CE  . LYS A 1 94  ? -13.925 13.109  -4.119  1.00 21.95 ? 94  LYS A CE  1 
ATOM   784  N  NZ  . LYS A 1 94  ? -13.670 14.111  -5.188  1.00 25.30 ? 94  LYS A NZ  1 
ATOM   785  N  N   . GLN A 1 95  ? -9.894  14.721  1.357   1.00 12.91 ? 95  GLN A N   1 
ATOM   786  C  CA  . GLN A 1 95  ? -9.686  15.299  2.678   1.00 12.87 ? 95  GLN A CA  1 
ATOM   787  C  C   . GLN A 1 95  ? -8.348  16.024  2.746   1.00 12.93 ? 95  GLN A C   1 
ATOM   788  O  O   . GLN A 1 95  ? -8.242  17.068  3.380   1.00 13.40 ? 95  GLN A O   1 
ATOM   789  C  CB  . GLN A 1 95  ? -9.763  14.217  3.758   1.00 11.79 ? 95  GLN A CB  1 
ATOM   790  C  CG  . GLN A 1 95  ? -11.130 13.552  3.858   1.00 15.39 ? 95  GLN A CG  1 
ATOM   791  C  CD  . GLN A 1 95  ? -11.223 12.584  5.020   1.00 17.61 ? 95  GLN A CD  1 
ATOM   792  O  OE1 . GLN A 1 95  ? -10.333 11.761  5.227   1.00 18.66 ? 95  GLN A OE1 1 
ATOM   793  N  NE2 . GLN A 1 95  ? -12.308 12.672  5.781   1.00 20.37 ? 95  GLN A NE2 1 
ATOM   794  N  N   . LEU A 1 96  ? -7.328  15.476  2.093   1.00 11.02 ? 96  LEU A N   1 
ATOM   795  C  CA  . LEU A 1 96  ? -6.023  16.123  2.086   1.00 11.08 ? 96  LEU A CA  1 
ATOM   796  C  C   . LEU A 1 96  ? -6.071  17.386  1.228   1.00 10.95 ? 96  LEU A C   1 
ATOM   797  O  O   . LEU A 1 96  ? -5.416  18.381  1.532   1.00 11.73 ? 96  LEU A O   1 
ATOM   798  C  CB  . LEU A 1 96  ? -4.940  15.170  1.563   1.00 11.02 ? 96  LEU A CB  1 
ATOM   799  C  CG  . LEU A 1 96  ? -4.189  14.355  2.627   1.00 12.12 ? 96  LEU A CG  1 
ATOM   800  C  CD1 . LEU A 1 96  ? -5.120  13.360  3.291   1.00 15.08 ? 96  LEU A CD1 1 
ATOM   801  C  CD2 . LEU A 1 96  ? -3.020  13.629  1.974   1.00 13.81 ? 96  LEU A CD2 1 
ATOM   802  N  N   . ALA A 1 97  ? -6.856  17.342  0.156   1.00 12.48 ? 97  ALA A N   1 
ATOM   803  C  CA  . ALA A 1 97  ? -6.986  18.490  -0.732  1.00 13.25 ? 97  ALA A CA  1 
ATOM   804  C  C   . ALA A 1 97  ? -7.596  19.685  -0.005  1.00 14.14 ? 97  ALA A C   1 
ATOM   805  O  O   . ALA A 1 97  ? -7.245  20.833  -0.278  1.00 14.82 ? 97  ALA A O   1 
ATOM   806  C  CB  . ALA A 1 97  ? -7.845  18.120  -1.939  1.00 11.63 ? 97  ALA A CB  1 
ATOM   807  N  N   . ALA A 1 98  ? -8.500  19.411  0.927   1.00 14.45 ? 98  ALA A N   1 
ATOM   808  C  CA  . ALA A 1 98  ? -9.162  20.471  1.679   1.00 16.03 ? 98  ALA A CA  1 
ATOM   809  C  C   . ALA A 1 98  ? -8.543  20.728  3.052   1.00 17.65 ? 98  ALA A C   1 
ATOM   810  O  O   . ALA A 1 98  ? -8.859  21.729  3.696   1.00 20.67 ? 98  ALA A O   1 
ATOM   811  C  CB  . ALA A 1 98  ? -10.644 20.141  1.835   1.00 16.96 ? 98  ALA A CB  1 
ATOM   812  N  N   . GLY A 1 99  ? -7.656  19.841  3.492   1.00 17.04 ? 99  GLY A N   1 
ATOM   813  C  CA  . GLY A 1 99  ? -7.052  19.995  4.804   1.00 15.79 ? 99  GLY A CA  1 
ATOM   814  C  C   . GLY A 1 99  ? -5.628  20.515  4.892   1.00 16.15 ? 99  GLY A C   1 
ATOM   815  O  O   . GLY A 1 99  ? -5.112  21.138  3.961   1.00 16.53 ? 99  GLY A O   1 
ATOM   816  N  N   . ASP A 1 100 ? -4.999  20.256  6.036   1.00 15.40 ? 100 ASP A N   1 
ATOM   817  C  CA  . ASP A 1 100 ? -3.631  20.683  6.300   1.00 14.60 ? 100 ASP A CA  1 
ATOM   818  C  C   . ASP A 1 100 ? -2.804  19.503  6.837   1.00 14.88 ? 100 ASP A C   1 
ATOM   819  O  O   . ASP A 1 100 ? -3.292  18.372  6.875   1.00 12.75 ? 100 ASP A O   1 
ATOM   820  C  CB  . ASP A 1 100 ? -3.640  21.854  7.294   1.00 16.17 ? 100 ASP A CB  1 
ATOM   821  C  CG  . ASP A 1 100 ? -4.123  21.456  8.678   1.00 19.55 ? 100 ASP A CG  1 
ATOM   822  O  OD1 . ASP A 1 100 ? -4.281  22.360  9.525   1.00 20.83 ? 100 ASP A OD1 1 
ATOM   823  O  OD2 . ASP A 1 100 ? -4.341  20.253  8.929   1.00 20.04 ? 100 ASP A OD2 1 
ATOM   824  N  N   . PRO A 1 101 ? -1.546  19.744  7.250   1.00 13.46 ? 101 PRO A N   1 
ATOM   825  C  CA  . PRO A 1 101 ? -0.722  18.643  7.764   1.00 12.73 ? 101 PRO A CA  1 
ATOM   826  C  C   . PRO A 1 101 ? -1.330  17.814  8.893   1.00 13.32 ? 101 PRO A C   1 
ATOM   827  O  O   . PRO A 1 101 ? -1.008  16.635  9.040   1.00 12.01 ? 101 PRO A O   1 
ATOM   828  C  CB  . PRO A 1 101 ? 0.563   19.347  8.182   1.00 12.19 ? 101 PRO A CB  1 
ATOM   829  C  CG  . PRO A 1 101 ? 0.681   20.417  7.148   1.00 12.86 ? 101 PRO A CG  1 
ATOM   830  C  CD  . PRO A 1 101 ? -0.732  20.965  7.112   1.00 12.24 ? 101 PRO A CD  1 
ATOM   831  N  N   . GLU A 1 102 ? -2.198  18.420  9.692   1.00 13.53 ? 102 GLU A N   1 
ATOM   832  C  CA  . GLU A 1 102 ? -2.830  17.689  10.784  1.00 15.29 ? 102 GLU A CA  1 
ATOM   833  C  C   . GLU A 1 102 ? -3.739  16.608  10.217  1.00 13.34 ? 102 GLU A C   1 
ATOM   834  O  O   . GLU A 1 102 ? -3.858  15.521  10.782  1.00 14.37 ? 102 GLU A O   1 
ATOM   835  C  CB  . GLU A 1 102 ? -3.631  18.639  11.679  1.00 17.52 ? 102 GLU A CB  1 
ATOM   836  C  CG  . GLU A 1 102 ? -2.768  19.431  12.650  1.00 23.40 ? 102 GLU A CG  1 
ATOM   837  C  CD  . GLU A 1 102 ? -3.586  20.310  13.578  1.00 26.39 ? 102 GLU A CD  1 
ATOM   838  O  OE1 . GLU A 1 102 ? -4.546  19.797  14.194  1.00 29.30 ? 102 GLU A OE1 1 
ATOM   839  O  OE2 . GLU A 1 102 ? -3.263  21.510  13.696  1.00 29.17 ? 102 GLU A OE2 1 
ATOM   840  N  N   . VAL A 1 103 ? -4.380  16.910  9.094   1.00 12.35 ? 103 VAL A N   1 
ATOM   841  C  CA  . VAL A 1 103 ? -5.261  15.948  8.447   1.00 11.64 ? 103 VAL A CA  1 
ATOM   842  C  C   . VAL A 1 103 ? -4.417  14.811  7.874   1.00 11.51 ? 103 VAL A C   1 
ATOM   843  O  O   . VAL A 1 103 ? -4.836  13.653  7.867   1.00 11.48 ? 103 VAL A O   1 
ATOM   844  C  CB  . VAL A 1 103 ? -6.077  16.615  7.316   1.00 12.47 ? 103 VAL A CB  1 
ATOM   845  C  CG1 . VAL A 1 103 ? -6.835  15.561  6.515   1.00 12.23 ? 103 VAL A CG1 1 
ATOM   846  C  CG2 . VAL A 1 103 ? -7.049  17.621  7.915   1.00 14.04 ? 103 VAL A CG2 1 
ATOM   847  N  N   . VAL A 1 104 ? -3.220  15.140  7.400   1.00 10.51 ? 104 VAL A N   1 
ATOM   848  C  CA  . VAL A 1 104 ? -2.339  14.118  6.849   1.00 9.65  ? 104 VAL A CA  1 
ATOM   849  C  C   . VAL A 1 104 ? -1.947  13.128  7.943   1.00 11.06 ? 104 VAL A C   1 
ATOM   850  O  O   . VAL A 1 104 ? -1.968  11.917  7.732   1.00 9.84  ? 104 VAL A O   1 
ATOM   851  C  CB  . VAL A 1 104 ? -1.053  14.732  6.246   1.00 9.92  ? 104 VAL A CB  1 
ATOM   852  C  CG1 . VAL A 1 104 ? -0.133  13.623  5.751   1.00 11.66 ? 104 VAL A CG1 1 
ATOM   853  C  CG2 . VAL A 1 104 ? -1.408  15.668  5.097   1.00 10.72 ? 104 VAL A CG2 1 
ATOM   854  N  N   . MET A 1 105 ? -1.594  13.646  9.116   1.00 10.60 ? 105 MET A N   1 
ATOM   855  C  CA  . MET A 1 105 ? -1.196  12.787  10.224  1.00 11.12 ? 105 MET A CA  1 
ATOM   856  C  C   . MET A 1 105 ? -2.334  11.880  10.664  1.00 12.15 ? 105 MET A C   1 
ATOM   857  O  O   . MET A 1 105 ? -2.132  10.689  10.915  1.00 10.77 ? 105 MET A O   1 
ATOM   858  C  CB  . MET A 1 105 ? -0.720  13.642  11.400  1.00 13.03 ? 105 MET A CB  1 
ATOM   859  C  CG  . MET A 1 105 ? 0.561   14.401  11.107  1.00 14.89 ? 105 MET A CG  1 
ATOM   860  S  SD  . MET A 1 105 ? 1.897   13.271  10.675  1.00 16.31 ? 105 MET A SD  1 
ATOM   861  C  CE  . MET A 1 105 ? 2.445   12.807  12.302  1.00 20.32 ? 105 MET A CE  1 
ATOM   862  N  N   . THR A 1 106 ? -3.533  12.443  10.752  1.00 10.97 ? 106 THR A N   1 
ATOM   863  C  CA  . THR A 1 106 ? -4.701  11.674  11.155  1.00 12.88 ? 106 THR A CA  1 
ATOM   864  C  C   . THR A 1 106 ? -4.955  10.555  10.143  1.00 13.85 ? 106 THR A C   1 
ATOM   865  O  O   . THR A 1 106 ? -5.306  9.433   10.512  1.00 16.15 ? 106 THR A O   1 
ATOM   866  C  CB  . THR A 1 106 ? -5.934  12.590  11.257  1.00 14.22 ? 106 THR A CB  1 
ATOM   867  O  OG1 . THR A 1 106 ? -5.699  13.577  12.271  1.00 13.87 ? 106 THR A OG1 1 
ATOM   868  C  CG2 . THR A 1 106 ? -7.179  11.793  11.608  1.00 14.53 ? 106 THR A CG2 1 
ATOM   869  N  N   . THR A 1 107 ? -4.758  10.871  8.868   1.00 12.35 ? 107 THR A N   1 
ATOM   870  C  CA  . THR A 1 107 ? -4.949  9.910   7.784   1.00 13.90 ? 107 THR A CA  1 
ATOM   871  C  C   . THR A 1 107 ? -3.940  8.764   7.868   1.00 14.54 ? 107 THR A C   1 
ATOM   872  O  O   . THR A 1 107 ? -4.261  7.618   7.557   1.00 14.41 ? 107 THR A O   1 
ATOM   873  C  CB  . THR A 1 107 ? -4.810  10.605  6.413   1.00 12.33 ? 107 THR A CB  1 
ATOM   874  O  OG1 . THR A 1 107 ? -5.835  11.599  6.284   1.00 14.57 ? 107 THR A OG1 1 
ATOM   875  C  CG2 . THR A 1 107 ? -4.940  9.599   5.279   1.00 14.02 ? 107 THR A CG2 1 
ATOM   876  N  N   . LEU A 1 108 ? -2.719  9.074   8.295   1.00 15.81 ? 108 LEU A N   1 
ATOM   877  C  CA  . LEU A 1 108 ? -1.674  8.063   8.414   1.00 16.26 ? 108 LEU A CA  1 
ATOM   878  C  C   . LEU A 1 108 ? -2.080  6.921   9.335   1.00 16.45 ? 108 LEU A C   1 
ATOM   879  O  O   . LEU A 1 108 ? -1.651  5.780   9.153   1.00 15.92 ? 108 LEU A O   1 
ATOM   880  C  CB  . LEU A 1 108 ? -0.377  8.701   8.922   1.00 17.65 ? 108 LEU A CB  1 
ATOM   881  C  CG  . LEU A 1 108 ? 0.422   9.496   7.888   1.00 19.43 ? 108 LEU A CG  1 
ATOM   882  C  CD1 . LEU A 1 108 ? 1.535   10.270  8.582   1.00 22.28 ? 108 LEU A CD1 1 
ATOM   883  C  CD2 . LEU A 1 108 ? 0.995   8.550   6.849   1.00 19.75 ? 108 LEU A CD2 1 
ATOM   884  N  N   . ARG A 1 109 ? -2.907  7.228   10.326  1.00 16.83 ? 109 ARG A N   1 
ATOM   885  C  CA  . ARG A 1 109 ? -3.374  6.221   11.266  1.00 16.96 ? 109 ARG A CA  1 
ATOM   886  C  C   . ARG A 1 109 ? -4.074  5.092   10.500  1.00 16.11 ? 109 ARG A C   1 
ATOM   887  O  O   . ARG A 1 109 ? -3.750  3.917   10.674  1.00 15.76 ? 109 ARG A O   1 
ATOM   888  C  CB  . ARG A 1 109 ? -4.325  6.867   12.280  1.00 20.28 ? 109 ARG A CB  1 
ATOM   889  C  CG  . ARG A 1 109 ? -4.735  5.971   13.431  1.00 21.18 ? 109 ARG A CG  1 
ATOM   890  C  CD  . ARG A 1 109 ? -5.688  6.685   14.392  1.00 20.81 ? 109 ARG A CD  1 
ATOM   891  N  NE  . ARG A 1 109 ? -5.012  7.508   15.399  1.00 18.76 ? 109 ARG A NE  1 
ATOM   892  C  CZ  . ARG A 1 109 ? -5.128  8.829   15.500  1.00 18.34 ? 109 ARG A CZ  1 
ATOM   893  N  NH1 . ARG A 1 109 ? -5.891  9.502   14.649  1.00 19.82 ? 109 ARG A NH1 1 
ATOM   894  N  NH2 . ARG A 1 109 ? -4.503  9.479   16.474  1.00 17.83 ? 109 ARG A NH2 1 
ATOM   895  N  N   . GLY A 1 110 ? -5.018  5.453   9.637   1.00 14.77 ? 110 GLY A N   1 
ATOM   896  C  CA  . GLY A 1 110 ? -5.730  4.448   8.863   1.00 13.04 ? 110 GLY A CA  1 
ATOM   897  C  C   . GLY A 1 110 ? -4.920  3.882   7.707   1.00 11.80 ? 110 GLY A C   1 
ATOM   898  O  O   . GLY A 1 110 ? -5.066  2.714   7.341   1.00 11.83 ? 110 GLY A O   1 
ATOM   899  N  N   . LEU A 1 111 ? -4.067  4.712   7.123   1.00 11.27 ? 111 LEU A N   1 
ATOM   900  C  CA  . LEU A 1 111 ? -3.232  4.291   6.005   1.00 11.26 ? 111 LEU A CA  1 
ATOM   901  C  C   . LEU A 1 111 ? -2.260  3.190   6.438   1.00 11.16 ? 111 LEU A C   1 
ATOM   902  O  O   . LEU A 1 111 ? -2.170  2.135   5.804   1.00 9.60  ? 111 LEU A O   1 
ATOM   903  C  CB  . LEU A 1 111 ? -2.455  5.492   5.466   1.00 14.74 ? 111 LEU A CB  1 
ATOM   904  C  CG  . LEU A 1 111 ? -1.579  5.292   4.233   1.00 16.83 ? 111 LEU A CG  1 
ATOM   905  C  CD1 . LEU A 1 111 ? -2.428  4.810   3.065   1.00 18.38 ? 111 LEU A CD1 1 
ATOM   906  C  CD2 . LEU A 1 111 ? -0.899  6.611   3.884   1.00 18.10 ? 111 LEU A CD2 1 
ATOM   907  N  N   . VAL A 1 112 ? -1.533  3.437   7.522   1.00 11.66 ? 112 VAL A N   1 
ATOM   908  C  CA  . VAL A 1 112 ? -0.574  2.455   8.019   1.00 10.01 ? 112 VAL A CA  1 
ATOM   909  C  C   . VAL A 1 112 ? -1.264  1.179   8.491   1.00 10.74 ? 112 VAL A C   1 
ATOM   910  O  O   . VAL A 1 112 ? -0.811  0.071   8.195   1.00 9.33  ? 112 VAL A O   1 
ATOM   911  C  CB  . VAL A 1 112 ? 0.268   3.038   9.179   1.00 11.90 ? 112 VAL A CB  1 
ATOM   912  C  CG1 . VAL A 1 112 ? 1.224   1.983   9.722   1.00 11.60 ? 112 VAL A CG1 1 
ATOM   913  C  CG2 . VAL A 1 112 ? 1.043   4.244   8.687   1.00 12.91 ? 112 VAL A CG2 1 
ATOM   914  N  N   . ASP A 1 113 ? -2.362  1.327   9.225   1.00 8.81  ? 113 ASP A N   1 
ATOM   915  C  CA  . ASP A 1 113 ? -3.085  0.164   9.722   1.00 8.94  ? 113 ASP A CA  1 
ATOM   916  C  C   . ASP A 1 113 ? -3.540  -0.736  8.584   1.00 8.65  ? 113 ASP A C   1 
ATOM   917  O  O   . ASP A 1 113 ? -3.403  -1.951  8.661   1.00 9.52  ? 113 ASP A O   1 
ATOM   918  C  CB  . ASP A 1 113 ? -4.303  0.586   10.554  1.00 11.04 ? 113 ASP A CB  1 
ATOM   919  C  CG  . ASP A 1 113 ? -5.104  -0.608  11.070  1.00 14.53 ? 113 ASP A CG  1 
ATOM   920  O  OD1 . ASP A 1 113 ? -4.550  -1.432  11.831  1.00 17.86 ? 113 ASP A OD1 1 
ATOM   921  O  OD2 . ASP A 1 113 ? -6.298  -0.725  10.715  1.00 20.78 ? 113 ASP A OD2 1 
ATOM   922  N  N   . TRP A 1 114 ? -4.077  -0.148  7.521   1.00 8.77  ? 114 TRP A N   1 
ATOM   923  C  CA  . TRP A 1 114 ? -4.545  -0.965  6.412   1.00 8.04  ? 114 TRP A CA  1 
ATOM   924  C  C   . TRP A 1 114 ? -3.407  -1.625  5.645   1.00 8.37  ? 114 TRP A C   1 
ATOM   925  O  O   . TRP A 1 114 ? -3.440  -2.833  5.415   1.00 7.80  ? 114 TRP A O   1 
ATOM   926  C  CB  . TRP A 1 114 ? -5.388  -0.146  5.429   1.00 8.65  ? 114 TRP A CB  1 
ATOM   927  C  CG  . TRP A 1 114 ? -6.069  -1.021  4.419   1.00 7.42  ? 114 TRP A CG  1 
ATOM   928  C  CD1 . TRP A 1 114 ? -7.323  -1.554  4.510   1.00 9.12  ? 114 TRP A CD1 1 
ATOM   929  C  CD2 . TRP A 1 114 ? -5.500  -1.541  3.210   1.00 7.36  ? 114 TRP A CD2 1 
ATOM   930  N  NE1 . TRP A 1 114 ? -7.569  -2.376  3.437   1.00 10.36 ? 114 TRP A NE1 1 
ATOM   931  C  CE2 . TRP A 1 114 ? -6.468  -2.387  2.623   1.00 7.67  ? 114 TRP A CE2 1 
ATOM   932  C  CE3 . TRP A 1 114 ? -4.265  -1.376  2.566   1.00 6.76  ? 114 TRP A CE3 1 
ATOM   933  C  CZ2 . TRP A 1 114 ? -6.239  -3.070  1.422   1.00 9.46  ? 114 TRP A CZ2 1 
ATOM   934  C  CZ3 . TRP A 1 114 ? -4.036  -2.055  1.372   1.00 8.08  ? 114 TRP A CZ3 1 
ATOM   935  C  CH2 . TRP A 1 114 ? -5.023  -2.893  0.815   1.00 8.87  ? 114 TRP A CH2 1 
ATOM   936  N  N   . LEU A 1 115 ? -2.400  -0.840  5.264   1.00 9.00  ? 115 LEU A N   1 
ATOM   937  C  CA  . LEU A 1 115 ? -1.287  -1.374  4.486   1.00 10.33 ? 115 LEU A CA  1 
ATOM   938  C  C   . LEU A 1 115 ? -0.486  -2.461  5.181   1.00 11.49 ? 115 LEU A C   1 
ATOM   939  O  O   . LEU A 1 115 ? -0.278  -3.536  4.625   1.00 10.13 ? 115 LEU A O   1 
ATOM   940  C  CB  . LEU A 1 115 ? -0.334  -0.256  4.058   1.00 13.69 ? 115 LEU A CB  1 
ATOM   941  C  CG  . LEU A 1 115 ? 0.922   -0.766  3.334   1.00 17.90 ? 115 LEU A CG  1 
ATOM   942  C  CD1 . LEU A 1 115 ? 0.525   -1.511  2.072   1.00 20.76 ? 115 LEU A CD1 1 
ATOM   943  C  CD2 . LEU A 1 115 ? 1.834   0.394   2.996   1.00 20.41 ? 115 LEU A CD2 1 
ATOM   944  N  N   . VAL A 1 116 ? -0.021  -2.186  6.392   1.00 10.64 ? 116 VAL A N   1 
ATOM   945  C  CA  . VAL A 1 116 ? 0.767   -3.182  7.104   1.00 11.49 ? 116 VAL A CA  1 
ATOM   946  C  C   . VAL A 1 116 ? -0.028  -4.465  7.313   1.00 10.98 ? 116 VAL A C   1 
ATOM   947  O  O   . VAL A 1 116 ? 0.488   -5.567  7.108   1.00 10.61 ? 116 VAL A O   1 
ATOM   948  C  CB  . VAL A 1 116 ? 1.254   -2.640  8.461   1.00 11.77 ? 116 VAL A CB  1 
ATOM   949  C  CG1 . VAL A 1 116 ? 1.964   -3.744  9.238   1.00 12.92 ? 116 VAL A CG1 1 
ATOM   950  C  CG2 . VAL A 1 116 ? 2.204   -1.472  8.235   1.00 13.93 ? 116 VAL A CG2 1 
ATOM   951  N  N   . ASN A 1 117 ? -1.289  -4.324  7.708   1.00 8.27  ? 117 ASN A N   1 
ATOM   952  C  CA  . ASN A 1 117 ? -2.137  -5.484  7.930   1.00 11.39 ? 117 ASN A CA  1 
ATOM   953  C  C   . ASN A 1 117 ? -2.386  -6.250  6.633   1.00 10.50 ? 117 ASN A C   1 
ATOM   954  O  O   . ASN A 1 117 ? -2.389  -7.478  6.619   1.00 11.15 ? 117 ASN A O   1 
ATOM   955  C  CB  . ASN A 1 117 ? -3.475  -5.055  8.525   1.00 13.66 ? 117 ASN A CB  1 
ATOM   956  C  CG  . ASN A 1 117 ? -4.425  -6.211  8.692   1.00 17.93 ? 117 ASN A CG  1 
ATOM   957  O  OD1 . ASN A 1 117 ? -4.276  -7.025  9.604   1.00 22.45 ? 117 ASN A OD1 1 
ATOM   958  N  ND2 . ASN A 1 117 ? -5.404  -6.303  7.802   1.00 19.60 ? 117 ASN A ND2 1 
ATOM   959  N  N   . HIS A 1 118 ? -2.599  -5.523  5.543   1.00 8.85  ? 118 HIS A N   1 
ATOM   960  C  CA  . HIS A 1 118 ? -2.854  -6.165  4.261   1.00 8.35  ? 118 HIS A CA  1 
ATOM   961  C  C   . HIS A 1 118 ? -1.649  -6.981  3.810   1.00 8.44  ? 118 HIS A C   1 
ATOM   962  O  O   . HIS A 1 118 ? -1.786  -8.123  3.362   1.00 10.59 ? 118 HIS A O   1 
ATOM   963  C  CB  . HIS A 1 118 ? -3.179  -5.120  3.192   1.00 5.70  ? 118 HIS A CB  1 
ATOM   964  C  CG  . HIS A 1 118 ? -3.574  -5.715  1.880   1.00 6.19  ? 118 HIS A CG  1 
ATOM   965  N  ND1 . HIS A 1 118 ? -4.772  -6.356  1.652   1.00 7.22  ? 118 HIS A ND1 1 
ATOM   966  C  CD2 . HIS A 1 118 ? -2.884  -5.796  0.715   1.00 5.27  ? 118 HIS A CD2 1 
ATOM   967  C  CE1 . HIS A 1 118 ? -4.770  -6.795  0.387   1.00 7.27  ? 118 HIS A CE1 1 
ATOM   968  N  NE2 . HIS A 1 118 ? -3.643  -6.478  -0.222  1.00 6.88  ? 118 HIS A NE2 1 
ATOM   969  N  N   . ILE A 1 119 ? -0.470  -6.382  3.922   1.00 8.24  ? 119 ILE A N   1 
ATOM   970  C  CA  . ILE A 1 119 ? 0.762   -7.051  3.529   1.00 9.19  ? 119 ILE A CA  1 
ATOM   971  C  C   . ILE A 1 119 ? 1.013   -8.273  4.406   1.00 11.32 ? 119 ILE A C   1 
ATOM   972  O  O   . ILE A 1 119 ? 1.336   -9.350  3.908   1.00 10.20 ? 119 ILE A O   1 
ATOM   973  C  CB  . ILE A 1 119 ? 1.967   -6.093  3.640   1.00 8.54  ? 119 ILE A CB  1 
ATOM   974  C  CG1 . ILE A 1 119 ? 1.897   -5.040  2.531   1.00 9.57  ? 119 ILE A CG1 1 
ATOM   975  C  CG2 . ILE A 1 119 ? 3.272   -6.878  3.550   1.00 10.48 ? 119 ILE A CG2 1 
ATOM   976  C  CD1 . ILE A 1 119 ? 2.946   -3.952  2.649   1.00 12.03 ? 119 ILE A CD1 1 
ATOM   977  N  N   . MET A 1 120 ? 0.847   -8.100  5.714   1.00 13.16 ? 120 MET A N   1 
ATOM   978  C  CA  . MET A 1 120 ? 1.076   -9.177  6.670   1.00 14.99 ? 120 MET A CA  1 
ATOM   979  C  C   . MET A 1 120 ? 0.073   -10.319 6.636   1.00 15.65 ? 120 MET A C   1 
ATOM   980  O  O   . MET A 1 120 ? 0.445   -11.483 6.807   1.00 18.29 ? 120 MET A O   1 
ATOM   981  C  CB  . MET A 1 120 ? 1.107   -8.619  8.093   1.00 17.07 ? 120 MET A CB  1 
ATOM   982  C  CG  . MET A 1 120 ? 2.348   -7.838  8.440   1.00 21.67 ? 120 MET A CG  1 
ATOM   983  S  SD  . MET A 1 120 ? 2.381   -7.400  10.187  1.00 28.25 ? 120 MET A SD  1 
ATOM   984  C  CE  . MET A 1 120 ? 2.300   -9.020  10.927  1.00 21.64 ? 120 MET A CE  1 
ATOM   985  N  N   . LYS A 1 121 ? -1.196  -9.990  6.427   1.00 15.35 ? 121 LYS A N   1 
ATOM   986  C  CA  . LYS A 1 121 ? -2.244  -11.000 6.427   1.00 16.88 ? 121 LYS A CA  1 
ATOM   987  C  C   . LYS A 1 121 ? -2.708  -11.504 5.068   1.00 16.34 ? 121 LYS A C   1 
ATOM   988  O  O   . LYS A 1 121 ? -2.532  -12.679 4.744   1.00 20.62 ? 121 LYS A O   1 
ATOM   989  C  CB  . LYS A 1 121 ? -3.461  -10.488 7.208   1.00 18.76 ? 121 LYS A CB  1 
ATOM   990  C  CG  . LYS A 1 121 ? -3.243  -10.340 8.709   1.00 21.18 ? 121 LYS A CG  1 
ATOM   991  C  CD  . LYS A 1 121 ? -4.527  -9.890  9.400   1.00 24.78 ? 121 LYS A CD  1 
ATOM   992  C  CE  . LYS A 1 121 ? -4.382  -9.874  10.918  1.00 27.25 ? 121 LYS A CE  1 
ATOM   993  N  NZ  . LYS A 1 121 ? -3.271  -8.996  11.381  1.00 29.66 ? 121 LYS A NZ  1 
ATOM   994  N  N   . GLU A 1 122 ? -3.301  -10.619 4.276   1.00 12.82 ? 122 GLU A N   1 
ATOM   995  C  CA  . GLU A 1 122 ? -3.833  -10.999 2.975   1.00 12.53 ? 122 GLU A CA  1 
ATOM   996  C  C   . GLU A 1 122 ? -2.796  -11.357 1.918   1.00 10.90 ? 122 GLU A C   1 
ATOM   997  O  O   . GLU A 1 122 ? -2.924  -12.383 1.254   1.00 9.87  ? 122 GLU A O   1 
ATOM   998  C  CB  . GLU A 1 122 ? -4.746  -9.889  2.446   1.00 13.74 ? 122 GLU A CB  1 
ATOM   999  C  CG  . GLU A 1 122 ? -5.857  -9.496  3.419   1.00 19.18 ? 122 GLU A CG  1 
ATOM   1000 C  CD  . GLU A 1 122 ? -6.812  -10.638 3.726   1.00 19.92 ? 122 GLU A CD  1 
ATOM   1001 O  OE1 . GLU A 1 122 ? -7.633  -10.488 4.655   1.00 23.25 ? 122 GLU A OE1 1 
ATOM   1002 O  OE2 . GLU A 1 122 ? -6.753  -11.680 3.038   1.00 20.55 ? 122 GLU A OE2 1 
ATOM   1003 N  N   . ASP A 1 123 ? -1.776  -10.520 1.753   1.00 9.65  ? 123 ASP A N   1 
ATOM   1004 C  CA  . ASP A 1 123 ? -0.758  -10.798 0.741   1.00 9.91  ? 123 ASP A CA  1 
ATOM   1005 C  C   . ASP A 1 123 ? 0.090   -12.022 1.058   1.00 10.02 ? 123 ASP A C   1 
ATOM   1006 O  O   . ASP A 1 123 ? 0.523   -12.731 0.152   1.00 9.69  ? 123 ASP A O   1 
ATOM   1007 C  CB  . ASP A 1 123 ? 0.171   -9.597  0.545   1.00 8.25  ? 123 ASP A CB  1 
ATOM   1008 C  CG  . ASP A 1 123 ? -0.487  -8.451  -0.204  1.00 6.85  ? 123 ASP A CG  1 
ATOM   1009 O  OD1 . ASP A 1 123 ? -1.574  -8.626  -0.807  1.00 8.54  ? 123 ASP A OD1 1 
ATOM   1010 O  OD2 . ASP A 1 123 ? 0.113   -7.359  -0.196  1.00 6.76  ? 123 ASP A OD2 1 
ATOM   1011 N  N   . LYS A 1 124 ? 0.334   -12.269 2.341   1.00 10.52 ? 124 LYS A N   1 
ATOM   1012 C  CA  . LYS A 1 124 ? 1.143   -13.415 2.747   1.00 11.33 ? 124 LYS A CA  1 
ATOM   1013 C  C   . LYS A 1 124 ? 0.491   -14.730 2.312   1.00 11.94 ? 124 LYS A C   1 
ATOM   1014 O  O   . LYS A 1 124 ? 1.180   -15.715 2.042   1.00 12.36 ? 124 LYS A O   1 
ATOM   1015 C  CB  . LYS A 1 124 ? 1.332   -13.408 4.268   1.00 13.52 ? 124 LYS A CB  1 
ATOM   1016 C  CG  . LYS A 1 124 ? 2.402   -14.362 4.775   1.00 17.38 ? 124 LYS A CG  1 
ATOM   1017 C  CD  . LYS A 1 124 ? 3.785   -13.948 4.280   1.00 23.27 ? 124 LYS A CD  1 
ATOM   1018 C  CE  . LYS A 1 124 ? 4.884   -14.783 4.919   1.00 25.41 ? 124 LYS A CE  1 
ATOM   1019 N  NZ  . LYS A 1 124 ? 4.743   -16.232 4.606   1.00 30.01 ? 124 LYS A NZ  1 
ATOM   1020 N  N   . LYS A 1 125 ? -0.836  -14.730 2.235   1.00 11.46 ? 125 LYS A N   1 
ATOM   1021 C  CA  . LYS A 1 125 ? -1.598  -15.913 1.851   1.00 12.75 ? 125 LYS A CA  1 
ATOM   1022 C  C   . LYS A 1 125 ? -1.303  -16.451 0.456   1.00 13.84 ? 125 LYS A C   1 
ATOM   1023 O  O   . LYS A 1 125 ? -1.534  -17.629 0.190   1.00 15.42 ? 125 LYS A O   1 
ATOM   1024 C  CB  . LYS A 1 125 ? -3.099  -15.629 1.948   1.00 12.14 ? 125 LYS A CB  1 
ATOM   1025 C  CG  . LYS A 1 125 ? -3.610  -15.348 3.350   1.00 14.95 ? 125 LYS A CG  1 
ATOM   1026 C  CD  . LYS A 1 125 ? -5.102  -15.049 3.309   1.00 15.84 ? 125 LYS A CD  1 
ATOM   1027 C  CE  . LYS A 1 125 ? -5.669  -14.822 4.702   1.00 18.79 ? 125 LYS A CE  1 
ATOM   1028 N  NZ  . LYS A 1 125 ? -7.108  -14.433 4.651   1.00 19.64 ? 125 LYS A NZ  1 
ATOM   1029 N  N   . TYR A 1 126 ? -0.804  -15.604 -0.440  1.00 12.28 ? 126 TYR A N   1 
ATOM   1030 C  CA  . TYR A 1 126 ? -0.521  -16.061 -1.797  1.00 11.15 ? 126 TYR A CA  1 
ATOM   1031 C  C   . TYR A 1 126 ? 0.927   -16.441 -2.069  1.00 12.76 ? 126 TYR A C   1 
ATOM   1032 O  O   . TYR A 1 126 ? 1.236   -16.967 -3.139  1.00 13.12 ? 126 TYR A O   1 
ATOM   1033 C  CB  . TYR A 1 126 ? -0.975  -15.011 -2.836  1.00 10.63 ? 126 TYR A CB  1 
ATOM   1034 C  CG  . TYR A 1 126 ? -0.275  -13.658 -2.781  1.00 8.51  ? 126 TYR A CG  1 
ATOM   1035 C  CD1 . TYR A 1 126 ? 1.114   -13.555 -2.887  1.00 8.34  ? 126 TYR A CD1 1 
ATOM   1036 C  CD2 . TYR A 1 126 ? -1.011  -12.479 -2.652  1.00 8.12  ? 126 TYR A CD2 1 
ATOM   1037 C  CE1 . TYR A 1 126 ? 1.753   -12.316 -2.858  1.00 9.08  ? 126 TYR A CE1 1 
ATOM   1038 C  CE2 . TYR A 1 126 ? -0.380  -11.232 -2.630  1.00 7.96  ? 126 TYR A CE2 1 
ATOM   1039 C  CZ  . TYR A 1 126 ? 1.000   -11.163 -2.732  1.00 7.99  ? 126 TYR A CZ  1 
ATOM   1040 O  OH  . TYR A 1 126 ? 1.632   -9.939  -2.702  1.00 9.47  ? 126 TYR A OH  1 
ATOM   1041 N  N   . GLU A 1 127 ? 1.817   -16.204 -1.109  1.00 12.28 ? 127 GLU A N   1 
ATOM   1042 C  CA  . GLU A 1 127 ? 3.228   -16.509 -1.327  1.00 13.50 ? 127 GLU A CA  1 
ATOM   1043 C  C   . GLU A 1 127 ? 3.529   -17.970 -1.651  1.00 14.49 ? 127 GLU A C   1 
ATOM   1044 O  O   . GLU A 1 127 ? 4.078   -18.269 -2.709  1.00 15.05 ? 127 GLU A O   1 
ATOM   1045 C  CB  . GLU A 1 127 ? 4.072   -16.078 -0.127  1.00 13.58 ? 127 GLU A CB  1 
ATOM   1046 C  CG  . GLU A 1 127 ? 5.544   -16.434 -0.295  1.00 15.67 ? 127 GLU A CG  1 
ATOM   1047 C  CD  . GLU A 1 127 ? 6.410   -15.964 0.852   1.00 15.86 ? 127 GLU A CD  1 
ATOM   1048 O  OE1 . GLU A 1 127 ? 5.867   -15.718 1.947   1.00 19.02 ? 127 GLU A OE1 1 
ATOM   1049 O  OE2 . GLU A 1 127 ? 7.640   -15.855 0.659   1.00 17.21 ? 127 GLU A OE2 1 
ATOM   1050 N  N   . ALA A 1 128 ? 3.174   -18.873 -0.744  1.00 16.28 ? 128 ALA A N   1 
ATOM   1051 C  CA  . ALA A 1 128 ? 3.431   -20.294 -0.952  1.00 17.12 ? 128 ALA A CA  1 
ATOM   1052 C  C   . ALA A 1 128 ? 2.849   -20.789 -2.275  1.00 16.93 ? 128 ALA A C   1 
ATOM   1053 O  O   . ALA A 1 128 ? 3.523   -21.481 -3.042  1.00 16.99 ? 128 ALA A O   1 
ATOM   1054 C  CB  . ALA A 1 128 ? 2.860   -21.102 0.209   1.00 18.10 ? 128 ALA A CB  1 
ATOM   1055 N  N   . TYR A 1 129 ? 1.599   -20.425 -2.544  1.00 15.64 ? 129 TYR A N   1 
ATOM   1056 C  CA  . TYR A 1 129 ? 0.935   -20.838 -3.771  1.00 15.14 ? 129 TYR A CA  1 
ATOM   1057 C  C   . TYR A 1 129 ? 1.692   -20.402 -5.023  1.00 16.30 ? 129 TYR A C   1 
ATOM   1058 O  O   . TYR A 1 129 ? 1.965   -21.211 -5.911  1.00 16.29 ? 129 TYR A O   1 
ATOM   1059 C  CB  . TYR A 1 129 ? -0.480  -20.261 -3.827  1.00 14.77 ? 129 TYR A CB  1 
ATOM   1060 C  CG  . TYR A 1 129 ? -1.239  -20.671 -5.066  1.00 13.40 ? 129 TYR A CG  1 
ATOM   1061 C  CD1 . TYR A 1 129 ? -1.930  -21.881 -5.115  1.00 15.02 ? 129 TYR A CD1 1 
ATOM   1062 C  CD2 . TYR A 1 129 ? -1.229  -19.869 -6.206  1.00 13.64 ? 129 TYR A CD2 1 
ATOM   1063 C  CE1 . TYR A 1 129 ? -2.591  -22.281 -6.267  1.00 14.25 ? 129 TYR A CE1 1 
ATOM   1064 C  CE2 . TYR A 1 129 ? -1.886  -20.263 -7.367  1.00 13.29 ? 129 TYR A CE2 1 
ATOM   1065 C  CZ  . TYR A 1 129 ? -2.563  -21.468 -7.391  1.00 13.93 ? 129 TYR A CZ  1 
ATOM   1066 O  OH  . TYR A 1 129 ? -3.201  -21.862 -8.542  1.00 15.41 ? 129 TYR A OH  1 
ATOM   1067 N  N   . LEU A 1 130 ? 2.019   -19.116 -5.097  1.00 16.32 ? 130 LEU A N   1 
ATOM   1068 C  CA  . LEU A 1 130 ? 2.719   -18.580 -6.256  1.00 16.28 ? 130 LEU A CA  1 
ATOM   1069 C  C   . LEU A 1 130 ? 4.139   -19.106 -6.425  1.00 18.53 ? 130 LEU A C   1 
ATOM   1070 O  O   . LEU A 1 130 ? 4.583   -19.338 -7.552  1.00 18.03 ? 130 LEU A O   1 
ATOM   1071 C  CB  . LEU A 1 130 ? 2.717   -17.045 -6.202  1.00 14.90 ? 130 LEU A CB  1 
ATOM   1072 C  CG  . LEU A 1 130 ? 1.331   -16.415 -6.381  1.00 16.06 ? 130 LEU A CG  1 
ATOM   1073 C  CD1 . LEU A 1 130 ? 1.434   -14.895 -6.279  1.00 16.26 ? 130 LEU A CD1 1 
ATOM   1074 C  CD2 . LEU A 1 130 ? 0.749   -16.823 -7.734  1.00 15.63 ? 130 LEU A CD2 1 
ATOM   1075 N  N   . ARG A 1 131 ? 4.854   -19.298 -5.320  1.00 18.52 ? 131 ARG A N   1 
ATOM   1076 C  CA  . ARG A 1 131 ? 6.219   -19.817 -5.398  1.00 21.58 ? 131 ARG A CA  1 
ATOM   1077 C  C   . ARG A 1 131 ? 6.215   -21.175 -6.079  1.00 22.90 ? 131 ARG A C   1 
ATOM   1078 O  O   . ARG A 1 131 ? 7.014   -21.434 -6.980  1.00 23.96 ? 131 ARG A O   1 
ATOM   1079 C  CB  . ARG A 1 131 ? 6.835   -19.970 -4.004  1.00 22.87 ? 131 ARG A CB  1 
ATOM   1080 C  CG  . ARG A 1 131 ? 7.393   -18.693 -3.407  1.00 24.99 ? 131 ARG A CG  1 
ATOM   1081 C  CD  . ARG A 1 131 ? 8.094   -18.974 -2.086  1.00 24.52 ? 131 ARG A CD  1 
ATOM   1082 N  NE  . ARG A 1 131 ? 8.588   -17.757 -1.445  1.00 23.86 ? 131 ARG A NE  1 
ATOM   1083 C  CZ  . ARG A 1 131 ? 9.652   -17.070 -1.846  1.00 21.68 ? 131 ARG A CZ  1 
ATOM   1084 N  NH1 . ARG A 1 131 ? 10.359  -17.469 -2.894  1.00 22.65 ? 131 ARG A NH1 1 
ATOM   1085 N  NH2 . ARG A 1 131 ? 10.010  -15.973 -1.192  1.00 20.60 ? 131 ARG A NH2 1 
ATOM   1086 N  N   . GLU A 1 132 ? 5.310   -22.041 -5.637  1.00 23.84 ? 132 GLU A N   1 
ATOM   1087 C  CA  . GLU A 1 132 ? 5.188   -23.380 -6.193  1.00 25.79 ? 132 GLU A CA  1 
ATOM   1088 C  C   . GLU A 1 132 ? 4.945   -23.357 -7.695  1.00 26.12 ? 132 GLU A C   1 
ATOM   1089 O  O   . GLU A 1 132 ? 5.379   -24.256 -8.414  1.00 25.73 ? 132 GLU A O   1 
ATOM   1090 C  CB  . GLU A 1 132 ? 4.048   -24.133 -5.504  1.00 28.23 ? 132 GLU A CB  1 
ATOM   1091 C  CG  . GLU A 1 132 ? 4.343   -24.533 -4.069  1.00 33.26 ? 132 GLU A CG  1 
ATOM   1092 C  CD  . GLU A 1 132 ? 3.163   -25.209 -3.397  1.00 35.48 ? 132 GLU A CD  1 
ATOM   1093 O  OE1 . GLU A 1 132 ? 2.575   -26.127 -4.008  1.00 37.47 ? 132 GLU A OE1 1 
ATOM   1094 O  OE2 . GLU A 1 132 ? 2.829   -24.826 -2.255  1.00 38.57 ? 132 GLU A OE2 1 
ATOM   1095 N  N   . ARG A 1 133 ? 4.256   -22.322 -8.164  1.00 24.96 ? 133 ARG A N   1 
ATOM   1096 C  CA  . ARG A 1 133 ? 3.938   -22.188 -9.580  1.00 25.84 ? 133 ARG A CA  1 
ATOM   1097 C  C   . ARG A 1 133 ? 5.052   -21.536 -10.393 1.00 25.67 ? 133 ARG A C   1 
ATOM   1098 O  O   . ARG A 1 133 ? 4.871   -21.227 -11.570 1.00 26.16 ? 133 ARG A O   1 
ATOM   1099 C  CB  . ARG A 1 133 ? 2.638   -21.393 -9.746  1.00 26.84 ? 133 ARG A CB  1 
ATOM   1100 C  CG  . ARG A 1 133 ? 1.440   -21.995 -9.015  1.00 29.63 ? 133 ARG A CG  1 
ATOM   1101 C  CD  . ARG A 1 133 ? 1.260   -23.455 -9.389  1.00 29.76 ? 133 ARG A CD  1 
ATOM   1102 N  NE  . ARG A 1 133 ? 0.061   -24.063 -8.815  1.00 29.82 ? 133 ARG A NE  1 
ATOM   1103 C  CZ  . ARG A 1 133 ? -0.182  -24.188 -7.513  1.00 27.00 ? 133 ARG A CZ  1 
ATOM   1104 N  NH1 . ARG A 1 133 ? 0.686   -23.740 -6.613  1.00 24.86 ? 133 ARG A NH1 1 
ATOM   1105 N  NH2 . ARG A 1 133 ? -1.291  -24.791 -7.109  1.00 27.18 ? 133 ARG A NH2 1 
ATOM   1106 N  N   . GLY A 1 134 ? 6.202   -21.324 -9.760  1.00 25.01 ? 134 GLY A N   1 
ATOM   1107 C  CA  . GLY A 1 134 ? 7.329   -20.725 -10.452 1.00 25.27 ? 134 GLY A CA  1 
ATOM   1108 C  C   . GLY A 1 134 ? 7.363   -19.209 -10.438 1.00 24.89 ? 134 GLY A C   1 
ATOM   1109 O  O   . GLY A 1 134 ? 8.051   -18.593 -11.253 1.00 25.02 ? 134 GLY A O   1 
ATOM   1110 N  N   . VAL A 1 135 ? 6.628   -18.600 -9.515  1.00 24.34 ? 135 VAL A N   1 
ATOM   1111 C  CA  . VAL A 1 135 ? 6.601   -17.147 -9.420  1.00 23.71 ? 135 VAL A CA  1 
ATOM   1112 C  C   . VAL A 1 135 ? 7.481   -16.682 -8.264  1.00 24.72 ? 135 VAL A C   1 
ATOM   1113 O  O   . VAL A 1 135 ? 7.658   -17.396 -7.277  1.00 23.79 ? 135 VAL A O   1 
ATOM   1114 C  CB  . VAL A 1 135 ? 5.162   -16.625 -9.197  1.00 22.74 ? 135 VAL A CB  1 
ATOM   1115 C  CG1 . VAL A 1 135 ? 5.139   -15.101 -9.249  1.00 20.56 ? 135 VAL A CG1 1 
ATOM   1116 C  CG2 . VAL A 1 135 ? 4.231   -17.203 -10.250 1.00 23.50 ? 135 VAL A CG2 1 
ATOM   1117 N  N   . SER A 1 136 ? 8.045   -15.487 -8.400  1.00 25.85 ? 136 SER A N   1 
ATOM   1118 C  CA  . SER A 1 136 ? 8.894   -14.925 -7.357  1.00 27.37 ? 136 SER A CA  1 
ATOM   1119 C  C   . SER A 1 136 ? 9.123   -13.436 -7.593  1.00 26.59 ? 136 SER A C   1 
ATOM   1120 O  O   . SER A 1 136 ? 9.920   -12.832 -6.845  1.00 25.68 ? 136 SER A O   1 
ATOM   1121 C  CB  . SER A 1 136 ? 10.236  -15.663 -7.312  1.00 30.59 ? 136 SER A CB  1 
ATOM   1122 O  OG  . SER A 1 136 ? 10.849  -15.692 -8.588  1.00 28.66 ? 136 SER A OG  1 
ATOM   1123 O  OXT . SER A 1 136 ? 8.488   -12.890 -8.519  1.00 26.54 ? 136 SER A OXT 1 
HETATM 1124 S  S   . SO4 B 2 .   ? -5.549  13.326  15.988  1.00 21.15 ? 202 SO4 A S   1 
HETATM 1125 O  O1  . SO4 B 2 .   ? -5.116  12.247  17.117  1.00 23.26 ? 202 SO4 A O1  1 
HETATM 1126 O  O2  . SO4 B 2 .   ? -6.802  13.882  16.465  1.00 23.52 ? 202 SO4 A O2  1 
HETATM 1127 O  O3  . SO4 B 2 .   ? -4.609  14.227  15.843  1.00 23.62 ? 202 SO4 A O3  1 
HETATM 1128 O  O4  . SO4 B 2 .   ? -5.808  12.509  14.833  1.00 22.77 ? 202 SO4 A O4  1 
HETATM 1129 FE FE1 . FEA C 3 .   ? -2.741  -7.230  -2.049  1.00 6.88  ? 201 FEA A FE1 1 
HETATM 1130 FE FE2 . FEA C 3 .   ? 0.239   -5.975  -1.766  1.00 6.70  ? 201 FEA A FE2 1 
HETATM 1131 O  O   . FEA C 3 .   ? -1.574  -5.776  -2.011  1.00 8.89  ? 201 FEA A O   1 
HETATM 1132 N  NA  . FEA C 3 .   ? 0.329   -4.276  -0.548  1.00 8.88  ? 201 FEA A NA  1 
HETATM 1133 N  NB  . FEA C 3 .   ? -0.385  -3.378  -0.467  1.00 12.46 ? 201 FEA A NB  1 
HETATM 1134 N  NC  . FEA C 3 .   ? -1.110  -2.469  -0.396  1.00 14.90 ? 201 FEA A NC  1 
HETATM 1135 O  O   . HOH D 4 .   ? 6.317   -7.982  1.084   1.00 9.53  ? 203 HOH A O   1 
HETATM 1136 O  O   . HOH D 4 .   ? 3.458   -10.503 2.703   1.00 15.78 ? 204 HOH A O   1 
HETATM 1137 O  O   . HOH D 4 .   ? -4.267  12.101  -11.440 1.00 20.43 ? 205 HOH A O   1 
HETATM 1138 O  O   . HOH D 4 .   ? -3.306  10.985  -9.211  1.00 13.04 ? 206 HOH A O   1 
HETATM 1139 O  O   . HOH D 4 .   ? -5.767  -4.354  5.752   1.00 9.77  ? 207 HOH A O   1 
HETATM 1140 O  O   . HOH D 4 .   ? -0.846  0.399   12.505  1.00 17.41 ? 208 HOH A O   1 
HETATM 1141 O  O   . HOH D 4 .   ? -6.589  -6.211  3.889   1.00 12.94 ? 209 HOH A O   1 
HETATM 1142 O  O   . HOH D 4 .   ? -10.090 -3.173  1.853   1.00 13.07 ? 210 HOH A O   1 
HETATM 1143 O  O   . HOH D 4 .   ? -13.231 -9.648  0.063   1.00 19.87 ? 211 HOH A O   1 
HETATM 1144 O  O   . HOH D 4 .   ? 3.924   6.800   -7.941  1.00 9.50  ? 212 HOH A O   1 
HETATM 1145 O  O   . HOH D 4 .   ? -4.191  6.548   -9.688  1.00 10.49 ? 213 HOH A O   1 
HETATM 1146 O  O   . HOH D 4 .   ? -2.787  2.510   12.629  1.00 20.98 ? 214 HOH A O   1 
HETATM 1147 O  O   . HOH D 4 .   ? -5.773  -23.061 -8.966  1.00 16.11 ? 215 HOH A O   1 
HETATM 1148 O  O   . HOH D 4 .   ? 1.734   -18.319 1.668   1.00 18.73 ? 216 HOH A O   1 
HETATM 1149 O  O   . HOH D 4 .   ? 7.963   -0.620  -8.724  1.00 15.33 ? 217 HOH A O   1 
HETATM 1150 O  O   . HOH D 4 .   ? 5.907   -18.948 -15.288 1.00 16.36 ? 218 HOH A O   1 
HETATM 1151 O  O   . HOH D 4 .   ? -10.089 17.767  5.243   1.00 16.98 ? 219 HOH A O   1 
HETATM 1152 O  O   . HOH D 4 .   ? -2.963  14.140  -2.948  1.00 13.44 ? 220 HOH A O   1 
HETATM 1153 O  O   . HOH D 4 .   ? -8.574  11.706  -8.154  1.00 16.35 ? 221 HOH A O   1 
HETATM 1154 O  O   . HOH D 4 .   ? 12.451  -7.761  11.631  1.00 20.16 ? 222 HOH A O   1 
HETATM 1155 O  O   . HOH D 4 .   ? -4.971  -18.258 0.112   1.00 20.43 ? 223 HOH A O   1 
HETATM 1156 O  O   . HOH D 4 .   ? 11.164  3.836   -2.793  1.00 17.55 ? 224 HOH A O   1 
HETATM 1157 O  O   . HOH D 4 .   ? -14.245 7.026   -2.538  1.00 17.37 ? 225 HOH A O   1 
HETATM 1158 O  O   . HOH D 4 .   ? -10.382 11.699  -4.802  1.00 14.38 ? 226 HOH A O   1 
HETATM 1159 O  O   . HOH D 4 .   ? 12.554  16.524  12.704  1.00 30.13 ? 227 HOH A O   1 
HETATM 1160 O  O   . HOH D 4 .   ? -1.301  -12.330 -18.491 1.00 23.07 ? 228 HOH A O   1 
HETATM 1161 O  O   . HOH D 4 .   ? -4.796  15.743  -1.937  1.00 11.51 ? 229 HOH A O   1 
HETATM 1162 O  O   . HOH D 4 .   ? 2.934   4.811   -9.759  1.00 14.67 ? 230 HOH A O   1 
HETATM 1163 O  O   . HOH D 4 .   ? -4.857  -13.479 -0.440  1.00 11.88 ? 231 HOH A O   1 
HETATM 1164 O  O   . HOH D 4 .   ? 11.236  4.023   4.133   1.00 19.23 ? 232 HOH A O   1 
HETATM 1165 O  O   . HOH D 4 .   ? -8.475  11.538  7.166   1.00 16.12 ? 233 HOH A O   1 
HETATM 1166 O  O   . HOH D 4 .   ? -12.473 1.093   -6.258  1.00 16.72 ? 234 HOH A O   1 
HETATM 1167 O  O   . HOH D 4 .   ? -3.016  16.512  -5.850  1.00 19.25 ? 235 HOH A O   1 
HETATM 1168 O  O   . HOH D 4 .   ? -2.076  4.521   -11.085 1.00 19.69 ? 236 HOH A O   1 
HETATM 1169 O  O   . HOH D 4 .   ? 9.584   -0.292  14.103  1.00 20.74 ? 237 HOH A O   1 
HETATM 1170 O  O   . HOH D 4 .   ? 4.343   2.806   12.447  1.00 14.05 ? 238 HOH A O   1 
HETATM 1171 O  O   . HOH D 4 .   ? 4.225   2.840   -11.129 1.00 22.21 ? 239 HOH A O   1 
HETATM 1172 O  O   . HOH D 4 .   ? -15.264 -10.722 -3.521  1.00 22.27 ? 240 HOH A O   1 
HETATM 1173 O  O   . HOH D 4 .   ? -0.943  21.574  -2.815  1.00 23.75 ? 241 HOH A O   1 
HETATM 1174 O  O   . HOH D 4 .   ? 12.003  -8.452  2.383   1.00 19.90 ? 242 HOH A O   1 
HETATM 1175 O  O   . HOH D 4 .   ? 10.348  -14.057 1.633   1.00 23.38 ? 243 HOH A O   1 
HETATM 1176 O  O   . HOH D 4 .   ? -6.760  -6.657  -12.334 1.00 28.19 ? 244 HOH A O   1 
HETATM 1177 O  O   . HOH D 4 .   ? 11.340  15.496  14.886  1.00 27.13 ? 245 HOH A O   1 
HETATM 1178 O  O   . HOH D 4 .   ? 12.022  0.544   -1.869  1.00 24.58 ? 246 HOH A O   1 
HETATM 1179 O  O   . HOH D 4 .   ? 8.242   -14.863 3.239   1.00 36.65 ? 247 HOH A O   1 
HETATM 1180 O  O   . HOH D 4 .   ? 10.004  12.822  -2.117  1.00 29.05 ? 248 HOH A O   1 
HETATM 1181 O  O   . HOH D 4 .   ? -4.210  -1.412  -11.771 1.00 24.36 ? 249 HOH A O   1 
HETATM 1182 O  O   . HOH D 4 .   ? -14.225 9.723   -2.979  1.00 24.26 ? 250 HOH A O   1 
HETATM 1183 O  O   . HOH D 4 .   ? -11.614 18.375  -1.177  1.00 21.97 ? 251 HOH A O   1 
HETATM 1184 O  O   . HOH D 4 .   ? -7.533  1.761   7.615   1.00 20.84 ? 252 HOH A O   1 
HETATM 1185 O  O   . HOH D 4 .   ? -2.251  -6.560  11.161  1.00 46.64 ? 253 HOH A O   1 
HETATM 1186 O  O   . HOH D 4 .   ? 4.300   -11.743 12.298  1.00 17.39 ? 254 HOH A O   1 
HETATM 1187 O  O   . HOH D 4 .   ? -10.730 14.221  -5.637  1.00 26.93 ? 255 HOH A O   1 
HETATM 1188 O  O   . HOH D 4 .   ? -7.668  -3.357  7.545   1.00 22.82 ? 256 HOH A O   1 
HETATM 1189 O  O   . HOH D 4 .   ? -4.541  25.287  1.016   1.00 37.90 ? 257 HOH A O   1 
HETATM 1190 O  O   . HOH D 4 .   ? -7.018  -11.288 -10.760 1.00 17.51 ? 258 HOH A O   1 
HETATM 1191 O  O   . HOH D 4 .   ? -3.193  15.002  13.485  1.00 22.23 ? 259 HOH A O   1 
HETATM 1192 O  O   . HOH D 4 .   ? -3.658  13.782  -5.599  1.00 15.08 ? 260 HOH A O   1 
HETATM 1193 O  O   . HOH D 4 .   ? 11.193  1.474   6.093   1.00 18.56 ? 261 HOH A O   1 
HETATM 1194 O  O   . HOH D 4 .   ? -11.261 -16.537 -6.494  1.00 19.05 ? 262 HOH A O   1 
HETATM 1195 O  O   . HOH D 4 .   ? 1.991   23.588  4.525   1.00 21.70 ? 263 HOH A O   1 
HETATM 1196 O  O   . HOH D 4 .   ? 11.173  7.021   2.082   1.00 29.12 ? 264 HOH A O   1 
HETATM 1197 O  O   . HOH D 4 .   ? -9.560  13.818  8.640   1.00 23.73 ? 265 HOH A O   1 
HETATM 1198 O  O   . HOH D 4 .   ? -10.247 0.628   3.081   1.00 25.77 ? 266 HOH A O   1 
HETATM 1199 O  O   . HOH D 4 .   ? 0.709   19.616  -3.966  1.00 23.02 ? 267 HOH A O   1 
HETATM 1200 O  O   . HOH D 4 .   ? 5.883   -22.877 -2.021  1.00 28.47 ? 268 HOH A O   1 
HETATM 1201 O  O   . HOH D 4 .   ? -7.334  7.536   9.779   1.00 24.34 ? 269 HOH A O   1 
HETATM 1202 O  O   . HOH D 4 .   ? -14.194 1.278   0.769   1.00 20.98 ? 270 HOH A O   1 
HETATM 1203 O  O   . HOH D 4 .   ? -15.157 0.787   -5.751  1.00 33.14 ? 271 HOH A O   1 
HETATM 1204 O  O   . HOH D 4 .   ? -0.308  17.302  -5.366  1.00 20.70 ? 272 HOH A O   1 
HETATM 1205 O  O   . HOH D 4 .   ? 0.698   -2.203  -12.621 1.00 28.48 ? 273 HOH A O   1 
HETATM 1206 O  O   . HOH D 4 .   ? -8.462  -13.540 -11.452 1.00 20.42 ? 274 HOH A O   1 
HETATM 1207 O  O   . HOH D 4 .   ? 6.392   -0.469  -10.747 1.00 27.51 ? 275 HOH A O   1 
HETATM 1208 O  O   . HOH D 4 .   ? 6.923   2.713   -10.538 1.00 19.72 ? 276 HOH A O   1 
HETATM 1209 O  O   . HOH D 4 .   ? 2.866   8.937   -9.564  1.00 15.56 ? 277 HOH A O   1 
HETATM 1210 O  O   . HOH D 4 .   ? -9.201  15.948  -4.306  1.00 24.06 ? 278 HOH A O   1 
HETATM 1211 O  O   . HOH D 4 .   ? -7.496  23.507  0.213   1.00 32.78 ? 279 HOH A O   1 
HETATM 1212 O  O   . HOH D 4 .   ? -6.754  20.452  10.369  1.00 31.57 ? 280 HOH A O   1 
HETATM 1213 O  O   . HOH D 4 .   ? 6.054   -13.735 12.738  1.00 20.78 ? 281 HOH A O   1 
HETATM 1214 O  O   . HOH D 4 .   ? -3.806  23.452  12.057  1.00 31.23 ? 282 HOH A O   1 
HETATM 1215 O  O   . HOH D 4 .   ? 9.012   8.727   7.990   1.00 27.70 ? 283 HOH A O   1 
HETATM 1216 O  O   . HOH D 4 .   ? 1.990   -9.013  -12.703 1.00 20.66 ? 284 HOH A O   1 
HETATM 1217 O  O   . HOH D 4 .   ? -11.819 -15.624 -3.403  1.00 18.66 ? 285 HOH A O   1 
HETATM 1218 O  O   . HOH D 4 .   ? 13.710  -10.135 3.487   1.00 30.86 ? 286 HOH A O   1 
HETATM 1219 O  O   . HOH D 4 .   ? -7.487  21.098  7.766   1.00 29.09 ? 287 HOH A O   1 
HETATM 1220 O  O   . HOH D 4 .   ? 3.250   11.480  -8.965  1.00 26.10 ? 288 HOH A O   1 
HETATM 1221 O  O   . HOH D 4 .   ? 4.662   -3.016  -11.738 1.00 25.29 ? 289 HOH A O   1 
HETATM 1222 O  O   . HOH D 4 .   ? -0.142  -19.773 -0.396  1.00 19.29 ? 290 HOH A O   1 
HETATM 1223 O  O   . HOH D 4 .   ? -7.268  -12.757 0.521   1.00 27.12 ? 291 HOH A O   1 
HETATM 1224 O  O   . HOH D 4 .   ? -7.698  -9.344  -12.529 1.00 28.22 ? 292 HOH A O   1 
HETATM 1225 O  O   . HOH D 4 .   ? 8.578   4.678   -3.457  1.00 18.43 ? 293 HOH A O   1 
HETATM 1226 O  O   . HOH D 4 .   ? -7.066  23.685  7.704   1.00 46.91 ? 294 HOH A O   1 
HETATM 1227 O  O   . HOH D 4 .   ? 9.361   18.739  1.903   1.00 18.24 ? 295 HOH A O   1 
HETATM 1228 O  O   . HOH D 4 .   ? -4.367  23.804  3.937   1.00 40.57 ? 296 HOH A O   1 
HETATM 1229 O  O   . HOH D 4 .   ? -7.663  -3.090  -7.612  1.00 28.04 ? 297 HOH A O   1 
HETATM 1230 O  O   . HOH D 4 .   ? -1.971  -9.822  -17.833 1.00 33.85 ? 298 HOH A O   1 
HETATM 1231 O  O   . HOH D 4 .   ? -1.237  16.639  14.093  1.00 33.86 ? 299 HOH A O   1 
HETATM 1232 O  O   . HOH D 4 .   ? -4.134  -24.347 -10.809 1.00 22.34 ? 300 HOH A O   1 
HETATM 1233 O  O   . HOH D 4 .   ? -10.724 15.930  7.058   1.00 22.35 ? 301 HOH A O   1 
HETATM 1234 O  O   . HOH D 4 .   ? -6.977  16.871  -5.658  1.00 27.81 ? 302 HOH A O   1 
HETATM 1235 O  O   . HOH D 4 .   ? 3.136   23.784  1.551   1.00 23.75 ? 303 HOH A O   1 
HETATM 1236 O  O   . HOH D 4 .   ? -4.872  17.599  -3.946  1.00 19.84 ? 304 HOH A O   1 
HETATM 1237 O  O   . HOH D 4 .   ? 3.615   4.388   -13.615 1.00 23.08 ? 305 HOH A O   1 
HETATM 1238 O  O   . HOH D 4 .   ? 8.657   14.053  1.982   1.00 20.23 ? 306 HOH A O   1 
HETATM 1239 O  O   . HOH D 4 .   ? 2.098   5.943   -12.071 1.00 19.11 ? 307 HOH A O   1 
HETATM 1240 O  O   . HOH D 4 .   ? 9.276   16.350  3.134   1.00 22.42 ? 308 HOH A O   1 
HETATM 1241 O  O   . HOH D 4 .   ? 9.137   -19.647 -7.548  1.00 24.01 ? 309 HOH A O   1 
HETATM 1242 O  O   . HOH D 4 .   ? -12.837 -4.835  -13.643 1.00 25.79 ? 310 HOH A O   1 
HETATM 1243 O  O   . HOH D 4 .   ? -17.705 1.321   -5.462  1.00 27.07 ? 311 HOH A O   1 
HETATM 1244 O  O   . HOH D 4 .   ? -13.628 12.807  1.314   1.00 24.03 ? 312 HOH A O   1 
HETATM 1245 O  O   . HOH D 4 .   ? 10.087  -16.603 -11.114 1.00 24.66 ? 313 HOH A O   1 
HETATM 1246 O  O   . HOH D 4 .   ? -11.425 -1.613  3.538   1.00 32.39 ? 314 HOH A O   1 
HETATM 1247 O  O   . HOH D 4 .   ? -9.964  20.192  6.652   1.00 25.51 ? 315 HOH A O   1 
HETATM 1248 O  O   . HOH D 4 .   ? 2.828   18.125  11.571  1.00 19.36 ? 316 HOH A O   1 
HETATM 1249 O  O   . HOH D 4 .   ? 7.859   -17.737 -13.782 1.00 25.02 ? 317 HOH A O   1 
HETATM 1250 O  O   . HOH D 4 .   ? -5.452  -24.668 -6.718  1.00 27.73 ? 318 HOH A O   1 
HETATM 1251 O  O   . HOH D 4 .   ? -0.633  12.118  -10.958 1.00 23.63 ? 319 HOH A O   1 
HETATM 1252 O  O   . HOH D 4 .   ? 12.057  -16.180 1.552   1.00 27.22 ? 320 HOH A O   1 
HETATM 1253 O  O   . HOH D 4 .   ? -9.449  14.107  -8.103  1.00 29.46 ? 321 HOH A O   1 
HETATM 1254 O  O   . HOH D 4 .   ? 13.101  1.701   -3.822  1.00 33.16 ? 322 HOH A O   1 
HETATM 1255 O  O   . HOH D 4 .   ? -13.614 -6.959  1.156   1.00 29.06 ? 323 HOH A O   1 
HETATM 1256 O  O   . HOH D 4 .   ? 1.856   -11.837 13.570  1.00 28.10 ? 324 HOH A O   1 
HETATM 1257 O  O   . HOH D 4 .   ? -3.446  -11.167 -16.163 1.00 35.46 ? 325 HOH A O   1 
HETATM 1258 O  O   . HOH D 4 .   ? -9.535  -14.177 0.848   1.00 34.56 ? 326 HOH A O   1 
HETATM 1259 O  O   . HOH D 4 .   ? 5.118   -21.254 -14.263 1.00 28.24 ? 327 HOH A O   1 
HETATM 1260 O  O   . HOH D 4 .   ? -10.976 17.864  -3.815  1.00 30.11 ? 328 HOH A O   1 
HETATM 1261 O  O   . HOH D 4 .   ? 13.222  0.001   7.248   1.00 30.56 ? 329 HOH A O   1 
HETATM 1262 O  O   . HOH D 4 .   ? -1.959  -1.322  -14.112 1.00 26.65 ? 330 HOH A O   1 
HETATM 1263 O  O   . HOH D 4 .   ? -4.337  13.186  -14.231 1.00 31.83 ? 331 HOH A O   1 
HETATM 1264 O  O   . HOH D 4 .   ? -17.577 -8.335  1.220   1.00 33.24 ? 332 HOH A O   1 
HETATM 1265 O  O   . HOH D 4 .   ? -3.813  3.284   15.055  1.00 22.93 ? 333 HOH A O   1 
HETATM 1266 O  O   . HOH D 4 .   ? -14.640 -15.707 -3.134  1.00 37.20 ? 334 HOH A O   1 
HETATM 1267 O  O   . HOH D 4 .   ? -10.930 7.571   7.520   1.00 38.19 ? 335 HOH A O   1 
HETATM 1268 O  O   . HOH D 4 .   ? -7.814  -0.869  8.542   1.00 29.11 ? 336 HOH A O   1 
HETATM 1269 O  O   . HOH D 4 .   ? 0.341   18.114  12.505  1.00 25.27 ? 337 HOH A O   1 
HETATM 1270 O  O   . HOH D 4 .   ? -12.691 17.454  3.958   1.00 31.80 ? 338 HOH A O   1 
HETATM 1271 O  O   . HOH D 4 .   ? 3.036   13.389  -7.122  1.00 36.50 ? 339 HOH A O   1 
HETATM 1272 O  O   . HOH D 4 .   ? 14.909  -8.530  11.849  1.00 36.96 ? 340 HOH A O   1 
HETATM 1273 O  O   . HOH D 4 .   ? -3.571  25.057  8.603   1.00 37.62 ? 341 HOH A O   1 
HETATM 1274 O  O   . HOH D 4 .   ? -9.561  -13.685 -13.891 1.00 28.28 ? 342 HOH A O   1 
HETATM 1275 O  O   . HOH D 4 .   ? 14.553  14.715  11.954  1.00 33.64 ? 343 HOH A O   1 
HETATM 1276 O  O   . HOH D 4 .   ? 4.096   -18.823 3.133   1.00 33.66 ? 344 HOH A O   1 
HETATM 1277 O  O   . HOH D 4 .   ? -9.188  -6.646  4.470   1.00 31.98 ? 345 HOH A O   1 
HETATM 1278 O  O   . HOH D 4 .   ? -15.122 -1.054  2.528   1.00 26.69 ? 346 HOH A O   1 
HETATM 1279 O  O   . HOH D 4 .   ? -5.714  -20.270 -1.749  1.00 32.92 ? 347 HOH A O   1 
HETATM 1280 O  O   . HOH D 4 .   ? -9.086  9.220   8.617   1.00 34.91 ? 348 HOH A O   1 
HETATM 1281 O  O   . HOH D 4 .   ? -3.131  -19.713 1.967   1.00 33.89 ? 349 HOH A O   1 
HETATM 1282 O  O   . HOH D 4 .   ? 9.500   12.917  14.646  1.00 43.92 ? 350 HOH A O   1 
HETATM 1283 O  O   . HOH D 4 .   ? 14.786  -1.417  5.090   1.00 40.73 ? 351 HOH A O   1 
HETATM 1284 O  O   . HOH D 4 .   ? -1.185  -11.171 10.882  1.00 28.66 ? 352 HOH A O   1 
HETATM 1285 O  O   . HOH D 4 .   ? 2.372   21.456  -5.370  1.00 38.20 ? 353 HOH A O   1 
HETATM 1286 O  O   . HOH D 4 .   ? 10.315  0.127   -7.456  1.00 34.74 ? 354 HOH A O   1 
HETATM 1287 O  O   . HOH D 4 .   ? -15.402 -13.138 -2.389  1.00 32.38 ? 355 HOH A O   1 
HETATM 1288 O  O   . HOH D 4 .   ? -15.226 11.438  -0.598  1.00 32.03 ? 356 HOH A O   1 
HETATM 1289 O  O   . HOH D 4 .   ? -9.545  -4.733  6.348   1.00 39.03 ? 357 HOH A O   1 
HETATM 1290 O  O   . HOH D 4 .   ? 10.482  0.494   3.854   1.00 38.18 ? 358 HOH A O   1 
HETATM 1291 O  O   . HOH D 4 .   ? -2.316  24.383  2.045   1.00 40.76 ? 359 HOH A O   1 
HETATM 1292 O  O   . HOH D 4 .   ? -11.182 7.049   3.557   1.00 27.96 ? 360 HOH A O   1 
HETATM 1293 O  O   . HOH D 4 .   ? -7.154  15.786  11.503  1.00 32.44 ? 361 HOH A O   1 
HETATM 1294 O  O   . HOH D 4 .   ? -6.766  14.859  -7.584  1.00 36.17 ? 362 HOH A O   1 
HETATM 1295 O  O   . HOH D 4 .   ? -1.721  -14.835 6.278   1.00 31.00 ? 363 HOH A O   1 
HETATM 1296 O  O   . HOH D 4 .   ? 3.563   26.928  -0.402  1.00 44.54 ? 364 HOH A O   1 
HETATM 1297 O  O   . HOH D 4 .   ? -11.880 -5.165  2.751   1.00 24.98 ? 365 HOH A O   1 
HETATM 1298 O  O   . HOH D 4 .   ? 12.755  -12.836 2.715   1.00 28.27 ? 366 HOH A O   1 
HETATM 1299 O  O   . HOH D 4 .   ? 5.062   -15.958 11.418  1.00 30.76 ? 367 HOH A O   1 
HETATM 1300 O  O   . HOH D 4 .   ? 0.211   -24.760 -3.869  1.00 35.44 ? 368 HOH A O   1 
HETATM 1301 O  O   . HOH D 4 .   ? -13.416 15.543  7.327   1.00 41.45 ? 369 HOH A O   1 
HETATM 1302 O  O   . HOH D 4 .   ? 8.200   -0.201  16.499  1.00 25.93 ? 370 HOH A O   1 
HETATM 1303 O  O   . HOH D 4 .   ? 0.382   25.887  -2.975  1.00 35.74 ? 371 HOH A O   1 
HETATM 1304 O  O   . HOH D 4 .   ? 1.822   3.437   -15.579 1.00 35.95 ? 372 HOH A O   1 
HETATM 1305 O  O   . HOH D 4 .   ? -6.511  -3.240  -11.007 1.00 43.67 ? 373 HOH A O   1 
HETATM 1306 O  O   . HOH D 4 .   ? 7.636   -13.264 6.033   1.00 43.92 ? 374 HOH A O   1 
HETATM 1307 O  O   . HOH D 4 .   ? -8.264  -20.845 -0.826  1.00 35.83 ? 375 HOH A O   1 
HETATM 1308 O  O   . HOH D 4 .   ? 3.476   -10.752 -14.096 1.00 37.08 ? 376 HOH A O   1 
HETATM 1309 O  O   . HOH D 4 .   ? -1.257  17.752  16.611  1.00 31.89 ? 377 HOH A O   1 
HETATM 1310 O  O   . HOH D 4 .   ? -3.459  16.990  -8.423  1.00 35.98 ? 378 HOH A O   1 
HETATM 1311 O  O   . HOH D 4 .   ? -6.764  -3.489  10.184  1.00 31.85 ? 379 HOH A O   1 
HETATM 1312 O  O   . HOH D 4 .   ? -8.020  -5.098  -14.126 1.00 36.03 ? 380 HOH A O   1 
HETATM 1313 O  O   . HOH D 4 .   ? 16.242  -11.078 3.690   1.00 47.94 ? 381 HOH A O   1 
HETATM 1314 O  O   . HOH D 4 .   ? -7.147  22.402  12.287  1.00 37.80 ? 382 HOH A O   1 
HETATM 1315 O  O   . HOH D 4 .   ? -8.192  -0.932  12.559  1.00 42.56 ? 383 HOH A O   1 
HETATM 1316 O  O   . HOH D 4 .   ? -9.630  10.171  13.428  1.00 40.49 ? 384 HOH A O   1 
HETATM 1317 O  O   . HOH D 4 .   ? 5.881   21.038  -3.298  1.00 39.44 ? 385 HOH A O   1 
HETATM 1318 O  O   . HOH D 4 .   ? 1.179   16.714  -7.592  1.00 36.07 ? 386 HOH A O   1 
HETATM 1319 O  O   . HOH D 4 .   ? -5.778  21.579  -2.444  1.00 28.20 ? 387 HOH A O   1 
HETATM 1320 O  O   . HOH D 4 .   ? -2.139  14.734  -9.757  1.00 37.44 ? 388 HOH A O   1 
HETATM 1321 O  O   . HOH D 4 .   ? -11.320 12.213  9.673   1.00 37.72 ? 389 HOH A O   1 
HETATM 1322 O  O   . HOH D 4 .   ? 0.287   -20.329 2.861   1.00 35.93 ? 390 HOH A O   1 
HETATM 1323 O  O   . HOH D 4 .   ? -5.894  -1.552  -9.032  1.00 35.58 ? 391 HOH A O   1 
HETATM 1324 O  O   . HOH D 4 .   ? -11.372 -20.456 -6.017  1.00 33.26 ? 392 HOH A O   1 
HETATM 1325 O  O   . HOH D 4 .   ? -6.852  1.794   12.252  1.00 40.52 ? 393 HOH A O   1 
HETATM 1326 O  O   . HOH D 4 .   ? -4.252  -6.830  -13.209 1.00 29.74 ? 394 HOH A O   1 
HETATM 1327 O  O   . HOH D 4 .   ? -14.542 -16.517 -8.106  1.00 45.21 ? 395 HOH A O   1 
HETATM 1328 O  O   . HOH D 4 .   ? -10.374 20.873  -1.912  1.00 33.49 ? 396 HOH A O   1 
HETATM 1329 O  O   . HOH D 4 .   ? 11.058  18.316  -0.176  1.00 38.25 ? 397 HOH A O   1 
HETATM 1330 O  O   . HOH D 4 .   ? -12.349 10.044  7.707   1.00 41.64 ? 398 HOH A O   1 
HETATM 1331 O  O   . HOH D 4 .   ? 6.896   -21.855 0.258   1.00 36.36 ? 399 HOH A O   1 
# 
